data_8H4J
#
_entry.id   8H4J
#
_cell.length_a   143.040
_cell.length_b   160.110
_cell.length_c   335.620
_cell.angle_alpha   90.000
_cell.angle_beta   90.000
_cell.angle_gamma   90.000
#
_symmetry.space_group_name_H-M   'F 2 2 2'
#
loop_
_entity.id
_entity.type
_entity.pdbx_description
1 polymer 'FMN dependent NADH:quinone oxidoreductase'
2 non-polymer 'FLAVIN MONONUCLEOTIDE'
3 non-polymer ~{N}-(3-methylsulfanylphenyl)-4~{H}-cyclopenta[b]quinolin-9-amine
4 water water
#
_entity_poly.entity_id   1
_entity_poly.type   'polypeptide(L)'
_entity_poly.pdbx_seq_one_letter_code
;MHHHHHHSSGANVLVLKSSINGETSLTNQLINEFLAARQAAGHGDRLTEHDLSAMALPTLDRPLFAALRGAVDPQPAIRE
AVALSDQLIAELKASDLLVIGAPMYNLNVPTDLKKWFDLVARARETFRYTESWPQGLVEGVRAVVVSSRGGIHQGETTDA
VTPYLRAVLGLMGIQEVEFIYAEGLDNRPHGRDAGIASARAQIARLAVQA
;
_entity_poly.pdbx_strand_id   A,B,C,D,E,F,G,H
#
# COMPACT_ATOMS: atom_id res chain seq x y z
N GLY A 10 10.28 -5.98 -8.16
CA GLY A 10 9.83 -4.90 -9.12
C GLY A 10 9.16 -3.74 -8.36
N ALA A 11 8.57 -2.76 -9.03
CA ALA A 11 7.78 -1.72 -8.34
C ALA A 11 6.30 -1.80 -8.70
N ASN A 12 5.43 -1.45 -7.75
N ASN A 12 5.46 -1.44 -7.66
CA ASN A 12 3.98 -1.22 -8.03
CA ASN A 12 4.01 -1.21 -7.93
C ASN A 12 3.82 0.21 -8.52
C ASN A 12 3.85 0.22 -8.43
N VAL A 13 3.52 0.37 -9.79
CA VAL A 13 3.50 1.70 -10.45
C VAL A 13 2.04 1.99 -10.80
N LEU A 14 1.54 3.11 -10.31
CA LEU A 14 0.19 3.59 -10.65
C LEU A 14 0.37 4.68 -11.70
N VAL A 15 -0.28 4.53 -12.85
CA VAL A 15 -0.11 5.43 -14.02
C VAL A 15 -1.44 6.13 -14.31
N LEU A 16 -1.43 7.46 -14.28
CA LEU A 16 -2.62 8.28 -14.53
C LEU A 16 -2.42 9.09 -15.80
N LYS A 17 -3.28 8.90 -16.78
CA LYS A 17 -3.25 9.60 -18.07
C LYS A 17 -4.49 10.51 -18.11
N SER A 18 -4.30 11.80 -18.34
CA SER A 18 -5.43 12.77 -18.25
C SER A 18 -5.63 13.56 -19.54
N SER A 19 -4.72 13.46 -20.50
CA SER A 19 -4.82 14.17 -21.81
C SER A 19 -6.13 13.81 -22.55
N ILE A 20 -6.69 14.76 -23.31
CA ILE A 20 -7.89 14.56 -24.15
C ILE A 20 -7.47 14.16 -25.57
N ASN A 21 -6.16 13.96 -25.83
CA ASN A 21 -5.67 13.72 -27.20
C ASN A 21 -5.39 12.23 -27.44
N GLY A 22 -5.86 11.35 -26.54
CA GLY A 22 -5.84 9.88 -26.66
C GLY A 22 -4.46 9.35 -27.00
N GLU A 23 -4.38 8.51 -28.03
CA GLU A 23 -3.13 7.81 -28.44
C GLU A 23 -2.21 8.79 -29.20
N THR A 24 -2.65 10.00 -29.51
CA THR A 24 -1.77 11.04 -30.07
C THR A 24 -1.20 11.96 -28.98
N SER A 25 -1.60 11.80 -27.74
CA SER A 25 -1.13 12.63 -26.59
C SER A 25 0.40 12.60 -26.47
N LEU A 26 1.02 13.77 -26.37
CA LEU A 26 2.46 13.81 -26.04
C LEU A 26 2.72 13.35 -24.60
N THR A 27 1.89 13.74 -23.60
CA THR A 27 2.15 13.29 -22.22
C THR A 27 2.01 11.76 -22.12
N ASN A 28 1.06 11.15 -22.81
CA ASN A 28 0.89 9.69 -22.81
C ASN A 28 2.09 9.02 -23.52
N GLN A 29 2.57 9.60 -24.62
CA GLN A 29 3.77 9.09 -25.33
C GLN A 29 4.95 9.13 -24.34
N LEU A 30 5.18 10.27 -23.70
CA LEU A 30 6.37 10.43 -22.84
C LEU A 30 6.24 9.57 -21.57
N ILE A 31 5.03 9.36 -21.05
CA ILE A 31 4.80 8.38 -19.96
C ILE A 31 5.25 7.01 -20.48
N ASN A 32 4.75 6.58 -21.65
CA ASN A 32 5.11 5.24 -22.19
C ASN A 32 6.64 5.14 -22.35
N GLU A 33 7.28 6.18 -22.82
CA GLU A 33 8.76 6.16 -22.98
C GLU A 33 9.41 6.05 -21.61
N PHE A 34 8.92 6.79 -20.61
CA PHE A 34 9.48 6.73 -19.25
C PHE A 34 9.35 5.30 -18.70
N LEU A 35 8.20 4.65 -18.87
CA LEU A 35 8.01 3.24 -18.41
C LEU A 35 8.93 2.27 -19.20
N ALA A 36 9.09 2.46 -20.50
CA ALA A 36 10.02 1.63 -21.31
C ALA A 36 11.46 1.87 -20.82
N ALA A 37 11.80 3.09 -20.44
CA ALA A 37 13.19 3.42 -20.02
C ALA A 37 13.45 2.73 -18.68
N ARG A 38 12.44 2.68 -17.79
CA ARG A 38 12.58 1.99 -16.51
C ARG A 38 12.75 0.48 -16.79
N GLN A 39 11.98 -0.06 -17.72
CA GLN A 39 12.12 -1.51 -18.03
C GLN A 39 13.56 -1.75 -18.52
N ALA A 40 14.08 -0.90 -19.39
CA ALA A 40 15.42 -1.04 -19.99
C ALA A 40 16.49 -0.94 -18.90
N ALA A 41 16.22 -0.21 -17.81
CA ALA A 41 17.13 -0.05 -16.66
C ALA A 41 16.90 -1.17 -15.64
N GLY A 42 16.11 -2.21 -15.96
CA GLY A 42 16.00 -3.45 -15.17
C GLY A 42 14.88 -3.43 -14.15
N HIS A 43 14.02 -2.42 -14.13
CA HIS A 43 12.81 -2.41 -13.26
C HIS A 43 11.74 -3.25 -13.94
N GLY A 44 11.32 -4.33 -13.31
CA GLY A 44 10.18 -5.14 -13.76
C GLY A 44 8.93 -4.66 -13.08
N ASP A 45 8.37 -3.58 -13.61
CA ASP A 45 7.23 -2.86 -12.97
C ASP A 45 5.94 -3.67 -13.12
N ARG A 46 5.09 -3.59 -12.12
CA ARG A 46 3.69 -4.08 -12.13
C ARG A 46 2.75 -2.87 -12.28
N LEU A 47 2.19 -2.68 -13.47
CA LEU A 47 1.48 -1.41 -13.83
C LEU A 47 0.02 -1.52 -13.45
N THR A 48 -0.51 -0.49 -12.80
CA THR A 48 -1.96 -0.21 -12.75
C THR A 48 -2.19 1.09 -13.51
N GLU A 49 -2.91 1.05 -14.65
CA GLU A 49 -2.99 2.23 -15.55
C GLU A 49 -4.46 2.67 -15.66
N HIS A 50 -4.70 3.97 -15.53
CA HIS A 50 -6.03 4.58 -15.71
C HIS A 50 -5.89 5.62 -16.81
N ASP A 51 -6.69 5.51 -17.83
CA ASP A 51 -6.94 6.64 -18.74
C ASP A 51 -8.11 7.43 -18.14
N LEU A 52 -7.80 8.39 -17.27
CA LEU A 52 -8.82 9.19 -16.55
C LEU A 52 -9.76 9.85 -17.54
N SER A 53 -9.28 10.18 -18.75
CA SER A 53 -10.11 10.86 -19.78
C SER A 53 -11.25 9.97 -20.22
N ALA A 54 -11.15 8.65 -20.04
CA ALA A 54 -12.17 7.70 -20.53
C ALA A 54 -13.03 7.20 -19.38
N MET A 55 -12.82 7.68 -18.15
CA MET A 55 -13.41 7.00 -16.96
C MET A 55 -14.66 7.72 -16.50
N ALA A 56 -14.93 8.91 -17.00
CA ALA A 56 -16.13 9.71 -16.61
C ALA A 56 -16.22 9.74 -15.09
N LEU A 57 -15.14 10.17 -14.42
CA LEU A 57 -15.13 10.27 -12.96
C LEU A 57 -16.24 11.21 -12.53
N PRO A 58 -16.86 10.94 -11.39
CA PRO A 58 -17.82 11.88 -10.84
C PRO A 58 -17.11 13.17 -10.40
N THR A 59 -17.79 14.28 -10.57
CA THR A 59 -17.43 15.59 -9.98
C THR A 59 -17.80 15.60 -8.50
N LEU A 60 -16.93 16.17 -7.68
CA LEU A 60 -17.25 16.37 -6.25
C LEU A 60 -18.41 17.36 -6.10
N ASP A 61 -19.50 16.91 -5.48
CA ASP A 61 -20.66 17.79 -5.22
C ASP A 61 -21.05 17.66 -3.75
N ARG A 62 -22.10 18.35 -3.37
CA ARG A 62 -22.50 18.40 -1.95
C ARG A 62 -22.74 17.00 -1.39
N PRO A 63 -23.63 16.17 -1.99
CA PRO A 63 -23.94 14.87 -1.40
C PRO A 63 -22.72 13.92 -1.37
N LEU A 64 -21.86 14.00 -2.39
CA LEU A 64 -20.70 13.09 -2.47
C LEU A 64 -19.71 13.51 -1.37
N PHE A 65 -19.50 14.81 -1.15
CA PHE A 65 -18.63 15.35 -0.10
C PHE A 65 -19.13 14.88 1.28
N ALA A 66 -20.43 14.98 1.52
CA ALA A 66 -21.05 14.52 2.79
C ALA A 66 -20.76 13.02 2.97
N ALA A 67 -20.97 12.21 1.93
CA ALA A 67 -20.81 10.73 1.99
C ALA A 67 -19.33 10.37 2.20
N LEU A 68 -18.38 11.05 1.54
CA LEU A 68 -16.93 10.80 1.72
C LEU A 68 -16.47 11.14 3.15
N ARG A 69 -17.19 12.00 3.88
CA ARG A 69 -16.82 12.40 5.27
C ARG A 69 -17.54 11.49 6.27
N GLY A 70 -18.42 10.61 5.80
CA GLY A 70 -19.00 9.56 6.66
C GLY A 70 -20.51 9.58 6.71
N ALA A 71 -21.16 10.53 6.05
CA ALA A 71 -22.65 10.56 5.99
C ALA A 71 -23.10 9.28 5.31
N VAL A 72 -24.17 8.65 5.80
CA VAL A 72 -24.78 7.47 5.12
C VAL A 72 -25.72 8.01 4.06
N ASP A 73 -25.41 7.83 2.77
CA ASP A 73 -26.23 8.31 1.62
C ASP A 73 -26.74 7.06 0.91
N PRO A 74 -28.04 6.76 1.04
CA PRO A 74 -28.61 5.60 0.37
C PRO A 74 -28.46 5.67 -1.16
N GLN A 75 -28.40 6.88 -1.76
CA GLN A 75 -28.47 7.09 -3.23
C GLN A 75 -27.42 6.24 -3.94
N PRO A 76 -27.81 5.40 -4.92
CA PRO A 76 -26.92 4.40 -5.48
C PRO A 76 -25.73 4.98 -6.28
N ALA A 77 -25.88 6.12 -6.96
CA ALA A 77 -24.78 6.83 -7.66
C ALA A 77 -23.72 7.28 -6.63
N ILE A 78 -24.16 7.76 -5.46
CA ILE A 78 -23.28 8.27 -4.38
C ILE A 78 -22.56 7.09 -3.72
N ARG A 79 -23.26 5.98 -3.47
CA ARG A 79 -22.66 4.76 -2.88
C ARG A 79 -21.57 4.21 -3.82
N GLU A 80 -21.75 4.21 -5.13
CA GLU A 80 -20.68 3.64 -5.97
C GLU A 80 -19.58 4.68 -6.27
N ALA A 81 -19.84 6.00 -6.25
CA ALA A 81 -18.76 7.03 -6.27
C ALA A 81 -17.91 6.89 -5.00
N VAL A 82 -18.52 6.59 -3.83
CA VAL A 82 -17.73 6.35 -2.59
C VAL A 82 -16.87 5.10 -2.76
N ALA A 83 -17.43 3.99 -3.24
CA ALA A 83 -16.68 2.74 -3.52
C ALA A 83 -15.55 3.03 -4.53
N LEU A 84 -15.78 3.85 -5.55
CA LEU A 84 -14.75 4.23 -6.54
C LEU A 84 -13.62 5.00 -5.83
N SER A 85 -13.96 5.97 -4.98
CA SER A 85 -12.98 6.71 -4.14
C SER A 85 -12.14 5.72 -3.32
N ASP A 86 -12.78 4.79 -2.60
CA ASP A 86 -12.06 3.77 -1.82
C ASP A 86 -11.13 2.96 -2.73
N GLN A 87 -11.54 2.54 -3.91
CA GLN A 87 -10.68 1.74 -4.82
C GLN A 87 -9.43 2.56 -5.24
N LEU A 88 -9.63 3.81 -5.61
CA LEU A 88 -8.55 4.69 -6.15
C LEU A 88 -7.56 4.98 -5.02
N ILE A 89 -8.04 5.19 -3.81
CA ILE A 89 -7.16 5.42 -2.64
C ILE A 89 -6.38 4.14 -2.34
N ALA A 90 -7.02 2.96 -2.36
CA ALA A 90 -6.32 1.68 -2.10
C ALA A 90 -5.20 1.50 -3.14
N GLU A 91 -5.44 1.81 -4.41
CA GLU A 91 -4.40 1.70 -5.49
C GLU A 91 -3.24 2.65 -5.14
N LEU A 92 -3.56 3.89 -4.78
CA LEU A 92 -2.51 4.87 -4.44
C LEU A 92 -1.62 4.34 -3.31
N LYS A 93 -2.23 3.85 -2.24
CA LYS A 93 -1.49 3.42 -1.03
C LYS A 93 -0.71 2.13 -1.31
N ALA A 94 -1.13 1.33 -2.26
CA ALA A 94 -0.42 0.07 -2.63
C ALA A 94 0.78 0.38 -3.55
N SER A 95 0.89 1.58 -4.12
CA SER A 95 1.92 1.86 -5.15
C SER A 95 3.25 2.22 -4.49
N ASP A 96 4.35 2.13 -5.25
CA ASP A 96 5.68 2.64 -4.87
C ASP A 96 5.98 3.90 -5.70
N LEU A 97 5.42 3.99 -6.90
CA LEU A 97 5.71 5.08 -7.82
C LEU A 97 4.41 5.50 -8.47
N LEU A 98 4.11 6.79 -8.43
CA LEU A 98 2.93 7.37 -9.12
C LEU A 98 3.43 8.18 -10.30
N VAL A 99 2.96 7.85 -11.52
CA VAL A 99 3.34 8.52 -12.77
C VAL A 99 2.09 9.26 -13.31
N ILE A 100 2.20 10.57 -13.48
CA ILE A 100 1.04 11.44 -13.73
C ILE A 100 1.23 12.18 -15.03
N GLY A 101 0.28 12.05 -15.95
CA GLY A 101 0.25 12.93 -17.13
C GLY A 101 -0.49 14.20 -16.79
N ALA A 102 0.16 15.36 -16.84
CA ALA A 102 -0.47 16.64 -16.49
C ALA A 102 -0.05 17.71 -17.50
N PRO A 103 -0.50 17.61 -18.76
CA PRO A 103 -0.25 18.69 -19.71
C PRO A 103 -1.00 19.93 -19.20
N MET A 104 -0.50 21.09 -19.55
CA MET A 104 -1.14 22.34 -19.14
C MET A 104 -2.33 22.65 -20.06
N TYR A 105 -3.53 22.63 -19.50
CA TYR A 105 -4.73 23.05 -20.26
C TYR A 105 -5.29 24.30 -19.57
N ASN A 106 -5.25 25.44 -20.26
CA ASN A 106 -5.79 26.72 -19.71
C ASN A 106 -5.15 27.04 -18.35
N LEU A 107 -3.82 26.94 -18.24
CA LEU A 107 -3.05 27.33 -17.01
C LEU A 107 -3.32 26.38 -15.83
N ASN A 108 -3.98 25.26 -16.11
CA ASN A 108 -4.27 24.26 -15.05
C ASN A 108 -4.02 22.86 -15.60
N VAL A 109 -4.23 21.85 -14.77
CA VAL A 109 -4.13 20.45 -15.25
C VAL A 109 -5.44 20.12 -15.95
N PRO A 110 -5.52 19.01 -16.72
CA PRO A 110 -6.80 18.60 -17.30
C PRO A 110 -7.82 18.24 -16.22
N THR A 111 -9.07 18.56 -16.50
CA THR A 111 -10.16 18.40 -15.51
C THR A 111 -10.19 16.94 -14.99
N ASP A 112 -9.89 15.92 -15.81
CA ASP A 112 -10.04 14.52 -15.36
C ASP A 112 -8.96 14.20 -14.33
N LEU A 113 -7.81 14.88 -14.39
CA LEU A 113 -6.77 14.64 -13.34
C LEU A 113 -7.26 15.27 -12.03
N LYS A 114 -7.76 16.49 -12.10
CA LYS A 114 -8.30 17.14 -10.89
C LYS A 114 -9.44 16.34 -10.28
N LYS A 115 -10.25 15.67 -11.08
CA LYS A 115 -11.38 14.86 -10.52
C LYS A 115 -10.79 13.66 -9.76
N TRP A 116 -9.68 13.09 -10.23
CA TRP A 116 -9.01 12.00 -9.49
C TRP A 116 -8.55 12.50 -8.13
N PHE A 117 -7.85 13.65 -8.09
CA PHE A 117 -7.38 14.23 -6.81
C PHE A 117 -8.58 14.48 -5.89
N ASP A 118 -9.70 14.94 -6.40
CA ASP A 118 -10.87 15.26 -5.54
C ASP A 118 -11.43 13.93 -4.97
N LEU A 119 -11.16 12.79 -5.60
CA LEU A 119 -11.67 11.51 -5.03
C LEU A 119 -10.64 10.87 -4.08
N VAL A 120 -9.34 11.17 -4.22
CA VAL A 120 -8.32 10.50 -3.38
C VAL A 120 -7.90 11.38 -2.21
N ALA A 121 -7.99 12.70 -2.32
CA ALA A 121 -7.56 13.63 -1.25
C ALA A 121 -8.72 13.73 -0.26
N ARG A 122 -8.79 12.82 0.69
CA ARG A 122 -9.91 12.65 1.65
C ARG A 122 -9.37 12.60 3.06
N ALA A 123 -9.88 13.44 3.95
CA ALA A 123 -9.42 13.49 5.35
C ALA A 123 -9.61 12.11 5.98
N ARG A 124 -8.62 11.69 6.78
CA ARG A 124 -8.52 10.38 7.47
C ARG A 124 -8.20 9.25 6.52
N GLU A 125 -8.18 9.45 5.20
CA GLU A 125 -7.83 8.38 4.24
C GLU A 125 -6.42 8.62 3.70
N THR A 126 -6.13 9.80 3.19
CA THR A 126 -4.79 10.08 2.59
C THR A 126 -4.10 11.22 3.34
N PHE A 127 -4.81 11.94 4.21
CA PHE A 127 -4.17 12.95 5.05
C PHE A 127 -5.03 13.15 6.28
N ARG A 128 -4.50 13.92 7.22
CA ARG A 128 -5.22 14.48 8.39
C ARG A 128 -4.87 15.95 8.48
N TYR A 129 -5.89 16.79 8.68
CA TYR A 129 -5.68 18.25 8.78
C TYR A 129 -6.09 18.75 10.17
N THR A 130 -6.64 17.89 11.02
CA THR A 130 -7.25 18.32 12.31
C THR A 130 -6.30 18.02 13.47
N GLU A 131 -5.11 17.43 13.22
CA GLU A 131 -4.18 17.09 14.33
C GLU A 131 -3.35 18.33 14.65
N SER A 132 -2.49 18.23 15.66
CA SER A 132 -1.58 19.32 16.12
C SER A 132 -0.56 19.73 15.04
N TRP A 133 -0.24 18.82 14.10
CA TRP A 133 0.67 19.09 12.95
C TRP A 133 0.10 18.43 11.68
N PRO A 134 0.44 18.97 10.50
CA PRO A 134 0.02 18.34 9.23
C PRO A 134 0.55 16.91 9.06
N GLN A 135 -0.30 16.00 8.60
CA GLN A 135 0.02 14.57 8.47
C GLN A 135 -0.46 14.05 7.12
N GLY A 136 0.45 13.54 6.32
CA GLY A 136 0.06 12.72 5.15
C GLY A 136 -0.09 11.26 5.57
N LEU A 137 -0.93 10.48 4.90
CA LEU A 137 -1.12 9.06 5.21
C LEU A 137 -0.63 8.17 4.06
N VAL A 138 -0.12 8.74 2.98
CA VAL A 138 0.47 7.93 1.88
C VAL A 138 1.97 7.89 2.13
N GLU A 139 2.48 6.68 2.32
CA GLU A 139 3.87 6.41 2.76
C GLU A 139 4.58 5.57 1.72
N GLY A 140 5.85 5.90 1.44
CA GLY A 140 6.69 5.08 0.58
C GLY A 140 6.39 5.31 -0.88
N VAL A 141 5.65 6.38 -1.19
CA VAL A 141 5.25 6.67 -2.58
C VAL A 141 5.98 7.93 -3.04
N ARG A 142 6.65 7.84 -4.20
CA ARG A 142 7.26 8.99 -4.89
C ARG A 142 6.53 9.21 -6.22
N ALA A 143 6.63 10.39 -6.80
CA ALA A 143 5.87 10.74 -8.01
C ALA A 143 6.81 11.26 -9.11
N VAL A 144 6.45 10.94 -10.35
CA VAL A 144 7.04 11.50 -11.58
C VAL A 144 5.88 12.10 -12.39
N VAL A 145 5.94 13.39 -12.62
CA VAL A 145 4.90 14.11 -13.38
C VAL A 145 5.48 14.42 -14.76
N VAL A 146 4.72 14.10 -15.79
CA VAL A 146 5.00 14.44 -17.20
C VAL A 146 4.09 15.61 -17.58
N SER A 147 4.66 16.77 -17.84
CA SER A 147 3.89 18.01 -18.07
C SER A 147 4.44 18.72 -19.30
N SER A 148 3.69 18.61 -20.38
CA SER A 148 4.02 19.33 -21.62
C SER A 148 3.16 20.58 -21.68
N ARG A 149 3.68 21.62 -22.36
CA ARG A 149 3.05 22.95 -22.50
C ARG A 149 3.33 23.51 -23.89
N GLY A 150 2.36 24.19 -24.47
CA GLY A 150 2.53 24.84 -25.79
C GLY A 150 3.51 26.00 -25.70
N GLY A 151 3.39 26.80 -24.63
CA GLY A 151 4.26 27.95 -24.38
C GLY A 151 5.36 27.59 -23.41
N ILE A 152 6.02 28.61 -22.86
CA ILE A 152 7.18 28.43 -21.93
C ILE A 152 6.77 29.07 -20.60
N HIS A 153 6.91 28.29 -19.53
CA HIS A 153 6.31 28.54 -18.19
C HIS A 153 7.24 28.08 -17.06
N GLN A 154 8.16 27.14 -17.30
CA GLN A 154 8.96 26.56 -16.19
C GLN A 154 9.65 27.71 -15.42
N GLY A 155 9.43 27.77 -14.10
CA GLY A 155 9.98 28.80 -13.21
C GLY A 155 9.35 30.17 -13.38
N GLU A 156 8.29 30.30 -14.17
CA GLU A 156 7.53 31.58 -14.34
C GLU A 156 6.26 31.56 -13.49
N THR A 157 5.71 32.73 -13.21
CA THR A 157 4.48 32.89 -12.41
C THR A 157 3.28 32.25 -13.14
N THR A 158 3.36 32.02 -14.45
CA THR A 158 2.24 31.41 -15.20
C THR A 158 2.21 29.88 -15.00
N ASP A 159 3.20 29.28 -14.36
CA ASP A 159 3.18 27.83 -14.06
C ASP A 159 2.56 27.64 -12.68
N ALA A 160 1.24 27.50 -12.62
CA ALA A 160 0.51 27.09 -11.38
C ALA A 160 0.42 25.55 -11.29
N VAL A 161 0.59 24.85 -12.40
CA VAL A 161 0.52 23.35 -12.45
C VAL A 161 1.58 22.77 -11.50
N THR A 162 2.82 23.24 -11.58
CA THR A 162 3.93 22.67 -10.80
C THR A 162 3.61 22.83 -9.30
N PRO A 163 3.38 24.05 -8.77
CA PRO A 163 3.15 24.21 -7.32
C PRO A 163 1.86 23.53 -6.86
N TYR A 164 0.84 23.51 -7.72
CA TYR A 164 -0.41 22.77 -7.44
C TYR A 164 -0.11 21.28 -7.19
N LEU A 165 0.61 20.62 -8.11
CA LEU A 165 0.88 19.19 -7.96
C LEU A 165 1.81 18.95 -6.77
N ARG A 166 2.83 19.78 -6.57
CA ARG A 166 3.69 19.60 -5.37
C ARG A 166 2.85 19.69 -4.09
N ALA A 167 1.91 20.65 -4.03
CA ALA A 167 1.12 20.91 -2.80
C ALA A 167 0.09 19.80 -2.57
N VAL A 168 -0.67 19.39 -3.60
CA VAL A 168 -1.68 18.31 -3.39
C VAL A 168 -1.02 16.95 -3.15
N LEU A 169 0.07 16.63 -3.84
CA LEU A 169 0.83 15.40 -3.54
C LEU A 169 1.45 15.48 -2.13
N GLY A 170 2.02 16.62 -1.76
CA GLY A 170 2.60 16.88 -0.43
C GLY A 170 1.56 16.76 0.70
N LEU A 171 0.35 17.24 0.48
CA LEU A 171 -0.77 17.11 1.46
C LEU A 171 -0.91 15.62 1.84
N MET A 172 -0.83 14.73 0.85
CA MET A 172 -1.08 13.30 1.09
C MET A 172 0.18 12.58 1.59
N GLY A 173 1.32 13.28 1.69
CA GLY A 173 2.59 12.73 2.20
C GLY A 173 3.56 12.35 1.08
N ILE A 174 3.27 12.71 -0.17
CA ILE A 174 4.16 12.39 -1.33
C ILE A 174 5.08 13.60 -1.49
N GLN A 175 6.22 13.57 -0.82
CA GLN A 175 7.19 14.71 -0.78
C GLN A 175 8.12 14.67 -2.00
N GLU A 176 8.42 13.50 -2.53
CA GLU A 176 9.43 13.36 -3.58
C GLU A 176 8.69 13.40 -4.91
N VAL A 177 8.75 14.53 -5.60
CA VAL A 177 8.03 14.74 -6.89
C VAL A 177 9.02 15.27 -7.92
N GLU A 178 9.26 14.49 -8.96
CA GLU A 178 10.16 14.93 -10.06
C GLU A 178 9.29 15.25 -11.27
N PHE A 179 9.66 16.25 -12.04
CA PHE A 179 8.93 16.68 -13.26
C PHE A 179 9.76 16.40 -14.52
N ILE A 180 9.07 15.90 -15.54
CA ILE A 180 9.56 15.79 -16.93
C ILE A 180 8.80 16.85 -17.72
N TYR A 181 9.45 17.92 -18.10
CA TYR A 181 8.81 19.04 -18.82
C TYR A 181 9.17 18.93 -20.32
N ALA A 182 8.19 19.24 -21.14
CA ALA A 182 8.33 19.45 -22.59
C ALA A 182 7.60 20.74 -22.93
N GLU A 183 8.37 21.82 -23.12
CA GLU A 183 7.81 23.20 -23.26
C GLU A 183 8.09 23.77 -24.66
N GLY A 184 7.37 24.83 -24.99
CA GLY A 184 7.52 25.58 -26.25
C GLY A 184 7.07 24.73 -27.42
N LEU A 185 6.16 23.78 -27.18
CA LEU A 185 5.76 22.81 -28.24
C LEU A 185 4.93 23.48 -29.33
N ASP A 186 4.38 24.68 -29.08
CA ASP A 186 3.57 25.39 -30.10
C ASP A 186 4.50 25.90 -31.23
N ASN A 187 5.80 26.04 -30.99
CA ASN A 187 6.82 26.45 -32.02
C ASN A 187 7.23 25.20 -32.84
N ARG A 188 6.46 24.89 -33.88
CA ARG A 188 6.69 23.65 -34.69
C ARG A 188 7.48 23.98 -35.96
N PRO A 189 8.39 23.12 -36.42
CA PRO A 189 8.67 21.84 -35.77
C PRO A 189 9.76 21.91 -34.71
N HIS A 190 10.62 22.94 -34.72
CA HIS A 190 11.91 22.85 -33.99
C HIS A 190 11.71 23.06 -32.49
N GLY A 191 10.88 24.00 -32.08
CA GLY A 191 10.54 24.17 -30.64
C GLY A 191 9.99 22.88 -30.05
N ARG A 192 9.08 22.23 -30.75
CA ARG A 192 8.56 20.92 -30.32
C ARG A 192 9.66 19.89 -30.24
N ASP A 193 10.51 19.76 -31.26
CA ASP A 193 11.64 18.80 -31.19
C ASP A 193 12.56 19.14 -29.99
N ALA A 194 12.87 20.43 -29.78
CA ALA A 194 13.77 20.84 -28.68
C ALA A 194 13.15 20.40 -27.34
N GLY A 195 11.86 20.64 -27.17
CA GLY A 195 11.13 20.33 -25.93
C GLY A 195 11.09 18.82 -25.68
N ILE A 196 10.85 18.03 -26.74
CA ILE A 196 10.83 16.56 -26.59
C ILE A 196 12.24 16.06 -26.32
N ALA A 197 13.27 16.64 -26.95
CA ALA A 197 14.67 16.22 -26.66
C ALA A 197 14.97 16.48 -25.18
N SER A 198 14.57 17.64 -24.68
CA SER A 198 14.86 17.97 -23.26
C SER A 198 14.14 16.96 -22.35
N ALA A 199 12.86 16.70 -22.59
CA ALA A 199 12.08 15.68 -21.87
C ALA A 199 12.79 14.33 -21.92
N ARG A 200 13.30 13.90 -23.09
CA ARG A 200 13.93 12.57 -23.20
C ARG A 200 15.25 12.53 -22.41
N ALA A 201 15.97 13.62 -22.33
CA ALA A 201 17.21 13.64 -21.51
C ALA A 201 16.84 13.48 -20.02
N GLN A 202 15.75 14.12 -19.59
CA GLN A 202 15.24 13.98 -18.19
C GLN A 202 14.76 12.53 -17.95
N ILE A 203 14.02 11.94 -18.89
CA ILE A 203 13.66 10.50 -18.82
C ILE A 203 14.89 9.62 -18.62
N ALA A 204 15.98 9.85 -19.38
CA ALA A 204 17.17 8.99 -19.29
C ALA A 204 17.73 9.10 -17.87
N ARG A 205 17.76 10.30 -17.32
CA ARG A 205 18.35 10.56 -15.97
C ARG A 205 17.43 9.93 -14.93
N LEU A 206 16.09 9.99 -15.10
CA LEU A 206 15.17 9.49 -14.04
C LEU A 206 14.96 7.98 -14.09
N ALA A 207 15.21 7.33 -15.22
CA ALA A 207 14.84 5.88 -15.36
C ALA A 207 15.62 4.91 -14.47
N VAL A 208 16.84 5.24 -14.05
CA VAL A 208 17.68 4.26 -13.29
C VAL A 208 17.21 4.12 -11.84
N GLN A 209 16.78 5.19 -11.20
CA GLN A 209 16.41 5.17 -9.77
C GLN A 209 15.30 4.15 -9.52
N ALA A 210 15.27 3.54 -8.33
CA ALA A 210 14.24 2.50 -8.03
C ALA A 210 12.83 3.09 -8.02
N GLY B 10 11.69 26.55 23.69
CA GLY B 10 12.56 26.91 22.52
C GLY B 10 14.01 26.54 22.76
N ALA B 11 14.57 25.64 21.93
CA ALA B 11 15.91 25.06 22.13
C ALA B 11 16.80 25.25 20.89
N ASN B 12 18.10 25.13 21.12
CA ASN B 12 19.12 24.89 20.06
C ASN B 12 19.04 23.41 19.71
N VAL B 13 18.53 23.09 18.53
CA VAL B 13 18.23 21.68 18.12
C VAL B 13 19.22 21.29 17.03
N LEU B 14 19.99 20.21 17.29
CA LEU B 14 20.92 19.63 16.30
C LEU B 14 20.22 18.41 15.71
N VAL B 15 19.96 18.43 14.42
CA VAL B 15 19.18 17.39 13.73
C VAL B 15 20.12 16.59 12.85
N LEU B 16 20.16 15.26 13.05
CA LEU B 16 20.99 14.38 12.19
C LEU B 16 20.07 13.44 11.41
N LYS B 17 20.12 13.51 10.09
CA LYS B 17 19.40 12.58 9.24
C LYS B 17 20.40 11.61 8.60
N SER B 18 20.08 10.31 8.58
CA SER B 18 21.02 9.31 8.02
C SER B 18 20.38 8.40 7.00
N SER B 19 19.07 8.50 6.77
CA SER B 19 18.43 7.59 5.79
C SER B 19 19.05 7.78 4.40
N ILE B 20 18.99 6.73 3.61
CA ILE B 20 19.42 6.76 2.20
C ILE B 20 18.20 6.87 1.29
N ASN B 21 16.99 7.10 1.81
CA ASN B 21 15.76 7.02 0.97
C ASN B 21 15.31 8.41 0.54
N GLY B 22 16.15 9.42 0.70
CA GLY B 22 15.91 10.77 0.18
C GLY B 22 14.62 11.36 0.76
N GLU B 23 13.89 12.10 -0.04
CA GLU B 23 12.66 12.78 0.43
C GLU B 23 11.54 11.76 0.68
N THR B 24 11.69 10.49 0.30
CA THR B 24 10.72 9.43 0.67
C THR B 24 11.11 8.75 1.99
N SER B 25 12.19 9.19 2.67
CA SER B 25 12.63 8.63 3.98
C SER B 25 11.54 8.78 5.04
N LEU B 26 11.14 7.69 5.69
CA LEU B 26 10.15 7.75 6.78
C LEU B 26 10.75 8.36 8.05
N THR B 27 11.98 8.03 8.43
CA THR B 27 12.59 8.65 9.62
C THR B 27 12.73 10.14 9.41
N ASN B 28 13.03 10.59 8.19
CA ASN B 28 13.16 12.04 7.91
C ASN B 28 11.78 12.71 8.00
N GLN B 29 10.75 12.06 7.45
CA GLN B 29 9.34 12.54 7.57
C GLN B 29 9.01 12.70 9.07
N LEU B 30 9.27 11.68 9.88
CA LEU B 30 8.84 11.67 11.30
C LEU B 30 9.68 12.68 12.09
N ILE B 31 10.95 12.90 11.74
CA ILE B 31 11.75 13.98 12.37
C ILE B 31 11.09 15.31 12.04
N ASN B 32 10.77 15.55 10.77
CA ASN B 32 10.10 16.83 10.40
C ASN B 32 8.77 17.01 11.16
N GLU B 33 8.00 15.95 11.31
CA GLU B 33 6.71 15.98 12.07
C GLU B 33 6.98 16.31 13.53
N PHE B 34 8.03 15.72 14.13
CA PHE B 34 8.43 16.00 15.53
C PHE B 34 8.74 17.48 15.69
N LEU B 35 9.51 18.04 14.75
CA LEU B 35 9.96 19.44 14.86
C LEU B 35 8.73 20.36 14.70
N ALA B 36 7.83 20.03 13.78
CA ALA B 36 6.55 20.77 13.60
C ALA B 36 5.66 20.63 14.85
N ALA B 37 5.59 19.45 15.46
CA ALA B 37 4.73 19.22 16.65
C ALA B 37 5.29 20.07 17.78
N ARG B 38 6.61 20.24 17.82
CA ARG B 38 7.26 21.09 18.86
C ARG B 38 6.93 22.55 18.60
N GLN B 39 6.99 22.99 17.34
CA GLN B 39 6.58 24.38 16.99
C GLN B 39 5.11 24.61 17.38
N ALA B 40 4.24 23.63 17.17
CA ALA B 40 2.79 23.74 17.50
C ALA B 40 2.59 23.82 19.02
N ALA B 41 3.53 23.31 19.82
CA ALA B 41 3.45 23.33 21.30
C ALA B 41 4.05 24.61 21.86
N GLY B 42 4.62 25.48 21.02
CA GLY B 42 5.10 26.81 21.42
C GLY B 42 6.62 26.86 21.60
N HIS B 43 7.36 25.85 21.16
CA HIS B 43 8.83 25.89 21.22
C HIS B 43 9.32 26.56 19.94
N GLY B 44 9.91 27.75 20.05
CA GLY B 44 10.51 28.44 18.89
C GLY B 44 11.94 27.96 18.77
N ASP B 45 12.13 26.78 18.19
CA ASP B 45 13.47 26.16 18.15
C ASP B 45 14.39 26.80 17.11
N ARG B 46 15.70 26.73 17.37
CA ARG B 46 16.70 27.18 16.38
C ARG B 46 17.33 25.89 15.86
N LEU B 47 17.27 25.65 14.56
CA LEU B 47 17.70 24.33 14.05
C LEU B 47 19.04 24.33 13.33
N THR B 48 19.93 23.39 13.69
CA THR B 48 21.10 23.11 12.84
C THR B 48 20.92 21.70 12.29
N GLU B 49 20.85 21.53 10.97
CA GLU B 49 20.42 20.25 10.37
C GLU B 49 21.54 19.70 9.49
N HIS B 50 21.89 18.44 9.70
CA HIS B 50 22.86 17.71 8.84
C HIS B 50 22.13 16.55 8.17
N ASP B 51 22.11 16.52 6.85
CA ASP B 51 21.81 15.29 6.11
C ASP B 51 23.14 14.54 5.96
N LEU B 52 23.43 13.65 6.93
CA LEU B 52 24.68 12.90 6.96
C LEU B 52 24.80 12.07 5.68
N SER B 53 23.71 11.68 5.03
CA SER B 53 23.77 10.84 3.81
C SER B 53 24.39 11.62 2.65
N ALA B 54 24.38 12.96 2.71
CA ALA B 54 24.83 13.86 1.62
C ALA B 54 26.21 14.44 1.95
N MET B 55 26.81 14.09 3.09
CA MET B 55 28.02 14.81 3.60
C MET B 55 29.32 14.07 3.28
N ALA B 56 29.27 12.82 2.82
CA ALA B 56 30.45 11.97 2.52
C ALA B 56 31.45 12.07 3.69
N LEU B 57 31.01 11.84 4.91
CA LEU B 57 31.93 11.92 6.06
C LEU B 57 33.10 10.97 5.83
N PRO B 58 34.28 11.32 6.36
CA PRO B 58 35.42 10.41 6.37
C PRO B 58 35.19 9.20 7.29
N THR B 59 35.76 8.06 6.91
CA THR B 59 35.75 6.84 7.73
C THR B 59 36.93 6.90 8.70
N LEU B 60 36.73 6.39 9.91
CA LEU B 60 37.84 6.36 10.90
C LEU B 60 38.88 5.33 10.40
N ASP B 61 40.08 5.81 10.08
CA ASP B 61 41.18 4.90 9.70
C ASP B 61 42.36 5.15 10.61
N ARG B 62 43.45 4.43 10.37
CA ARG B 62 44.60 4.49 11.29
C ARG B 62 45.16 5.92 11.33
N PRO B 63 45.49 6.57 10.21
CA PRO B 63 45.98 7.96 10.28
C PRO B 63 45.01 8.98 10.91
N LEU B 64 43.71 8.87 10.65
CA LEU B 64 42.75 9.79 11.31
C LEU B 64 42.69 9.52 12.81
N PHE B 65 42.63 8.26 13.24
CA PHE B 65 42.62 7.91 14.68
C PHE B 65 43.83 8.52 15.39
N ALA B 66 45.04 8.33 14.85
CA ALA B 66 46.28 8.91 15.44
C ALA B 66 46.10 10.45 15.52
N ALA B 67 45.66 11.06 14.41
CA ALA B 67 45.54 12.54 14.32
C ALA B 67 44.48 13.04 15.30
N LEU B 68 43.38 12.31 15.51
CA LEU B 68 42.35 12.76 16.47
C LEU B 68 42.87 12.66 17.91
N ARG B 69 43.94 11.90 18.14
CA ARG B 69 44.53 11.70 19.49
C ARG B 69 45.70 12.67 19.73
N GLY B 70 46.10 13.44 18.71
CA GLY B 70 47.11 14.50 18.87
C GLY B 70 48.27 14.37 17.90
N ALA B 71 48.40 13.30 17.10
CA ALA B 71 49.50 13.23 16.10
C ALA B 71 49.32 14.32 15.04
N VAL B 72 50.45 14.78 14.52
CA VAL B 72 50.52 15.77 13.43
C VAL B 72 50.67 14.98 12.13
N ASP B 73 49.61 14.99 11.35
CA ASP B 73 49.55 14.26 10.05
C ASP B 73 49.64 15.34 8.98
N PRO B 74 50.67 15.33 8.13
CA PRO B 74 50.76 16.36 7.10
C PRO B 74 49.58 16.28 6.14
N GLN B 75 49.19 15.04 5.75
CA GLN B 75 48.17 14.77 4.70
C GLN B 75 47.00 15.73 4.90
N PRO B 76 46.73 16.61 3.90
CA PRO B 76 45.61 17.54 3.96
C PRO B 76 44.22 16.96 4.28
N ALA B 77 43.85 15.83 3.66
CA ALA B 77 42.57 15.14 3.92
C ALA B 77 42.44 14.84 5.43
N ILE B 78 43.51 14.39 6.07
CA ILE B 78 43.47 13.96 7.50
C ILE B 78 43.24 15.22 8.34
N ARG B 79 43.99 16.27 8.01
CA ARG B 79 43.88 17.55 8.73
C ARG B 79 42.47 18.15 8.62
N GLU B 80 41.89 18.13 7.43
CA GLU B 80 40.52 18.60 7.16
C GLU B 80 39.50 17.77 7.96
N ALA B 81 39.68 16.46 8.04
CA ALA B 81 38.81 15.55 8.82
C ALA B 81 38.89 15.86 10.32
N VAL B 82 40.07 16.16 10.84
CA VAL B 82 40.24 16.58 12.25
C VAL B 82 39.47 17.89 12.50
N ALA B 83 39.61 18.89 11.63
CA ALA B 83 38.90 20.17 11.75
C ALA B 83 37.39 19.88 11.75
N LEU B 84 36.95 18.97 10.90
CA LEU B 84 35.51 18.61 10.82
C LEU B 84 35.04 17.96 12.13
N SER B 85 35.85 17.07 12.72
CA SER B 85 35.58 16.48 14.06
C SER B 85 35.38 17.60 15.08
N ASP B 86 36.33 18.54 15.14
CA ASP B 86 36.26 19.72 16.06
C ASP B 86 34.96 20.50 15.83
N GLN B 87 34.56 20.70 14.58
CA GLN B 87 33.35 21.50 14.27
C GLN B 87 32.09 20.73 14.70
N LEU B 88 32.01 19.44 14.41
CA LEU B 88 30.82 18.65 14.79
C LEU B 88 30.71 18.59 16.31
N ILE B 89 31.83 18.47 17.03
CA ILE B 89 31.82 18.40 18.52
C ILE B 89 31.33 19.76 19.06
N ALA B 90 31.82 20.87 18.51
CA ALA B 90 31.38 22.21 18.99
C ALA B 90 29.88 22.39 18.72
N GLU B 91 29.39 21.94 17.57
CA GLU B 91 27.92 21.97 17.31
C GLU B 91 27.17 21.16 18.36
N LEU B 92 27.63 19.94 18.64
CA LEU B 92 26.95 19.10 19.63
C LEU B 92 26.90 19.86 20.99
N LYS B 93 28.01 20.41 21.41
CA LYS B 93 28.09 21.03 22.75
C LYS B 93 27.28 22.33 22.75
N ALA B 94 27.06 22.95 21.59
CA ALA B 94 26.24 24.18 21.47
C ALA B 94 24.75 23.85 21.54
N SER B 95 24.34 22.58 21.36
CA SER B 95 22.90 22.22 21.30
C SER B 95 22.33 21.99 22.71
N ASP B 96 20.99 22.03 22.82
CA ASP B 96 20.17 21.58 23.97
C ASP B 96 19.59 20.20 23.64
N LEU B 97 19.20 19.97 22.40
CA LEU B 97 18.41 18.79 22.01
C LEU B 97 19.00 18.22 20.73
N LEU B 98 19.38 16.95 20.76
CA LEU B 98 19.91 16.23 19.56
C LEU B 98 18.81 15.31 19.06
N VAL B 99 18.40 15.50 17.83
CA VAL B 99 17.37 14.66 17.17
C VAL B 99 18.06 13.81 16.10
N ILE B 100 17.92 12.49 16.21
CA ILE B 100 18.72 11.55 15.39
C ILE B 100 17.76 10.67 14.61
N GLY B 101 17.95 10.61 13.31
CA GLY B 101 17.26 9.61 12.47
C GLY B 101 18.11 8.35 12.41
N ALA B 102 17.57 7.24 12.90
CA ALA B 102 18.34 5.99 13.03
C ALA B 102 17.48 4.83 12.62
N PRO B 103 17.08 4.73 11.33
CA PRO B 103 16.38 3.53 10.89
C PRO B 103 17.32 2.33 10.99
N MET B 104 16.74 1.13 11.10
CA MET B 104 17.50 -0.12 11.23
C MET B 104 17.83 -0.60 9.80
N TYR B 105 19.13 -0.60 9.49
CA TYR B 105 19.64 -1.12 8.20
C TYR B 105 20.54 -2.31 8.55
N ASN B 106 20.12 -3.51 8.17
CA ASN B 106 20.93 -4.74 8.42
C ASN B 106 21.26 -4.85 9.91
N LEU B 107 20.27 -4.64 10.79
CA LEU B 107 20.41 -4.84 12.27
C LEU B 107 21.31 -3.79 12.92
N ASN B 108 21.66 -2.75 12.18
CA ASN B 108 22.51 -1.67 12.75
C ASN B 108 21.94 -0.32 12.32
N VAL B 109 22.60 0.77 12.69
CA VAL B 109 22.21 2.12 12.22
C VAL B 109 22.79 2.32 10.82
N PRO B 110 22.35 3.34 10.07
CA PRO B 110 22.92 3.59 8.75
C PRO B 110 24.39 4.00 8.90
N THR B 111 25.21 3.59 7.96
CA THR B 111 26.68 3.84 8.02
C THR B 111 26.98 5.34 8.24
N ASP B 112 26.25 6.26 7.63
CA ASP B 112 26.57 7.71 7.76
C ASP B 112 26.35 8.21 9.18
N LEU B 113 25.38 7.67 9.93
CA LEU B 113 25.22 8.02 11.37
C LEU B 113 26.42 7.47 12.17
N LYS B 114 26.80 6.22 11.94
CA LYS B 114 27.95 5.61 12.62
C LYS B 114 29.21 6.48 12.39
N LYS B 115 29.39 7.00 11.17
CA LYS B 115 30.58 7.81 10.85
C LYS B 115 30.55 9.14 11.60
N TRP B 116 29.35 9.70 11.87
CA TRP B 116 29.25 10.91 12.73
C TRP B 116 29.70 10.54 14.15
N PHE B 117 29.24 9.43 14.69
CA PHE B 117 29.66 9.03 16.04
C PHE B 117 31.17 8.83 16.10
N ASP B 118 31.78 8.31 15.05
CA ASP B 118 33.23 8.00 15.06
C ASP B 118 34.02 9.31 15.03
N LEU B 119 33.43 10.42 14.59
CA LEU B 119 34.10 11.75 14.61
C LEU B 119 33.85 12.50 15.91
N VAL B 120 32.74 12.28 16.60
CA VAL B 120 32.41 13.11 17.78
C VAL B 120 32.80 12.37 19.07
N ALA B 121 32.80 11.03 19.10
CA ALA B 121 33.14 10.26 20.32
C ALA B 121 34.67 10.24 20.42
N ARG B 122 35.25 11.10 21.25
CA ARG B 122 36.70 11.39 21.16
C ARG B 122 37.23 11.77 22.54
N ALA B 123 38.31 11.10 22.97
CA ALA B 123 38.93 11.29 24.29
C ALA B 123 39.34 12.75 24.46
N ARG B 124 39.08 13.32 25.64
CA ARG B 124 39.42 14.73 26.02
C ARG B 124 38.43 15.70 25.41
N GLU B 125 37.59 15.27 24.45
CA GLU B 125 36.63 16.19 23.76
C GLU B 125 35.20 15.91 24.24
N THR B 126 34.70 14.69 24.14
CA THR B 126 33.33 14.33 24.56
C THR B 126 33.33 13.27 25.67
N PHE B 127 34.47 12.66 25.98
CA PHE B 127 34.58 11.81 27.19
C PHE B 127 36.02 11.88 27.66
N ARG B 128 36.26 11.43 28.90
CA ARG B 128 37.61 11.39 29.49
C ARG B 128 37.82 10.03 30.16
N TYR B 129 39.04 9.48 30.03
CA TYR B 129 39.41 8.25 30.78
C TYR B 129 39.45 8.60 32.26
N THR B 130 38.99 7.69 33.10
CA THR B 130 39.13 7.74 34.58
C THR B 130 39.93 6.50 35.01
N GLU B 131 39.92 6.14 36.29
CA GLU B 131 40.54 4.88 36.76
C GLU B 131 39.52 3.75 36.63
N SER B 132 38.22 4.09 36.54
CA SER B 132 37.09 3.14 36.33
C SER B 132 36.51 3.34 34.92
N TRP B 133 35.21 3.60 34.79
CA TRP B 133 34.53 3.77 33.49
C TRP B 133 34.84 5.17 32.94
N PRO B 134 34.87 5.34 31.60
CA PRO B 134 35.06 6.66 30.99
C PRO B 134 33.92 7.58 31.46
N GLN B 135 34.14 8.90 31.50
CA GLN B 135 33.13 9.90 31.95
C GLN B 135 32.82 10.89 30.82
N GLY B 136 31.54 11.12 30.58
CA GLY B 136 31.06 12.04 29.53
C GLY B 136 31.42 13.49 29.80
N LEU B 137 31.67 14.27 28.76
CA LEU B 137 32.03 15.69 28.90
C LEU B 137 30.94 16.58 28.28
N VAL B 138 29.95 16.01 27.59
CA VAL B 138 28.91 16.85 26.92
C VAL B 138 27.88 17.18 27.99
N GLU B 139 27.65 18.47 28.21
CA GLU B 139 26.75 18.92 29.29
C GLU B 139 25.49 19.57 28.72
N GLY B 140 24.34 19.25 29.30
CA GLY B 140 23.08 19.92 29.00
C GLY B 140 22.42 19.49 27.70
N VAL B 141 22.76 18.31 27.16
CA VAL B 141 22.24 17.81 25.86
C VAL B 141 21.44 16.56 26.14
N ARG B 142 20.19 16.55 25.72
N ARG B 142 20.20 16.55 25.69
CA ARG B 142 19.32 15.35 25.75
CA ARG B 142 19.34 15.34 25.76
C ARG B 142 19.06 14.94 24.30
C ARG B 142 19.09 14.93 24.30
N ALA B 143 18.66 13.69 24.08
CA ALA B 143 18.49 13.20 22.71
C ALA B 143 17.09 12.61 22.52
N VAL B 144 16.62 12.69 21.28
CA VAL B 144 15.41 12.01 20.78
C VAL B 144 15.81 11.27 19.53
N VAL B 145 15.61 9.97 19.55
CA VAL B 145 15.96 9.10 18.42
C VAL B 145 14.70 8.73 17.69
N VAL B 146 14.68 8.89 16.38
CA VAL B 146 13.57 8.38 15.53
C VAL B 146 14.09 7.13 14.85
N SER B 147 13.51 5.96 15.13
CA SER B 147 14.01 4.67 14.60
C SER B 147 12.85 3.86 13.99
N SER B 148 12.80 3.79 12.68
CA SER B 148 11.85 2.90 12.00
C SER B 148 12.51 1.58 11.62
N ARG B 149 11.68 0.57 11.55
CA ARG B 149 12.11 -0.83 11.30
C ARG B 149 11.06 -1.50 10.41
N GLY B 150 11.50 -2.28 9.43
CA GLY B 150 10.63 -3.07 8.56
C GLY B 150 9.95 -4.17 9.36
N GLY B 151 10.72 -4.82 10.24
CA GLY B 151 10.26 -5.83 11.20
C GLY B 151 9.80 -5.25 12.52
N ILE B 152 9.63 -6.10 13.52
CA ILE B 152 9.26 -5.73 14.91
C ILE B 152 10.36 -6.22 15.87
N HIS B 153 11.01 -5.30 16.57
CA HIS B 153 12.25 -5.62 17.36
C HIS B 153 12.26 -5.01 18.77
N GLN B 154 11.37 -4.07 19.04
CA GLN B 154 11.45 -3.28 20.30
C GLN B 154 11.40 -4.25 21.49
N GLY B 155 12.36 -4.14 22.40
CA GLY B 155 12.45 -4.98 23.61
C GLY B 155 12.94 -6.38 23.32
N GLU B 156 13.38 -6.70 22.09
CA GLU B 156 13.84 -8.05 21.69
C GLU B 156 15.36 -7.98 21.48
N THR B 157 16.04 -9.12 21.49
CA THR B 157 17.52 -9.16 21.37
C THR B 157 17.94 -8.76 19.94
N THR B 158 17.05 -8.80 18.94
CA THR B 158 17.37 -8.37 17.56
C THR B 158 17.43 -6.83 17.46
N ASP B 159 17.07 -6.09 18.51
CA ASP B 159 17.26 -4.61 18.51
C ASP B 159 18.61 -4.34 19.19
N ALA B 160 19.68 -4.27 18.40
CA ALA B 160 21.00 -3.78 18.87
C ALA B 160 21.10 -2.27 18.65
N VAL B 161 20.20 -1.68 17.86
CA VAL B 161 20.22 -0.21 17.58
C VAL B 161 19.97 0.54 18.87
N THR B 162 18.92 0.19 19.58
CA THR B 162 18.54 0.85 20.86
C THR B 162 19.70 0.84 21.85
N PRO B 163 20.24 -0.33 22.28
CA PRO B 163 21.33 -0.31 23.26
C PRO B 163 22.62 0.34 22.71
N TYR B 164 22.90 0.19 21.42
CA TYR B 164 24.06 0.90 20.80
C TYR B 164 23.90 2.41 21.04
N LEU B 165 22.76 2.99 20.66
CA LEU B 165 22.60 4.47 20.73
C LEU B 165 22.62 4.93 22.19
N ARG B 166 21.97 4.21 23.07
CA ARG B 166 22.00 4.57 24.53
C ARG B 166 23.43 4.55 25.04
N ALA B 167 24.24 3.57 24.62
CA ALA B 167 25.61 3.42 25.15
C ALA B 167 26.54 4.48 24.53
N VAL B 168 26.49 4.72 23.24
CA VAL B 168 27.43 5.72 22.62
C VAL B 168 27.03 7.13 23.08
N LEU B 169 25.73 7.43 23.19
CA LEU B 169 25.30 8.75 23.72
C LEU B 169 25.72 8.87 25.19
N GLY B 170 25.51 7.82 25.99
CA GLY B 170 25.87 7.80 27.41
C GLY B 170 27.37 7.94 27.62
N LEU B 171 28.20 7.39 26.74
CA LEU B 171 29.67 7.55 26.80
C LEU B 171 29.99 9.03 26.85
N MET B 172 29.26 9.84 26.07
CA MET B 172 29.58 11.28 25.92
C MET B 172 28.86 12.12 26.99
N GLY B 173 28.05 11.49 27.86
CA GLY B 173 27.32 12.18 28.95
C GLY B 173 25.90 12.56 28.57
N ILE B 174 25.41 12.07 27.44
CA ILE B 174 23.99 12.26 27.03
C ILE B 174 23.24 11.06 27.58
N GLN B 175 22.69 11.23 28.78
CA GLN B 175 22.02 10.16 29.55
C GLN B 175 20.51 10.18 29.33
N GLU B 176 19.95 11.30 28.94
CA GLU B 176 18.49 11.47 28.74
C GLU B 176 18.23 11.22 27.24
N VAL B 177 17.75 10.03 26.92
CA VAL B 177 17.49 9.62 25.51
C VAL B 177 16.09 9.02 25.39
N GLU B 178 15.24 9.62 24.55
CA GLU B 178 13.87 9.11 24.28
C GLU B 178 13.87 8.52 22.88
N PHE B 179 13.11 7.46 22.68
CA PHE B 179 12.97 6.79 21.36
C PHE B 179 11.55 6.97 20.81
N ILE B 180 11.46 7.30 19.53
CA ILE B 180 10.22 7.22 18.71
C ILE B 180 10.37 6.04 17.76
N TYR B 181 9.63 4.96 18.00
CA TYR B 181 9.73 3.73 17.18
C TYR B 181 8.57 3.68 16.21
N ALA B 182 8.85 3.32 14.94
CA ALA B 182 7.82 2.98 13.94
C ALA B 182 8.21 1.61 13.38
N GLU B 183 7.58 0.55 13.87
CA GLU B 183 7.94 -0.84 13.53
C GLU B 183 6.88 -1.53 12.68
N GLY B 184 7.25 -2.65 12.03
CA GLY B 184 6.35 -3.42 11.15
C GLY B 184 6.11 -2.76 9.81
N LEU B 185 7.00 -1.87 9.38
CA LEU B 185 6.71 -1.05 8.19
C LEU B 185 6.78 -1.87 6.88
N ASP B 186 7.30 -3.08 6.92
CA ASP B 186 7.40 -3.94 5.71
C ASP B 186 6.07 -4.68 5.53
N ASN B 187 5.24 -4.70 6.56
CA ASN B 187 3.86 -5.30 6.48
C ASN B 187 2.89 -4.23 5.93
N ARG B 188 2.69 -4.19 4.60
CA ARG B 188 1.94 -3.08 3.98
C ARG B 188 0.55 -3.59 3.62
N PRO B 189 -0.50 -2.74 3.70
CA PRO B 189 -0.39 -1.37 4.20
C PRO B 189 -0.57 -1.20 5.71
N HIS B 190 -1.10 -2.22 6.40
CA HIS B 190 -1.66 -2.02 7.76
C HIS B 190 -0.56 -2.04 8.83
N GLY B 191 0.47 -2.86 8.69
CA GLY B 191 1.57 -2.87 9.68
C GLY B 191 2.27 -1.51 9.64
N ARG B 192 2.40 -0.96 8.45
CA ARG B 192 3.01 0.36 8.22
C ARG B 192 2.13 1.44 8.83
N ASP B 193 0.81 1.39 8.57
CA ASP B 193 -0.13 2.38 9.15
C ASP B 193 0.02 2.33 10.68
N ALA B 194 0.06 1.13 11.23
CA ALA B 194 0.04 0.92 12.71
C ALA B 194 1.33 1.50 13.28
N GLY B 195 2.48 1.28 12.61
CA GLY B 195 3.76 1.71 13.21
C GLY B 195 3.83 3.21 13.22
N ILE B 196 3.43 3.83 12.13
CA ILE B 196 3.50 5.29 11.96
C ILE B 196 2.54 5.93 12.97
N ALA B 197 1.38 5.31 13.21
CA ALA B 197 0.39 5.83 14.18
C ALA B 197 1.00 5.82 15.57
N SER B 198 1.60 4.71 15.98
CA SER B 198 2.27 4.54 17.28
C SER B 198 3.37 5.62 17.41
N ALA B 199 4.16 5.81 16.36
CA ALA B 199 5.24 6.81 16.33
C ALA B 199 4.64 8.21 16.51
N ARG B 200 3.54 8.51 15.84
CA ARG B 200 2.90 9.85 15.94
C ARG B 200 2.32 10.09 17.34
N ALA B 201 1.80 9.08 18.01
CA ALA B 201 1.30 9.25 19.40
C ALA B 201 2.48 9.59 20.33
N GLN B 202 3.62 8.94 20.16
CA GLN B 202 4.86 9.22 20.92
C GLN B 202 5.34 10.63 20.58
N ILE B 203 5.34 11.04 19.31
CA ILE B 203 5.69 12.43 18.97
C ILE B 203 4.79 13.42 19.75
N ALA B 204 3.48 13.21 19.76
CA ALA B 204 2.52 14.17 20.37
C ALA B 204 2.86 14.30 21.86
N ARG B 205 3.17 13.21 22.52
CA ARG B 205 3.55 13.19 23.96
C ARG B 205 4.88 13.92 24.13
N LEU B 206 5.88 13.64 23.30
CA LEU B 206 7.23 14.22 23.53
C LEU B 206 7.30 15.71 23.16
N ALA B 207 6.52 16.17 22.19
CA ALA B 207 6.64 17.57 21.72
C ALA B 207 6.27 18.58 22.81
N VAL B 208 5.48 18.16 23.80
CA VAL B 208 5.00 19.11 24.85
C VAL B 208 6.16 19.59 25.75
N GLN B 209 7.05 18.70 26.15
CA GLN B 209 8.22 19.08 27.00
C GLN B 209 9.14 20.07 26.27
N ALA B 210 9.84 20.95 26.99
CA ALA B 210 10.66 22.01 26.34
C ALA B 210 12.09 21.54 26.05
N GLY C 10 -8.20 24.08 -39.50
CA GLY C 10 -7.64 23.40 -40.71
C GLY C 10 -6.60 22.33 -40.37
N ALA C 11 -6.42 21.32 -41.25
CA ALA C 11 -5.46 20.22 -41.07
C ALA C 11 -4.63 19.97 -42.33
N ASN C 12 -3.37 19.58 -42.17
CA ASN C 12 -2.50 19.14 -43.28
C ASN C 12 -2.69 17.63 -43.44
N VAL C 13 -3.25 17.19 -44.56
CA VAL C 13 -3.61 15.77 -44.76
C VAL C 13 -2.70 15.20 -45.85
N LEU C 14 -1.94 14.17 -45.52
CA LEU C 14 -1.14 13.39 -46.49
C LEU C 14 -1.97 12.18 -46.93
N VAL C 15 -2.15 12.00 -48.25
CA VAL C 15 -3.03 10.97 -48.85
C VAL C 15 -2.19 10.05 -49.72
N LEU C 16 -2.16 8.76 -49.38
CA LEU C 16 -1.41 7.72 -50.11
C LEU C 16 -2.40 6.74 -50.75
N LYS C 17 -2.34 6.62 -52.08
CA LYS C 17 -3.16 5.66 -52.85
C LYS C 17 -2.23 4.64 -53.48
N SER C 18 -2.53 3.35 -53.31
CA SER C 18 -1.62 2.26 -53.72
C SER C 18 -2.29 1.23 -54.62
N SER C 19 -3.60 1.33 -54.89
CA SER C 19 -4.37 0.36 -55.74
C SER C 19 -3.76 0.32 -57.15
N ILE C 20 -3.77 -0.84 -57.77
CA ILE C 20 -3.34 -0.99 -59.19
C ILE C 20 -4.59 -0.98 -60.09
N ASN C 21 -5.78 -0.75 -59.54
CA ASN C 21 -7.05 -0.87 -60.32
C ASN C 21 -7.45 0.46 -60.97
N GLY C 22 -6.59 1.49 -60.93
CA GLY C 22 -6.86 2.77 -61.61
C GLY C 22 -8.22 3.36 -61.28
N GLU C 23 -8.95 3.81 -62.31
CA GLU C 23 -10.20 4.56 -62.12
C GLU C 23 -11.27 3.66 -61.49
N THR C 24 -11.11 2.34 -61.43
CA THR C 24 -12.10 1.43 -60.77
C THR C 24 -11.67 1.16 -59.32
N SER C 25 -10.59 1.77 -58.84
CA SER C 25 -10.08 1.47 -57.48
C SER C 25 -11.20 1.78 -56.49
N LEU C 26 -11.59 0.80 -55.67
CA LEU C 26 -12.56 1.04 -54.60
C LEU C 26 -11.91 1.80 -53.40
N THR C 27 -10.71 1.42 -52.96
CA THR C 27 -10.03 2.17 -51.88
C THR C 27 -9.88 3.63 -52.31
N ASN C 28 -9.54 3.93 -53.56
CA ASN C 28 -9.39 5.35 -53.98
C ASN C 28 -10.76 6.05 -53.93
N GLN C 29 -11.82 5.39 -54.36
CA GLN C 29 -13.18 5.95 -54.30
C GLN C 29 -13.52 6.29 -52.84
N LEU C 30 -13.34 5.34 -51.92
CA LEU C 30 -13.68 5.54 -50.49
C LEU C 30 -12.78 6.59 -49.82
N ILE C 31 -11.51 6.69 -50.18
CA ILE C 31 -10.63 7.79 -49.70
C ILE C 31 -11.29 9.12 -50.12
N ASN C 32 -11.69 9.23 -51.39
CA ASN C 32 -12.29 10.49 -51.92
C ASN C 32 -13.60 10.77 -51.17
N GLU C 33 -14.42 9.76 -50.92
CA GLU C 33 -15.67 9.97 -50.16
C GLU C 33 -15.32 10.43 -48.73
N PHE C 34 -14.33 9.81 -48.11
CA PHE C 34 -13.89 10.19 -46.74
C PHE C 34 -13.46 11.67 -46.69
N LEU C 35 -12.60 12.07 -47.62
CA LEU C 35 -12.10 13.47 -47.69
C LEU C 35 -13.27 14.42 -47.95
N ALA C 36 -14.22 14.06 -48.80
CA ALA C 36 -15.42 14.88 -49.09
C ALA C 36 -16.24 14.99 -47.81
N ALA C 37 -16.41 13.90 -47.04
CA ALA C 37 -17.24 13.95 -45.82
C ALA C 37 -16.51 14.80 -44.75
N ARG C 38 -15.18 14.76 -44.68
CA ARG C 38 -14.44 15.61 -43.71
C ARG C 38 -14.79 17.07 -44.02
N GLN C 39 -14.80 17.42 -45.30
CA GLN C 39 -14.91 18.81 -45.79
C GLN C 39 -16.33 19.31 -45.49
N ALA C 40 -17.33 18.47 -45.76
CA ALA C 40 -18.75 18.70 -45.44
C ALA C 40 -18.95 18.88 -43.92
N ALA C 41 -18.09 18.29 -43.08
CA ALA C 41 -18.21 18.38 -41.61
C ALA C 41 -17.37 19.55 -41.06
N GLY C 42 -16.74 20.35 -41.92
CA GLY C 42 -16.12 21.62 -41.51
C GLY C 42 -14.61 21.51 -41.32
N HIS C 43 -13.98 20.38 -41.67
CA HIS C 43 -12.51 20.25 -41.68
C HIS C 43 -12.03 21.03 -42.90
N GLY C 44 -11.04 21.89 -42.74
CA GLY C 44 -10.55 22.71 -43.85
C GLY C 44 -9.30 22.10 -44.39
N ASP C 45 -9.36 20.84 -44.82
CA ASP C 45 -8.15 20.03 -45.13
C ASP C 45 -7.32 20.68 -46.24
N ARG C 46 -6.00 20.65 -46.08
CA ARG C 46 -4.98 20.93 -47.13
C ARG C 46 -4.32 19.62 -47.54
N LEU C 47 -4.59 19.19 -48.76
CA LEU C 47 -4.29 17.82 -49.24
C LEU C 47 -2.93 17.79 -49.93
N THR C 48 -2.06 16.88 -49.52
CA THR C 48 -0.86 16.44 -50.28
C THR C 48 -1.11 15.00 -50.68
N GLU C 49 -1.24 14.71 -51.97
CA GLU C 49 -1.73 13.38 -52.41
C GLU C 49 -0.68 12.74 -53.32
N HIS C 50 -0.42 11.47 -53.06
CA HIS C 50 0.48 10.64 -53.87
C HIS C 50 -0.30 9.43 -54.37
N ASP C 51 -0.30 9.21 -55.69
CA ASP C 51 -0.72 7.89 -56.23
C ASP C 51 0.55 7.06 -56.35
N LEU C 52 0.84 6.24 -55.33
CA LEU C 52 2.10 5.48 -55.26
C LEU C 52 2.19 4.51 -56.44
N SER C 53 1.04 4.09 -56.99
CA SER C 53 1.02 3.14 -58.13
C SER C 53 1.65 3.76 -59.39
N ALA C 54 1.68 5.09 -59.48
CA ALA C 54 2.18 5.80 -60.68
C ALA C 54 3.58 6.40 -60.42
N MET C 55 4.22 6.15 -59.27
CA MET C 55 5.44 6.91 -58.89
C MET C 55 6.72 6.08 -59.07
N ALA C 56 6.63 4.78 -59.36
CA ALA C 56 7.79 3.91 -59.62
C ALA C 56 8.83 4.15 -58.52
N LEU C 57 8.39 4.04 -57.27
CA LEU C 57 9.30 4.23 -56.12
C LEU C 57 10.43 3.23 -56.19
N PRO C 58 11.65 3.61 -55.77
CA PRO C 58 12.75 2.64 -55.67
C PRO C 58 12.48 1.57 -54.62
N THR C 59 12.87 0.35 -54.95
CA THR C 59 12.89 -0.82 -54.05
C THR C 59 14.12 -0.69 -53.15
N LEU C 60 14.00 -1.13 -51.90
CA LEU C 60 15.12 -1.09 -50.95
C LEU C 60 16.12 -2.18 -51.31
N ASP C 61 17.38 -1.78 -51.51
CA ASP C 61 18.48 -2.72 -51.87
C ASP C 61 19.69 -2.38 -51.00
N ARG C 62 20.79 -3.10 -51.20
CA ARG C 62 21.97 -2.97 -50.32
C ARG C 62 22.51 -1.55 -50.37
N PRO C 63 22.75 -0.94 -51.57
CA PRO C 63 23.32 0.40 -51.62
C PRO C 63 22.39 1.49 -51.07
N LEU C 64 21.09 1.44 -51.42
CA LEU C 64 20.12 2.40 -50.87
C LEU C 64 20.08 2.28 -49.34
N PHE C 65 20.08 1.05 -48.81
CA PHE C 65 20.03 0.80 -47.35
C PHE C 65 21.25 1.46 -46.68
N ALA C 66 22.45 1.21 -47.18
CA ALA C 66 23.70 1.86 -46.71
C ALA C 66 23.52 3.38 -46.75
N ALA C 67 23.09 3.91 -47.90
CA ALA C 67 22.94 5.36 -48.15
C ALA C 67 21.95 5.97 -47.14
N LEU C 68 20.84 5.30 -46.85
CA LEU C 68 19.82 5.88 -45.92
C LEU C 68 20.35 5.85 -44.48
N ARG C 69 21.36 5.01 -44.20
CA ARG C 69 21.98 4.89 -42.85
C ARG C 69 23.10 5.92 -42.68
N GLY C 70 23.44 6.65 -43.74
CA GLY C 70 24.42 7.75 -43.67
C GLY C 70 25.68 7.48 -44.48
N ALA C 71 25.76 6.35 -45.19
CA ALA C 71 26.84 6.14 -46.19
C ALA C 71 26.72 7.20 -47.29
N VAL C 72 27.87 7.73 -47.72
CA VAL C 72 27.97 8.69 -48.85
C VAL C 72 28.10 7.88 -50.14
N ASP C 73 27.00 7.68 -50.85
CA ASP C 73 26.99 6.85 -52.09
C ASP C 73 27.15 7.79 -53.28
N PRO C 74 28.27 7.71 -54.03
CA PRO C 74 28.46 8.57 -55.20
C PRO C 74 27.55 8.31 -56.42
N GLN C 75 26.63 7.33 -56.41
CA GLN C 75 25.72 7.05 -57.55
C GLN C 75 24.89 8.28 -57.86
N PRO C 76 24.31 8.39 -59.07
CA PRO C 76 23.19 9.32 -59.29
C PRO C 76 21.90 8.77 -58.67
N ALA C 77 21.52 7.52 -58.98
CA ALA C 77 20.21 6.92 -58.65
C ALA C 77 20.02 6.87 -57.13
N ILE C 78 21.08 6.52 -56.38
CA ILE C 78 21.00 6.27 -54.92
C ILE C 78 20.88 7.62 -54.21
N ARG C 79 21.60 8.64 -54.68
CA ARG C 79 21.47 10.02 -54.16
C ARG C 79 20.07 10.56 -54.47
N GLU C 80 19.52 10.29 -55.67
CA GLU C 80 18.12 10.62 -56.06
C GLU C 80 17.16 10.01 -55.03
N ALA C 81 17.28 8.70 -54.80
CA ALA C 81 16.36 7.92 -53.95
C ALA C 81 16.46 8.45 -52.52
N VAL C 82 17.67 8.82 -52.06
CA VAL C 82 17.85 9.38 -50.69
C VAL C 82 17.11 10.73 -50.60
N ALA C 83 17.26 11.58 -51.63
CA ALA C 83 16.55 12.88 -51.67
C ALA C 83 15.04 12.61 -51.64
N LEU C 84 14.56 11.61 -52.38
CA LEU C 84 13.12 11.22 -52.39
C LEU C 84 12.68 10.75 -50.98
N SER C 85 13.50 9.96 -50.28
CA SER C 85 13.23 9.49 -48.90
C SER C 85 13.09 10.70 -47.96
N ASP C 86 14.09 11.59 -47.96
CA ASP C 86 14.05 12.85 -47.18
C ASP C 86 12.75 13.62 -47.46
N GLN C 87 12.38 13.79 -48.74
CA GLN C 87 11.14 14.50 -49.17
C GLN C 87 9.87 13.82 -48.56
N LEU C 88 9.75 12.51 -48.73
CA LEU C 88 8.54 11.75 -48.28
C LEU C 88 8.45 11.79 -46.76
N ILE C 89 9.58 11.69 -46.06
CA ILE C 89 9.65 11.81 -44.57
C ILE C 89 9.24 13.21 -44.13
N ALA C 90 9.71 14.24 -44.84
CA ALA C 90 9.34 15.63 -44.50
C ALA C 90 7.83 15.77 -44.62
N GLU C 91 7.24 15.27 -45.70
CA GLU C 91 5.77 15.36 -45.90
C GLU C 91 5.03 14.72 -44.71
N LEU C 92 5.46 13.55 -44.28
CA LEU C 92 4.86 12.78 -43.18
C LEU C 92 4.97 13.59 -41.87
N LYS C 93 6.14 14.12 -41.58
CA LYS C 93 6.36 14.88 -40.32
C LYS C 93 5.53 16.17 -40.28
N ALA C 94 5.28 16.80 -41.43
CA ALA C 94 4.54 18.07 -41.51
C ALA C 94 3.04 17.82 -41.51
N SER C 95 2.57 16.58 -41.57
CA SER C 95 1.13 16.28 -41.68
C SER C 95 0.46 16.28 -40.28
N ASP C 96 -0.86 16.36 -40.25
CA ASP C 96 -1.70 16.16 -39.05
C ASP C 96 -2.42 14.80 -39.17
N LEU C 97 -2.80 14.43 -40.39
CA LEU C 97 -3.60 13.22 -40.70
C LEU C 97 -2.96 12.53 -41.90
N LEU C 98 -2.75 11.23 -41.78
CA LEU C 98 -2.23 10.35 -42.85
C LEU C 98 -3.38 9.42 -43.24
N VAL C 99 -3.78 9.48 -44.49
CA VAL C 99 -4.85 8.66 -45.08
C VAL C 99 -4.22 7.69 -46.08
N ILE C 100 -4.45 6.40 -45.86
CA ILE C 100 -3.72 5.33 -46.57
C ILE C 100 -4.75 4.45 -47.29
N GLY C 101 -4.61 4.33 -48.61
CA GLY C 101 -5.27 3.24 -49.36
C GLY C 101 -4.49 1.94 -49.25
N ALA C 102 -5.08 0.90 -48.67
CA ALA C 102 -4.38 -0.38 -48.40
C ALA C 102 -5.32 -1.55 -48.63
N PRO C 103 -5.76 -1.77 -49.88
CA PRO C 103 -6.54 -2.97 -50.16
C PRO C 103 -5.66 -4.23 -49.94
N MET C 104 -6.26 -5.35 -49.62
CA MET C 104 -5.52 -6.62 -49.40
C MET C 104 -5.20 -7.25 -50.76
N TYR C 105 -3.90 -7.37 -51.08
CA TYR C 105 -3.46 -8.09 -52.30
C TYR C 105 -2.62 -9.28 -51.82
N ASN C 106 -3.13 -10.49 -52.00
CA ASN C 106 -2.36 -11.70 -51.63
C ASN C 106 -2.03 -11.66 -50.14
N LEU C 107 -2.99 -11.26 -49.31
CA LEU C 107 -2.83 -11.27 -47.82
C LEU C 107 -1.84 -10.21 -47.34
N ASN C 108 -1.47 -9.30 -48.23
CA ASN C 108 -0.57 -8.20 -47.83
C ASN C 108 -1.10 -6.88 -48.41
N VAL C 109 -0.36 -5.79 -48.20
CA VAL C 109 -0.71 -4.52 -48.83
C VAL C 109 -0.15 -4.51 -50.23
N PRO C 110 -0.55 -3.57 -51.09
CA PRO C 110 0.05 -3.48 -52.41
C PRO C 110 1.55 -3.15 -52.31
N THR C 111 2.34 -3.61 -53.29
CA THR C 111 3.81 -3.44 -53.29
C THR C 111 4.16 -1.95 -53.23
N ASP C 112 3.44 -1.09 -53.95
CA ASP C 112 3.76 0.35 -53.99
C ASP C 112 3.61 0.97 -52.59
N LEU C 113 2.68 0.49 -51.76
CA LEU C 113 2.54 1.05 -50.39
C LEU C 113 3.72 0.57 -49.55
N LYS C 114 4.07 -0.70 -49.66
CA LYS C 114 5.22 -1.25 -48.91
C LYS C 114 6.52 -0.52 -49.26
N LYS C 115 6.66 -0.08 -50.51
CA LYS C 115 7.86 0.68 -50.95
C LYS C 115 7.92 2.05 -50.29
N TRP C 116 6.76 2.70 -50.12
CA TRP C 116 6.68 4.00 -49.42
C TRP C 116 7.16 3.80 -47.97
N PHE C 117 6.66 2.77 -47.30
CA PHE C 117 7.09 2.49 -45.91
C PHE C 117 8.60 2.22 -45.84
N ASP C 118 9.16 1.51 -46.81
CA ASP C 118 10.62 1.20 -46.82
C ASP C 118 11.47 2.44 -47.08
N LEU C 119 10.91 3.48 -47.67
CA LEU C 119 11.59 4.82 -47.80
C LEU C 119 11.34 5.72 -46.58
N VAL C 120 10.26 5.58 -45.80
CA VAL C 120 10.01 6.57 -44.71
C VAL C 120 10.38 5.97 -43.35
N ALA C 121 10.36 4.64 -43.19
CA ALA C 121 10.64 4.00 -41.89
C ALA C 121 12.16 3.81 -41.80
N ARG C 122 12.80 4.86 -41.28
CA ARG C 122 14.25 5.12 -41.41
C ARG C 122 14.81 5.58 -40.07
N ALA C 123 15.72 4.80 -39.51
CA ALA C 123 16.38 5.10 -38.22
C ALA C 123 16.91 6.54 -38.21
N ARG C 124 16.71 7.24 -37.10
CA ARG C 124 17.10 8.66 -36.87
C ARG C 124 16.26 9.67 -37.65
N GLU C 125 15.33 9.26 -38.52
CA GLU C 125 14.43 10.15 -39.28
C GLU C 125 13.00 10.03 -38.72
N THR C 126 12.45 8.80 -38.64
CA THR C 126 11.06 8.60 -38.15
C THR C 126 11.03 7.74 -36.90
N PHE C 127 12.13 7.09 -36.51
CA PHE C 127 12.19 6.32 -35.25
C PHE C 127 13.65 6.21 -34.84
N ARG C 128 13.86 5.75 -33.61
CA ARG C 128 15.20 5.32 -33.12
C ARG C 128 15.04 3.96 -32.44
N TYR C 129 15.93 3.01 -32.76
CA TYR C 129 15.90 1.67 -32.14
C TYR C 129 17.16 1.42 -31.31
N THR C 130 18.13 2.31 -31.33
CA THR C 130 19.46 2.10 -30.66
C THR C 130 19.55 2.95 -29.36
N GLU C 131 18.51 3.71 -28.98
CA GLU C 131 18.48 4.39 -27.67
C GLU C 131 18.14 3.36 -26.59
N SER C 132 18.12 3.78 -25.32
CA SER C 132 17.85 2.85 -24.18
C SER C 132 16.41 2.33 -24.26
N TRP C 133 15.53 3.11 -24.87
CA TRP C 133 14.10 2.75 -25.06
C TRP C 133 13.64 3.12 -26.47
N PRO C 134 12.66 2.38 -27.04
CA PRO C 134 12.13 2.71 -28.36
C PRO C 134 11.53 4.11 -28.47
N GLN C 135 11.79 4.80 -29.58
CA GLN C 135 11.35 6.20 -29.76
C GLN C 135 10.74 6.35 -31.17
N GLY C 136 9.51 6.83 -31.23
CA GLY C 136 8.95 7.33 -32.51
C GLY C 136 9.27 8.79 -32.67
N LEU C 137 9.60 9.23 -33.89
CA LEU C 137 9.97 10.65 -34.14
C LEU C 137 8.88 11.41 -34.86
N VAL C 138 7.82 10.74 -35.32
CA VAL C 138 6.67 11.44 -35.94
C VAL C 138 5.72 11.84 -34.80
N GLU C 139 5.37 13.11 -34.74
CA GLU C 139 4.59 13.71 -33.63
C GLU C 139 3.33 14.39 -34.16
N GLY C 140 2.21 14.20 -33.46
CA GLY C 140 0.90 14.81 -33.74
C GLY C 140 0.20 14.24 -34.97
N VAL C 141 0.64 13.09 -35.48
CA VAL C 141 0.02 12.51 -36.71
C VAL C 141 -0.85 11.33 -36.28
N ARG C 142 -2.10 11.34 -36.71
CA ARG C 142 -3.05 10.21 -36.57
C ARG C 142 -3.25 9.64 -37.98
N ALA C 143 -3.68 8.38 -38.09
CA ALA C 143 -3.84 7.73 -39.42
C ALA C 143 -5.24 7.16 -39.58
N VAL C 144 -5.72 7.19 -40.83
CA VAL C 144 -6.96 6.52 -41.26
C VAL C 144 -6.60 5.62 -42.44
N VAL C 145 -6.87 4.32 -42.28
CA VAL C 145 -6.55 3.31 -43.32
C VAL C 145 -7.87 2.88 -43.95
N VAL C 146 -7.94 2.93 -45.26
CA VAL C 146 -9.07 2.36 -46.04
C VAL C 146 -8.57 1.04 -46.65
N SER C 147 -9.15 -0.07 -46.22
CA SER C 147 -8.71 -1.42 -46.63
C SER C 147 -9.92 -2.23 -47.07
N SER C 148 -10.07 -2.42 -48.38
CA SER C 148 -11.09 -3.33 -48.98
C SER C 148 -10.50 -4.73 -49.16
N ARG C 149 -11.36 -5.74 -49.13
CA ARG C 149 -10.96 -7.17 -49.28
C ARG C 149 -12.06 -7.90 -50.08
N GLY C 150 -11.65 -8.81 -50.96
CA GLY C 150 -12.53 -9.78 -51.64
C GLY C 150 -13.23 -10.64 -50.62
N GLY C 151 -12.50 -11.18 -49.65
CA GLY C 151 -13.06 -12.10 -48.63
C GLY C 151 -13.38 -11.40 -47.34
N ILE C 152 -13.63 -12.16 -46.27
CA ILE C 152 -13.92 -11.57 -44.92
C ILE C 152 -12.79 -12.00 -43.98
N HIS C 153 -12.11 -11.03 -43.35
CA HIS C 153 -10.86 -11.27 -42.56
C HIS C 153 -10.83 -10.48 -41.24
N GLN C 154 -11.73 -9.53 -41.02
CA GLN C 154 -11.58 -8.60 -39.87
C GLN C 154 -11.62 -9.41 -38.57
N GLY C 155 -10.61 -9.24 -37.71
CA GLY C 155 -10.47 -9.98 -36.44
C GLY C 155 -10.10 -11.44 -36.66
N GLU C 156 -9.80 -11.89 -37.90
CA GLU C 156 -9.34 -13.27 -38.19
C GLU C 156 -7.83 -13.27 -38.37
N THR C 157 -7.23 -14.44 -38.19
CA THR C 157 -5.76 -14.65 -38.26
C THR C 157 -5.31 -14.38 -39.69
N THR C 158 -6.19 -14.47 -40.71
CA THR C 158 -5.80 -14.17 -42.12
C THR C 158 -5.67 -12.66 -42.39
N ASP C 159 -6.02 -11.77 -41.46
CA ASP C 159 -5.79 -10.32 -41.67
C ASP C 159 -4.43 -9.99 -41.02
N ALA C 160 -3.37 -10.05 -41.82
CA ALA C 160 -2.01 -9.59 -41.42
C ALA C 160 -1.82 -8.13 -41.82
N VAL C 161 -2.66 -7.60 -42.71
CA VAL C 161 -2.62 -6.17 -43.17
C VAL C 161 -2.82 -5.23 -41.97
N THR C 162 -3.86 -5.46 -41.17
CA THR C 162 -4.21 -4.62 -40.00
C THR C 162 -3.02 -4.54 -39.05
N PRO C 163 -2.52 -5.66 -38.50
CA PRO C 163 -1.43 -5.60 -37.52
C PRO C 163 -0.13 -5.12 -38.14
N TYR C 164 0.09 -5.38 -39.44
CA TYR C 164 1.27 -4.84 -40.14
C TYR C 164 1.25 -3.32 -40.08
N LEU C 165 0.14 -2.70 -40.54
CA LEU C 165 0.00 -1.24 -40.58
C LEU C 165 0.04 -0.65 -39.18
N ARG C 166 -0.57 -1.27 -38.20
CA ARG C 166 -0.51 -0.76 -36.80
C ARG C 166 0.95 -0.80 -36.32
N ALA C 167 1.71 -1.85 -36.65
CA ALA C 167 3.07 -2.01 -36.10
C ALA C 167 4.03 -1.04 -36.79
N VAL C 168 3.96 -0.89 -38.11
CA VAL C 168 4.92 -0.01 -38.84
C VAL C 168 4.58 1.45 -38.60
N LEU C 169 3.29 1.81 -38.51
CA LEU C 169 2.92 3.19 -38.12
C LEU C 169 3.35 3.44 -36.66
N GLY C 170 3.10 2.49 -35.76
CA GLY C 170 3.48 2.61 -34.33
C GLY C 170 4.99 2.76 -34.18
N LEU C 171 5.77 2.11 -35.02
CA LEU C 171 7.25 2.19 -34.91
C LEU C 171 7.69 3.65 -35.02
N MET C 172 7.03 4.40 -35.88
CA MET C 172 7.34 5.78 -36.26
C MET C 172 6.67 6.76 -35.30
N GLY C 173 5.85 6.31 -34.36
CA GLY C 173 5.19 7.17 -33.37
C GLY C 173 3.74 7.47 -33.75
N ILE C 174 3.17 6.82 -34.80
CA ILE C 174 1.75 7.03 -35.18
C ILE C 174 0.94 5.94 -34.48
N GLN C 175 0.49 6.24 -33.27
CA GLN C 175 -0.19 5.24 -32.40
C GLN C 175 -1.67 5.20 -32.70
N GLU C 176 -2.26 6.27 -33.19
CA GLU C 176 -3.73 6.34 -33.35
C GLU C 176 -4.03 5.98 -34.79
N VAL C 177 -4.58 4.79 -35.00
CA VAL C 177 -4.88 4.31 -36.38
C VAL C 177 -6.31 3.79 -36.42
N GLU C 178 -7.14 4.39 -37.27
CA GLU C 178 -8.54 3.91 -37.43
C GLU C 178 -8.67 3.30 -38.83
N PHE C 179 -9.46 2.25 -38.92
CA PHE C 179 -9.64 1.50 -40.18
C PHE C 179 -11.07 1.71 -40.70
N ILE C 180 -11.17 1.93 -42.01
CA ILE C 180 -12.44 1.79 -42.76
C ILE C 180 -12.31 0.49 -43.56
N TYR C 181 -13.04 -0.55 -43.20
CA TYR C 181 -13.00 -1.86 -43.87
C TYR C 181 -14.17 -1.99 -44.85
N ALA C 182 -13.91 -2.49 -46.05
CA ALA C 182 -14.96 -2.96 -46.96
C ALA C 182 -14.64 -4.43 -47.30
N GLU C 183 -15.30 -5.39 -46.65
CA GLU C 183 -14.99 -6.84 -46.83
C GLU C 183 -16.07 -7.58 -47.64
N GLY C 184 -15.73 -8.80 -48.10
CA GLY C 184 -16.66 -9.73 -48.72
C GLY C 184 -17.06 -9.20 -50.09
N LEU C 185 -16.20 -8.41 -50.73
CA LEU C 185 -16.61 -7.76 -51.99
C LEU C 185 -16.72 -8.79 -53.13
N ASP C 186 -16.18 -9.99 -52.97
CA ASP C 186 -16.26 -11.05 -54.00
C ASP C 186 -17.57 -11.82 -53.85
N ASN C 187 -18.30 -11.67 -52.72
CA ASN C 187 -19.45 -12.55 -52.39
C ASN C 187 -20.68 -12.07 -53.16
N ARG C 188 -21.03 -12.69 -54.28
CA ARG C 188 -22.27 -12.29 -55.03
C ARG C 188 -23.46 -12.99 -54.37
N PRO C 189 -24.68 -12.45 -54.49
CA PRO C 189 -24.97 -11.25 -55.29
C PRO C 189 -24.94 -9.88 -54.61
N HIS C 190 -24.70 -9.79 -53.29
CA HIS C 190 -24.86 -8.53 -52.52
C HIS C 190 -23.59 -8.12 -51.74
N GLY C 191 -22.49 -8.86 -51.88
CA GLY C 191 -21.29 -8.67 -51.05
C GLY C 191 -20.73 -7.29 -51.27
N ARG C 192 -20.71 -6.82 -52.51
CA ARG C 192 -20.12 -5.47 -52.81
C ARG C 192 -20.99 -4.40 -52.17
N ASP C 193 -22.32 -4.45 -52.39
CA ASP C 193 -23.28 -3.51 -51.75
C ASP C 193 -23.08 -3.51 -50.23
N ALA C 194 -23.06 -4.68 -49.58
CA ALA C 194 -22.96 -4.78 -48.10
C ALA C 194 -21.59 -4.22 -47.63
N GLY C 195 -20.50 -4.47 -48.36
CA GLY C 195 -19.16 -4.02 -47.93
C GLY C 195 -19.01 -2.52 -48.05
N ILE C 196 -19.47 -1.95 -49.17
CA ILE C 196 -19.47 -0.48 -49.37
C ILE C 196 -20.37 0.22 -48.35
N ALA C 197 -21.56 -0.29 -48.06
CA ALA C 197 -22.49 0.31 -47.07
C ALA C 197 -21.82 0.32 -45.69
N SER C 198 -21.19 -0.78 -45.31
CA SER C 198 -20.47 -0.86 -44.01
C SER C 198 -19.37 0.21 -43.98
N ALA C 199 -18.54 0.29 -45.03
CA ALA C 199 -17.44 1.28 -45.12
C ALA C 199 -18.02 2.68 -45.01
N ARG C 200 -19.12 2.94 -45.71
CA ARG C 200 -19.70 4.30 -45.69
C ARG C 200 -20.26 4.64 -44.30
N ALA C 201 -20.79 3.70 -43.56
CA ALA C 201 -21.25 4.01 -42.18
C ALA C 201 -20.03 4.41 -41.32
N GLN C 202 -18.91 3.71 -41.51
CA GLN C 202 -17.65 4.01 -40.79
C GLN C 202 -17.14 5.37 -41.27
N ILE C 203 -17.19 5.67 -42.57
CA ILE C 203 -16.77 7.02 -43.08
C ILE C 203 -17.61 8.11 -42.37
N ALA C 204 -18.91 7.92 -42.27
CA ALA C 204 -19.84 8.88 -41.63
C ALA C 204 -19.40 9.13 -40.20
N ARG C 205 -19.18 8.06 -39.42
CA ARG C 205 -18.77 8.12 -37.99
C ARG C 205 -17.43 8.85 -37.88
N LEU C 206 -16.46 8.52 -38.71
CA LEU C 206 -15.09 9.07 -38.58
C LEU C 206 -15.00 10.52 -39.08
N ALA C 207 -15.76 10.93 -40.11
CA ALA C 207 -15.53 12.20 -40.82
C ALA C 207 -15.85 13.37 -39.88
N VAL C 208 -16.87 13.18 -39.04
CA VAL C 208 -17.47 14.23 -38.16
C VAL C 208 -16.64 14.36 -36.86
N GLN C 209 -15.64 13.48 -36.73
CA GLN C 209 -14.77 13.49 -35.54
C GLN C 209 -13.66 14.52 -35.69
N ALA C 210 -13.09 14.94 -34.57
CA ALA C 210 -12.00 15.92 -34.57
C ALA C 210 -10.97 15.58 -35.65
N ALA D 11 -22.52 49.38 -12.79
CA ALA D 11 -21.67 48.41 -13.59
C ALA D 11 -22.45 47.14 -13.91
N ASN D 12 -22.13 46.51 -15.04
CA ASN D 12 -22.61 45.14 -15.37
C ASN D 12 -21.68 44.16 -14.65
N VAL D 13 -22.21 43.44 -13.66
CA VAL D 13 -21.38 42.57 -12.80
C VAL D 13 -21.74 41.12 -13.11
N LEU D 14 -20.74 40.31 -13.44
CA LEU D 14 -20.92 38.86 -13.71
C LEU D 14 -20.44 38.14 -12.47
N VAL D 15 -21.31 37.35 -11.87
CA VAL D 15 -21.03 36.71 -10.56
C VAL D 15 -20.97 35.18 -10.81
N LEU D 16 -19.88 34.54 -10.41
CA LEU D 16 -19.72 33.08 -10.59
C LEU D 16 -19.56 32.48 -9.20
N LYS D 17 -20.47 31.58 -8.84
CA LYS D 17 -20.38 30.86 -7.53
C LYS D 17 -20.01 29.43 -7.88
N SER D 18 -19.00 28.89 -7.20
CA SER D 18 -18.55 27.51 -7.50
C SER D 18 -18.53 26.59 -6.28
N SER D 19 -18.80 27.08 -5.07
CA SER D 19 -18.82 26.25 -3.85
C SER D 19 -19.79 25.08 -3.97
N ILE D 20 -19.47 23.98 -3.30
CA ILE D 20 -20.39 22.80 -3.23
C ILE D 20 -21.15 22.78 -1.91
N ASN D 21 -21.06 23.82 -1.10
CA ASN D 21 -21.61 23.83 0.27
C ASN D 21 -23.01 24.46 0.34
N GLY D 22 -23.65 24.70 -0.79
CA GLY D 22 -25.01 25.29 -0.85
C GLY D 22 -25.18 26.50 0.05
N GLU D 23 -26.21 26.49 0.90
CA GLU D 23 -26.57 27.67 1.73
C GLU D 23 -25.53 27.86 2.82
N THR D 24 -24.65 26.90 3.10
CA THR D 24 -23.61 27.12 4.13
C THR D 24 -22.31 27.67 3.51
N SER D 25 -22.26 27.86 2.19
CA SER D 25 -21.03 28.33 1.48
C SER D 25 -20.56 29.66 2.02
N LEU D 26 -19.32 29.70 2.50
CA LEU D 26 -18.72 30.96 2.99
C LEU D 26 -18.41 31.87 1.81
N THR D 27 -17.89 31.36 0.69
CA THR D 27 -17.57 32.25 -0.45
C THR D 27 -18.86 32.82 -1.02
N ASN D 28 -19.95 32.05 -1.04
CA ASN D 28 -21.22 32.59 -1.57
C ASN D 28 -21.74 33.67 -0.60
N GLN D 29 -21.65 33.44 0.70
CA GLN D 29 -22.03 34.48 1.69
C GLN D 29 -21.16 35.75 1.48
N LEU D 30 -19.84 35.60 1.38
CA LEU D 30 -18.93 36.77 1.30
C LEU D 30 -19.15 37.51 -0.02
N ILE D 31 -19.44 36.79 -1.11
CA ILE D 31 -19.83 37.40 -2.41
C ILE D 31 -21.08 38.26 -2.18
N ASN D 32 -22.09 37.69 -1.55
CA ASN D 32 -23.34 38.43 -1.30
C ASN D 32 -23.03 39.67 -0.47
N GLU D 33 -22.16 39.56 0.53
CA GLU D 33 -21.80 40.72 1.38
C GLU D 33 -21.03 41.77 0.58
N PHE D 34 -20.17 41.35 -0.36
CA PHE D 34 -19.41 42.28 -1.24
C PHE D 34 -20.37 43.04 -2.14
N LEU D 35 -21.31 42.33 -2.79
CA LEU D 35 -22.29 42.96 -3.69
C LEU D 35 -23.20 43.89 -2.87
N ALA D 36 -23.61 43.47 -1.68
CA ALA D 36 -24.44 44.35 -0.83
C ALA D 36 -23.61 45.59 -0.38
N ALA D 37 -22.31 45.44 -0.09
CA ALA D 37 -21.45 46.57 0.32
C ALA D 37 -21.34 47.57 -0.84
N ARG D 38 -21.32 47.07 -2.08
CA ARG D 38 -21.26 47.94 -3.27
C ARG D 38 -22.57 48.74 -3.33
N GLN D 39 -23.71 48.08 -3.16
CA GLN D 39 -25.03 48.77 -3.19
C GLN D 39 -25.09 49.81 -2.07
N ALA D 40 -24.59 49.50 -0.88
CA ALA D 40 -24.55 50.46 0.25
C ALA D 40 -23.69 51.68 -0.12
N ALA D 41 -22.63 51.50 -0.91
CA ALA D 41 -21.69 52.59 -1.27
C ALA D 41 -22.26 53.39 -2.44
N GLY D 42 -23.42 53.02 -2.98
CA GLY D 42 -24.18 53.78 -3.99
C GLY D 42 -23.97 53.26 -5.41
N HIS D 43 -23.29 52.14 -5.63
CA HIS D 43 -23.17 51.51 -6.98
C HIS D 43 -24.50 50.86 -7.33
N GLY D 44 -25.11 51.23 -8.45
CA GLY D 44 -26.33 50.55 -8.94
C GLY D 44 -25.97 49.44 -9.89
N ASP D 45 -25.42 48.35 -9.37
CA ASP D 45 -24.96 47.20 -10.20
C ASP D 45 -26.13 46.51 -10.90
N ARG D 46 -25.91 46.05 -12.13
CA ARG D 46 -26.82 45.12 -12.83
C ARG D 46 -26.15 43.74 -12.76
N LEU D 47 -26.77 42.77 -12.07
CA LEU D 47 -26.12 41.46 -11.82
C LEU D 47 -26.53 40.44 -12.88
N THR D 48 -25.57 39.65 -13.36
CA THR D 48 -25.84 38.32 -13.99
C THR D 48 -25.13 37.27 -13.12
N GLU D 49 -25.89 36.37 -12.50
CA GLU D 49 -25.33 35.43 -11.49
C GLU D 49 -25.48 33.98 -11.98
N HIS D 50 -24.41 33.20 -11.90
CA HIS D 50 -24.42 31.75 -12.18
C HIS D 50 -23.97 31.03 -10.91
N ASP D 51 -24.79 30.11 -10.45
CA ASP D 51 -24.34 29.06 -9.50
C ASP D 51 -23.76 27.93 -10.35
N LEU D 52 -22.44 27.94 -10.58
CA LEU D 52 -21.79 26.95 -11.49
C LEU D 52 -22.01 25.54 -10.93
N SER D 53 -22.20 25.38 -9.63
CA SER D 53 -22.38 24.04 -9.01
C SER D 53 -23.73 23.44 -9.42
N ALA D 54 -24.70 24.24 -9.87
CA ALA D 54 -26.04 23.74 -10.23
C ALA D 54 -26.17 23.62 -11.73
N MET D 55 -25.15 23.95 -12.52
CA MET D 55 -25.34 24.12 -13.97
C MET D 55 -24.90 22.87 -14.74
N ALA D 56 -24.26 21.88 -14.11
CA ALA D 56 -23.83 20.65 -14.80
C ALA D 56 -23.03 21.00 -16.07
N LEU D 57 -22.05 21.89 -15.96
CA LEU D 57 -21.22 22.25 -17.13
C LEU D 57 -20.56 21.00 -17.70
N PRO D 58 -20.39 20.88 -19.03
CA PRO D 58 -19.64 19.74 -19.58
C PRO D 58 -18.14 19.84 -19.28
N THR D 59 -17.49 18.69 -19.15
CA THR D 59 -16.03 18.59 -19.07
C THR D 59 -15.46 18.75 -20.50
N LEU D 60 -14.35 19.45 -20.62
CA LEU D 60 -13.70 19.60 -21.91
C LEU D 60 -13.17 18.24 -22.31
N ASP D 61 -13.62 17.73 -23.44
CA ASP D 61 -13.07 16.48 -24.01
C ASP D 61 -12.67 16.72 -25.47
N ARG D 62 -12.18 15.69 -26.14
CA ARG D 62 -11.64 15.89 -27.50
C ARG D 62 -12.71 16.45 -28.45
N PRO D 63 -13.93 15.90 -28.56
CA PRO D 63 -14.91 16.45 -29.51
C PRO D 63 -15.30 17.90 -29.20
N LEU D 64 -15.44 18.26 -27.93
CA LEU D 64 -15.83 19.65 -27.58
C LEU D 64 -14.68 20.59 -27.93
N PHE D 65 -13.46 20.23 -27.54
CA PHE D 65 -12.28 21.07 -27.86
C PHE D 65 -12.18 21.31 -29.37
N ALA D 66 -12.36 20.26 -30.18
CA ALA D 66 -12.29 20.38 -31.66
C ALA D 66 -13.33 21.43 -32.12
N ALA D 67 -14.57 21.34 -31.64
CA ALA D 67 -15.67 22.28 -31.99
C ALA D 67 -15.33 23.70 -31.51
N LEU D 68 -14.89 23.87 -30.26
CA LEU D 68 -14.57 25.22 -29.72
C LEU D 68 -13.38 25.88 -30.43
N ARG D 69 -12.43 25.10 -30.92
CA ARG D 69 -11.26 25.69 -31.62
C ARG D 69 -11.63 25.95 -33.09
N GLY D 70 -12.82 25.51 -33.53
CA GLY D 70 -13.29 25.67 -34.92
C GLY D 70 -12.62 24.73 -35.91
N ALA D 71 -12.04 23.60 -35.45
CA ALA D 71 -11.35 22.61 -36.33
C ALA D 71 -12.38 21.77 -37.11
N VAL D 72 -13.63 21.72 -36.64
CA VAL D 72 -14.71 20.83 -37.14
C VAL D 72 -16.04 21.49 -36.77
N ASP D 73 -17.09 21.31 -37.57
CA ASP D 73 -18.47 21.77 -37.21
C ASP D 73 -18.93 20.95 -36.03
N PRO D 74 -19.63 21.56 -35.05
CA PRO D 74 -20.21 20.82 -33.93
C PRO D 74 -21.23 19.79 -34.42
N GLN D 75 -21.07 18.52 -34.08
CA GLN D 75 -22.10 17.47 -34.35
C GLN D 75 -23.22 17.64 -33.32
N PRO D 76 -24.40 17.04 -33.57
CA PRO D 76 -25.61 17.34 -32.79
C PRO D 76 -25.52 17.32 -31.25
N ALA D 77 -24.85 16.33 -30.64
CA ALA D 77 -24.82 16.18 -29.17
C ALA D 77 -23.90 17.23 -28.52
N ILE D 78 -23.13 17.97 -29.32
CA ILE D 78 -22.10 18.94 -28.83
C ILE D 78 -22.60 20.37 -29.07
N ARG D 79 -23.61 20.54 -29.93
CA ARG D 79 -24.12 21.88 -30.35
C ARG D 79 -24.46 22.70 -29.10
N GLU D 80 -25.15 22.07 -28.16
CA GLU D 80 -25.61 22.74 -26.92
C GLU D 80 -24.39 23.25 -26.15
N ALA D 81 -23.33 22.42 -26.03
CA ALA D 81 -22.12 22.82 -25.28
C ALA D 81 -21.44 24.01 -25.99
N VAL D 82 -21.43 24.02 -27.32
CA VAL D 82 -20.83 25.16 -28.07
C VAL D 82 -21.66 26.43 -27.83
N ALA D 83 -22.99 26.33 -27.91
CA ALA D 83 -23.88 27.48 -27.68
C ALA D 83 -23.69 27.98 -26.25
N LEU D 84 -23.47 27.06 -25.28
CA LEU D 84 -23.23 27.47 -23.88
C LEU D 84 -21.92 28.24 -23.78
N SER D 85 -20.84 27.75 -24.40
CA SER D 85 -19.54 28.47 -24.46
C SER D 85 -19.76 29.89 -25.00
N ASP D 86 -20.46 30.04 -26.15
CA ASP D 86 -20.70 31.36 -26.80
C ASP D 86 -21.50 32.27 -25.84
N GLN D 87 -22.50 31.71 -25.17
CA GLN D 87 -23.30 32.47 -24.17
C GLN D 87 -22.39 32.96 -23.04
N LEU D 88 -21.62 32.06 -22.40
CA LEU D 88 -20.77 32.45 -21.24
C LEU D 88 -19.77 33.51 -21.67
N ILE D 89 -19.22 33.38 -22.88
CA ILE D 89 -18.19 34.36 -23.37
C ILE D 89 -18.88 35.72 -23.60
N ALA D 90 -20.07 35.72 -24.19
CA ALA D 90 -20.83 36.98 -24.46
C ALA D 90 -21.08 37.69 -23.12
N GLU D 91 -21.52 36.94 -22.13
CA GLU D 91 -21.74 37.47 -20.76
C GLU D 91 -20.43 38.09 -20.27
N LEU D 92 -19.30 37.40 -20.43
CA LEU D 92 -18.03 37.91 -19.90
C LEU D 92 -17.72 39.24 -20.61
N LYS D 93 -17.77 39.29 -21.93
CA LYS D 93 -17.34 40.51 -22.67
C LYS D 93 -18.32 41.68 -22.39
N ALA D 94 -19.58 41.39 -22.07
CA ALA D 94 -20.60 42.40 -21.72
C ALA D 94 -20.38 42.95 -20.32
N SER D 95 -19.56 42.33 -19.45
CA SER D 95 -19.42 42.75 -18.05
C SER D 95 -18.36 43.85 -17.92
N ASP D 96 -18.43 44.60 -16.83
CA ASP D 96 -17.38 45.52 -16.32
C ASP D 96 -16.62 44.84 -15.18
N LEU D 97 -17.33 44.06 -14.38
CA LEU D 97 -16.74 43.50 -13.14
C LEU D 97 -17.13 42.01 -13.04
N LEU D 98 -16.11 41.20 -12.85
CA LEU D 98 -16.24 39.72 -12.74
C LEU D 98 -15.96 39.36 -11.28
N VAL D 99 -16.97 38.82 -10.59
CA VAL D 99 -16.82 38.43 -9.16
C VAL D 99 -16.83 36.90 -9.12
N ILE D 100 -15.78 36.33 -8.55
CA ILE D 100 -15.53 34.88 -8.64
C ILE D 100 -15.44 34.30 -7.23
N GLY D 101 -16.26 33.28 -6.97
CA GLY D 101 -16.11 32.41 -5.80
C GLY D 101 -15.15 31.28 -6.09
N ALA D 102 -14.00 31.26 -5.44
CA ALA D 102 -12.91 30.30 -5.67
C ALA D 102 -12.32 29.85 -4.34
N PRO D 103 -13.10 29.13 -3.50
CA PRO D 103 -12.54 28.54 -2.29
C PRO D 103 -11.54 27.48 -2.73
N MET D 104 -10.56 27.23 -1.87
CA MET D 104 -9.50 26.25 -2.13
C MET D 104 -10.06 24.85 -1.83
N TYR D 105 -10.14 24.01 -2.86
CA TYR D 105 -10.51 22.59 -2.68
C TYR D 105 -9.30 21.78 -3.16
N ASN D 106 -8.64 21.08 -2.24
CA ASN D 106 -7.48 20.23 -2.60
C ASN D 106 -6.42 21.06 -3.34
N LEU D 107 -6.11 22.25 -2.82
CA LEU D 107 -5.01 23.10 -3.36
C LEU D 107 -5.33 23.59 -4.77
N ASN D 108 -6.60 23.49 -5.16
CA ASN D 108 -7.02 24.00 -6.49
C ASN D 108 -8.36 24.73 -6.32
N VAL D 109 -8.92 25.21 -7.41
CA VAL D 109 -10.27 25.82 -7.36
C VAL D 109 -11.30 24.70 -7.45
N PRO D 110 -12.60 24.94 -7.15
CA PRO D 110 -13.62 23.92 -7.35
C PRO D 110 -13.74 23.55 -8.83
N THR D 111 -14.02 22.28 -9.10
CA THR D 111 -14.14 21.73 -10.47
C THR D 111 -15.12 22.56 -11.30
N ASP D 112 -16.26 22.99 -10.75
CA ASP D 112 -17.24 23.74 -11.57
C ASP D 112 -16.68 25.10 -12.04
N LEU D 113 -15.77 25.70 -11.30
CA LEU D 113 -15.14 26.99 -11.73
C LEU D 113 -14.17 26.67 -12.85
N LYS D 114 -13.37 25.61 -12.68
CA LYS D 114 -12.41 25.21 -13.74
C LYS D 114 -13.17 24.89 -15.03
N LYS D 115 -14.35 24.29 -14.94
CA LYS D 115 -15.16 23.91 -16.12
C LYS D 115 -15.63 25.18 -16.84
N TRP D 116 -15.92 26.25 -16.10
CA TRP D 116 -16.27 27.56 -16.70
C TRP D 116 -15.06 28.09 -17.47
N PHE D 117 -13.88 28.06 -16.87
CA PHE D 117 -12.66 28.58 -17.55
C PHE D 117 -12.40 27.77 -18.81
N ASP D 118 -12.65 26.46 -18.79
CA ASP D 118 -12.39 25.60 -19.97
C ASP D 118 -13.40 25.89 -21.11
N LEU D 119 -14.51 26.52 -20.82
CA LEU D 119 -15.52 26.89 -21.84
C LEU D 119 -15.30 28.32 -22.34
N VAL D 120 -14.61 29.19 -21.60
CA VAL D 120 -14.50 30.63 -22.00
C VAL D 120 -13.08 30.98 -22.48
N ALA D 121 -12.07 30.28 -22.00
CA ALA D 121 -10.67 30.50 -22.46
C ALA D 121 -10.51 29.79 -23.80
N ARG D 122 -10.67 30.54 -24.89
CA ARG D 122 -10.92 29.96 -26.23
C ARG D 122 -10.26 30.85 -27.29
N ALA D 123 -9.36 30.27 -28.07
CA ALA D 123 -8.64 31.00 -29.14
C ALA D 123 -9.65 31.70 -30.06
N ARG D 124 -9.35 32.95 -30.41
CA ARG D 124 -10.13 33.82 -31.34
C ARG D 124 -11.38 34.36 -30.65
N GLU D 125 -11.74 33.89 -29.44
CA GLU D 125 -12.91 34.42 -28.69
C GLU D 125 -12.43 35.28 -27.52
N THR D 126 -11.57 34.77 -26.63
CA THR D 126 -11.09 35.59 -25.49
C THR D 126 -9.60 35.79 -25.53
N PHE D 127 -8.88 35.08 -26.40
CA PHE D 127 -7.45 35.34 -26.62
C PHE D 127 -7.12 35.02 -28.08
N ARG D 128 -5.99 35.55 -28.50
CA ARG D 128 -5.50 35.41 -29.88
C ARG D 128 -4.05 34.95 -29.83
N TYR D 129 -3.69 33.97 -30.66
CA TYR D 129 -2.28 33.63 -30.93
C TYR D 129 -1.62 34.79 -31.65
N THR D 130 -0.39 35.11 -31.23
CA THR D 130 0.55 36.02 -31.92
C THR D 130 1.80 35.19 -32.27
N GLU D 131 2.92 35.85 -32.58
CA GLU D 131 4.18 35.16 -32.93
C GLU D 131 4.95 34.84 -31.64
N SER D 132 4.73 35.62 -30.58
CA SER D 132 5.32 35.38 -29.24
C SER D 132 4.21 34.98 -28.27
N TRP D 133 3.82 35.88 -27.35
CA TRP D 133 2.89 35.56 -26.24
C TRP D 133 1.46 35.69 -26.74
N PRO D 134 0.50 34.93 -26.16
CA PRO D 134 -0.90 35.04 -26.54
C PRO D 134 -1.42 36.41 -26.12
N GLN D 135 -2.42 36.94 -26.82
CA GLN D 135 -2.98 38.28 -26.54
C GLN D 135 -4.47 38.16 -26.16
N GLY D 136 -4.79 38.79 -25.03
CA GLY D 136 -6.16 38.78 -24.50
C GLY D 136 -7.09 39.60 -25.38
N LEU D 137 -8.31 39.16 -25.55
CA LEU D 137 -9.33 39.88 -26.34
C LEU D 137 -10.42 40.48 -25.44
N VAL D 138 -10.45 40.18 -24.15
CA VAL D 138 -11.53 40.72 -23.26
C VAL D 138 -11.05 42.09 -22.80
N GLU D 139 -11.82 43.13 -23.05
CA GLU D 139 -11.42 44.46 -22.51
C GLU D 139 -12.55 45.13 -21.73
N GLY D 140 -12.10 45.99 -20.82
CA GLY D 140 -12.94 46.71 -19.84
C GLY D 140 -13.39 45.82 -18.68
N VAL D 141 -12.78 44.64 -18.48
CA VAL D 141 -13.21 43.74 -17.36
C VAL D 141 -12.15 43.65 -16.30
N ARG D 142 -12.53 43.97 -15.06
CA ARG D 142 -11.69 43.77 -13.85
C ARG D 142 -12.32 42.62 -13.06
N ALA D 143 -11.56 41.96 -12.18
CA ALA D 143 -12.06 40.81 -11.41
C ALA D 143 -11.84 41.04 -9.94
N VAL D 144 -12.78 40.51 -9.16
CA VAL D 144 -12.61 40.32 -7.71
C VAL D 144 -12.84 38.84 -7.43
N VAL D 145 -11.88 38.25 -6.76
CA VAL D 145 -11.93 36.81 -6.42
C VAL D 145 -12.11 36.70 -4.90
N VAL D 146 -13.12 35.96 -4.48
CA VAL D 146 -13.32 35.63 -3.04
C VAL D 146 -12.82 34.19 -2.86
N SER D 147 -11.78 34.00 -2.07
CA SER D 147 -11.11 32.71 -1.87
C SER D 147 -10.97 32.52 -0.37
N SER D 148 -11.75 31.59 0.17
CA SER D 148 -11.57 31.15 1.57
C SER D 148 -10.74 29.88 1.58
N ARG D 149 -10.09 29.63 2.71
CA ARG D 149 -9.21 28.47 2.92
C ARG D 149 -9.31 28.00 4.37
N GLY D 150 -9.26 26.69 4.56
CA GLY D 150 -9.16 26.11 5.91
C GLY D 150 -7.82 26.41 6.55
N GLY D 151 -6.72 26.32 5.78
CA GLY D 151 -5.36 26.63 6.28
C GLY D 151 -4.94 28.02 5.92
N ILE D 152 -3.64 28.34 6.04
CA ILE D 152 -3.09 29.69 5.74
C ILE D 152 -2.06 29.53 4.63
N HIS D 153 -2.33 30.11 3.48
CA HIS D 153 -1.56 29.91 2.24
C HIS D 153 -1.15 31.24 1.62
N GLN D 154 -1.77 32.37 2.00
CA GLN D 154 -1.52 33.65 1.28
C GLN D 154 -0.01 33.94 1.23
N GLY D 155 0.52 34.23 0.04
CA GLY D 155 1.96 34.49 -0.19
C GLY D 155 2.85 33.27 -0.02
N GLU D 156 2.30 32.07 0.10
CA GLU D 156 3.10 30.83 0.30
C GLU D 156 3.06 30.01 -1.00
N THR D 157 3.99 29.08 -1.14
CA THR D 157 4.07 28.25 -2.38
C THR D 157 2.91 27.26 -2.46
N THR D 158 2.20 27.00 -1.35
CA THR D 158 1.00 26.12 -1.38
C THR D 158 -0.21 26.82 -1.94
N ASP D 159 -0.18 28.16 -2.14
CA ASP D 159 -1.27 28.86 -2.84
C ASP D 159 -1.00 28.80 -4.35
N ALA D 160 -1.59 27.84 -5.04
CA ALA D 160 -1.55 27.76 -6.51
C ALA D 160 -2.82 28.39 -7.05
N VAL D 161 -3.84 28.58 -6.20
CA VAL D 161 -5.16 29.14 -6.64
C VAL D 161 -4.89 30.56 -7.15
N THR D 162 -4.16 31.34 -6.38
CA THR D 162 -3.93 32.78 -6.70
C THR D 162 -3.20 32.89 -8.03
N PRO D 163 -2.01 32.28 -8.24
CA PRO D 163 -1.32 32.40 -9.54
C PRO D 163 -2.12 31.76 -10.67
N TYR D 164 -2.87 30.66 -10.42
CA TYR D 164 -3.69 30.04 -11.47
C TYR D 164 -4.67 31.10 -11.97
N LEU D 165 -5.42 31.72 -11.04
CA LEU D 165 -6.48 32.68 -11.44
C LEU D 165 -5.85 33.90 -12.11
N ARG D 166 -4.76 34.42 -11.58
CA ARG D 166 -4.12 35.61 -12.26
C ARG D 166 -3.71 35.23 -13.69
N ALA D 167 -3.22 34.01 -13.90
CA ALA D 167 -2.70 33.57 -15.21
C ALA D 167 -3.84 33.32 -16.21
N VAL D 168 -4.93 32.63 -15.83
CA VAL D 168 -5.99 32.31 -16.81
C VAL D 168 -6.81 33.59 -17.07
N LEU D 169 -7.01 34.44 -16.07
CA LEU D 169 -7.67 35.74 -16.30
C LEU D 169 -6.74 36.61 -17.18
N GLY D 170 -5.45 36.63 -16.88
CA GLY D 170 -4.46 37.39 -17.67
C GLY D 170 -4.43 36.94 -19.10
N LEU D 171 -4.53 35.63 -19.36
CA LEU D 171 -4.61 35.08 -20.75
C LEU D 171 -5.66 35.85 -21.55
N MET D 172 -6.85 36.04 -20.96
CA MET D 172 -8.02 36.56 -21.69
C MET D 172 -7.98 38.11 -21.74
N GLY D 173 -7.01 38.74 -21.09
CA GLY D 173 -6.85 40.22 -21.05
C GLY D 173 -7.31 40.84 -19.73
N ILE D 174 -7.67 40.04 -18.72
CA ILE D 174 -8.18 40.59 -17.44
C ILE D 174 -6.98 40.69 -16.52
N GLN D 175 -6.34 41.86 -16.51
CA GLN D 175 -5.04 42.02 -15.80
C GLN D 175 -5.31 42.58 -14.41
N GLU D 176 -6.48 43.17 -14.19
CA GLU D 176 -6.82 43.83 -12.90
C GLU D 176 -7.58 42.79 -12.07
N VAL D 177 -6.93 42.20 -11.07
CA VAL D 177 -7.53 41.13 -10.23
C VAL D 177 -7.23 41.39 -8.76
N GLU D 178 -8.28 41.62 -7.98
CA GLU D 178 -8.17 41.81 -6.51
C GLU D 178 -8.69 40.55 -5.82
N PHE D 179 -8.08 40.16 -4.74
CA PHE D 179 -8.50 38.97 -3.97
C PHE D 179 -9.04 39.42 -2.61
N ILE D 180 -10.09 38.72 -2.17
CA ILE D 180 -10.58 38.73 -0.77
C ILE D 180 -10.31 37.32 -0.21
N TYR D 181 -9.40 37.23 0.75
CA TYR D 181 -8.94 36.02 1.44
C TYR D 181 -9.64 35.91 2.81
N ALA D 182 -10.14 34.73 3.09
CA ALA D 182 -10.54 34.33 4.46
C ALA D 182 -9.79 33.04 4.72
N GLU D 183 -8.72 33.08 5.52
CA GLU D 183 -7.84 31.93 5.75
C GLU D 183 -7.88 31.51 7.22
N GLY D 184 -7.29 30.36 7.48
CA GLY D 184 -7.14 29.77 8.82
C GLY D 184 -8.48 29.39 9.41
N LEU D 185 -9.45 29.06 8.57
CA LEU D 185 -10.84 28.83 9.04
C LEU D 185 -10.95 27.49 9.74
N ASP D 186 -10.00 26.55 9.53
CA ASP D 186 -10.06 25.23 10.20
C ASP D 186 -9.58 25.37 11.65
N ASN D 187 -9.06 26.52 12.06
CA ASN D 187 -8.62 26.77 13.47
C ASN D 187 -9.78 27.42 14.25
N ARG D 188 -10.82 26.67 14.68
CA ARG D 188 -12.02 27.26 15.35
C ARG D 188 -11.88 27.23 16.88
N PRO D 189 -12.56 28.15 17.62
CA PRO D 189 -13.52 29.10 17.05
C PRO D 189 -12.87 30.38 16.48
N HIS D 190 -11.67 30.68 17.01
CA HIS D 190 -10.99 31.98 16.83
C HIS D 190 -10.54 32.14 15.37
N GLY D 191 -9.98 31.08 14.76
CA GLY D 191 -9.47 31.13 13.37
C GLY D 191 -10.57 31.47 12.40
N ARG D 192 -11.72 30.81 12.47
CA ARG D 192 -12.89 31.10 11.59
C ARG D 192 -13.33 32.56 11.77
N ASP D 193 -13.63 32.98 13.00
CA ASP D 193 -14.07 34.37 13.27
C ASP D 193 -13.00 35.36 12.74
N ALA D 194 -11.73 35.10 13.01
CA ALA D 194 -10.62 36.00 12.60
C ALA D 194 -10.52 36.12 11.06
N GLY D 195 -10.62 34.99 10.35
CA GLY D 195 -10.56 35.00 8.88
C GLY D 195 -11.75 35.71 8.30
N ILE D 196 -12.93 35.52 8.87
CA ILE D 196 -14.14 36.20 8.31
C ILE D 196 -14.03 37.70 8.59
N ALA D 197 -13.56 38.10 9.77
CA ALA D 197 -13.44 39.55 10.11
C ALA D 197 -12.40 40.19 9.17
N SER D 198 -11.34 39.46 8.83
CA SER D 198 -10.31 39.98 7.90
C SER D 198 -10.96 40.17 6.51
N ALA D 199 -11.75 39.18 6.03
CA ALA D 199 -12.42 39.27 4.72
C ALA D 199 -13.40 40.41 4.69
N ARG D 200 -14.16 40.63 5.78
CA ARG D 200 -15.14 41.73 5.81
C ARG D 200 -14.41 43.09 5.73
N ALA D 201 -13.27 43.24 6.41
CA ALA D 201 -12.49 44.50 6.37
C ALA D 201 -11.97 44.73 4.93
N GLN D 202 -11.49 43.68 4.23
CA GLN D 202 -11.08 43.71 2.78
C GLN D 202 -12.29 44.06 1.92
N ILE D 203 -13.45 43.44 2.17
CA ILE D 203 -14.69 43.77 1.42
C ILE D 203 -14.98 45.26 1.57
N ALA D 204 -14.87 45.82 2.77
CA ALA D 204 -15.32 47.22 2.97
C ALA D 204 -14.38 48.13 2.16
N ARG D 205 -13.07 47.92 2.25
CA ARG D 205 -12.05 48.69 1.47
C ARG D 205 -12.40 48.61 -0.02
N LEU D 206 -12.75 47.43 -0.55
CA LEU D 206 -12.99 47.26 -2.01
C LEU D 206 -14.33 47.84 -2.46
N ALA D 207 -15.39 47.75 -1.65
CA ALA D 207 -16.74 48.08 -2.17
C ALA D 207 -16.84 49.59 -2.43
N VAL D 208 -16.06 50.44 -1.77
CA VAL D 208 -16.17 51.93 -1.86
C VAL D 208 -15.54 52.43 -3.16
N GLN D 209 -14.76 51.60 -3.82
CA GLN D 209 -14.15 51.84 -5.15
C GLN D 209 -15.14 51.34 -6.21
N ALA E 11 38.38 -27.65 6.10
CA ALA E 11 37.42 -26.50 6.18
C ALA E 11 37.83 -25.32 5.28
N ASN E 12 36.89 -24.81 4.49
CA ASN E 12 37.00 -23.52 3.76
C ASN E 12 36.77 -22.37 4.77
N VAL E 13 37.81 -21.60 5.07
CA VAL E 13 37.77 -20.57 6.16
C VAL E 13 37.86 -19.19 5.50
N LEU E 14 36.83 -18.38 5.73
CA LEU E 14 36.78 -16.98 5.28
C LEU E 14 37.07 -16.11 6.51
N VAL E 15 38.13 -15.33 6.42
CA VAL E 15 38.70 -14.52 7.53
C VAL E 15 38.49 -13.04 7.18
N LEU E 16 37.78 -12.33 8.06
CA LEU E 16 37.50 -10.89 7.91
C LEU E 16 38.24 -10.18 9.04
N LYS E 17 39.17 -9.30 8.68
CA LYS E 17 39.85 -8.43 9.64
C LYS E 17 39.35 -6.98 9.38
N SER E 18 38.98 -6.26 10.46
CA SER E 18 38.39 -4.91 10.33
C SER E 18 39.12 -3.88 11.21
N SER E 19 40.08 -4.29 12.03
CA SER E 19 40.80 -3.37 12.94
C SER E 19 41.48 -2.27 12.11
N ILE E 20 41.60 -1.10 12.69
CA ILE E 20 42.36 0.00 12.07
C ILE E 20 43.76 0.09 12.68
N ASN E 21 44.18 -0.86 13.51
CA ASN E 21 45.45 -0.70 14.29
C ASN E 21 46.66 -1.39 13.62
N GLY E 22 46.50 -1.85 12.38
CA GLY E 22 47.57 -2.49 11.58
C GLY E 22 48.28 -3.62 12.31
N GLU E 23 49.61 -3.57 12.32
CA GLU E 23 50.45 -4.68 12.85
C GLU E 23 50.23 -4.73 14.36
N THR E 24 49.75 -3.65 14.99
CA THR E 24 49.50 -3.65 16.46
C THR E 24 48.11 -4.23 16.76
N SER E 25 47.30 -4.61 15.78
CA SER E 25 45.90 -5.04 16.02
C SER E 25 45.86 -6.26 16.93
N LEU E 26 45.14 -6.19 18.04
CA LEU E 26 44.97 -7.35 18.93
C LEU E 26 43.99 -8.34 18.32
N THR E 27 42.91 -7.89 17.67
CA THR E 27 41.95 -8.86 17.09
C THR E 27 42.60 -9.63 15.94
N ASN E 28 43.44 -8.98 15.15
CA ASN E 28 44.18 -9.68 14.06
C ASN E 28 45.16 -10.71 14.67
N GLN E 29 45.85 -10.35 15.74
CA GLN E 29 46.78 -11.25 16.44
C GLN E 29 45.96 -12.46 16.92
N LEU E 30 44.83 -12.25 17.59
CA LEU E 30 44.07 -13.37 18.16
C LEU E 30 43.45 -14.22 17.04
N ILE E 31 43.07 -13.61 15.92
CA ILE E 31 42.57 -14.39 14.76
C ILE E 31 43.70 -15.33 14.28
N ASN E 32 44.91 -14.81 14.15
CA ASN E 32 46.09 -15.60 13.70
C ASN E 32 46.35 -16.74 14.69
N GLU E 33 46.24 -16.47 15.98
CA GLU E 33 46.39 -17.49 17.05
C GLU E 33 45.29 -18.53 16.94
N PHE E 34 44.06 -18.13 16.67
CA PHE E 34 42.95 -19.12 16.54
C PHE E 34 43.24 -20.03 15.34
N LEU E 35 43.66 -19.47 14.19
CA LEU E 35 43.89 -20.29 12.97
C LEU E 35 45.06 -21.25 13.24
N ALA E 36 46.12 -20.78 13.94
CA ALA E 36 47.30 -21.59 14.33
C ALA E 36 46.86 -22.71 15.29
N ALA E 37 45.96 -22.41 16.23
CA ALA E 37 45.45 -23.43 17.19
C ALA E 37 44.64 -24.48 16.44
N ARG E 38 43.91 -24.08 15.39
CA ARG E 38 43.14 -25.05 14.57
C ARG E 38 44.14 -25.99 13.86
N GLN E 39 45.21 -25.43 13.32
CA GLN E 39 46.25 -26.21 12.59
C GLN E 39 46.91 -27.19 13.58
N ALA E 40 47.24 -26.74 14.77
CA ALA E 40 47.82 -27.61 15.82
C ALA E 40 46.87 -28.74 16.19
N ALA E 41 45.56 -28.51 16.08
CA ALA E 41 44.56 -29.54 16.42
C ALA E 41 44.40 -30.51 15.26
N GLY E 42 45.12 -30.28 14.17
CA GLY E 42 45.06 -31.21 13.04
C GLY E 42 44.11 -30.76 11.93
N HIS E 43 43.59 -29.53 12.02
CA HIS E 43 42.72 -29.01 10.94
C HIS E 43 43.57 -28.49 9.78
N GLY E 44 43.25 -28.92 8.56
CA GLY E 44 43.96 -28.42 7.36
C GLY E 44 43.08 -27.42 6.66
N ASP E 45 43.14 -26.17 7.11
CA ASP E 45 42.19 -25.15 6.60
C ASP E 45 42.65 -24.51 5.30
N ARG E 46 41.70 -24.21 4.41
CA ARG E 46 42.01 -23.44 3.18
C ARG E 46 41.55 -22.02 3.49
N LEU E 47 42.47 -21.05 3.45
CA LEU E 47 42.12 -19.70 3.92
C LEU E 47 41.88 -18.65 2.84
N THR E 48 40.75 -17.95 2.92
CA THR E 48 40.51 -16.73 2.12
C THR E 48 40.41 -15.58 3.12
N GLU E 49 41.31 -14.61 3.02
CA GLU E 49 41.49 -13.56 4.04
C GLU E 49 41.33 -12.19 3.39
N HIS E 50 40.52 -11.34 4.02
CA HIS E 50 40.33 -9.93 3.61
C HIS E 50 40.71 -9.07 4.80
N ASP E 51 41.67 -8.18 4.60
CA ASP E 51 41.86 -7.03 5.51
C ASP E 51 40.89 -5.92 5.04
N LEU E 52 39.70 -5.90 5.61
CA LEU E 52 38.63 -4.96 5.15
C LEU E 52 39.12 -3.52 5.32
N SER E 53 40.00 -3.26 6.30
CA SER E 53 40.56 -1.90 6.54
C SER E 53 41.36 -1.42 5.32
N ALA E 54 41.78 -2.32 4.44
CA ALA E 54 42.63 -1.94 3.30
C ALA E 54 41.83 -2.00 2.00
N MET E 55 40.54 -2.33 2.00
CA MET E 55 39.85 -2.65 0.74
C MET E 55 38.99 -1.49 0.25
N ALA E 56 38.88 -0.39 0.98
CA ALA E 56 38.09 0.81 0.61
C ALA E 56 36.69 0.38 0.13
N LEU E 57 35.99 -0.44 0.89
CA LEU E 57 34.62 -0.85 0.56
C LEU E 57 33.75 0.39 0.37
N PRO E 58 32.87 0.38 -0.63
CA PRO E 58 31.89 1.45 -0.78
C PRO E 58 30.85 1.47 0.36
N THR E 59 30.41 2.66 0.75
CA THR E 59 29.30 2.86 1.71
C THR E 59 27.96 2.59 0.99
N LEU E 60 26.99 2.02 1.69
CA LEU E 60 25.67 1.79 1.08
C LEU E 60 24.97 3.13 0.91
N ASP E 61 24.59 3.46 -0.32
CA ASP E 61 23.83 4.69 -0.64
C ASP E 61 22.63 4.28 -1.50
N ARG E 62 21.79 5.26 -1.84
CA ARG E 62 20.50 5.01 -2.51
C ARG E 62 20.73 4.29 -3.85
N PRO E 63 21.60 4.76 -4.76
CA PRO E 63 21.84 4.01 -6.01
C PRO E 63 22.43 2.60 -5.82
N LEU E 64 23.35 2.39 -4.89
CA LEU E 64 23.90 1.03 -4.68
C LEU E 64 22.81 0.14 -4.09
N PHE E 65 21.98 0.66 -3.21
CA PHE E 65 20.85 -0.13 -2.66
C PHE E 65 19.87 -0.55 -3.79
N ALA E 66 19.54 0.37 -4.70
CA ALA E 66 18.71 0.09 -5.91
C ALA E 66 19.39 -1.03 -6.73
N ALA E 67 20.67 -0.85 -7.06
CA ALA E 67 21.48 -1.82 -7.85
C ALA E 67 21.52 -3.17 -7.14
N LEU E 68 21.77 -3.22 -5.82
CA LEU E 68 21.78 -4.52 -5.09
C LEU E 68 20.37 -5.12 -5.04
N ARG E 69 19.42 -4.46 -5.72
CA ARG E 69 18.03 -4.97 -5.88
C ARG E 69 17.77 -5.14 -7.40
N GLY E 70 18.71 -4.83 -8.29
CA GLY E 70 18.51 -5.16 -9.71
C GLY E 70 18.56 -4.01 -10.71
N ALA E 71 18.84 -2.79 -10.27
CA ALA E 71 18.81 -1.69 -11.23
C ALA E 71 20.11 -1.71 -12.01
N VAL E 72 20.03 -1.48 -13.30
CA VAL E 72 21.26 -1.40 -14.12
C VAL E 72 21.75 0.05 -14.08
N ASP E 73 22.82 0.31 -13.33
CA ASP E 73 23.38 1.69 -13.22
C ASP E 73 24.65 1.75 -14.07
N PRO E 74 24.67 2.58 -15.13
CA PRO E 74 25.82 2.63 -16.03
C PRO E 74 27.03 3.22 -15.30
N GLN E 75 26.81 3.83 -14.14
CA GLN E 75 27.91 4.46 -13.38
C GLN E 75 28.93 3.37 -13.00
N PRO E 76 30.19 3.49 -13.42
CA PRO E 76 31.17 2.44 -13.17
C PRO E 76 31.29 2.08 -11.69
N ALA E 77 31.29 3.08 -10.82
CA ALA E 77 31.43 2.83 -9.38
C ALA E 77 30.36 1.84 -8.92
N ILE E 78 29.12 2.01 -9.40
CA ILE E 78 28.00 1.13 -8.94
C ILE E 78 28.22 -0.27 -9.51
N ARG E 79 28.61 -0.36 -10.78
CA ARG E 79 28.80 -1.68 -11.42
C ARG E 79 29.88 -2.47 -10.68
N GLU E 80 31.01 -1.84 -10.40
CA GLU E 80 32.15 -2.49 -9.67
C GLU E 80 31.71 -2.82 -8.24
N ALA E 81 30.96 -1.94 -7.57
CA ALA E 81 30.45 -2.22 -6.20
C ALA E 81 29.50 -3.43 -6.24
N VAL E 82 28.68 -3.56 -7.28
CA VAL E 82 27.75 -4.72 -7.38
C VAL E 82 28.55 -6.01 -7.60
N ALA E 83 29.56 -5.97 -8.45
CA ALA E 83 30.41 -7.14 -8.73
C ALA E 83 31.16 -7.54 -7.45
N LEU E 84 31.64 -6.56 -6.67
CA LEU E 84 32.30 -6.88 -5.38
C LEU E 84 31.29 -7.53 -4.42
N SER E 85 30.06 -7.01 -4.31
CA SER E 85 29.01 -7.68 -3.52
C SER E 85 28.90 -9.14 -3.98
N ASP E 86 28.74 -9.39 -5.29
CA ASP E 86 28.57 -10.78 -5.81
C ASP E 86 29.77 -11.62 -5.43
N GLN E 87 30.99 -11.08 -5.56
CA GLN E 87 32.23 -11.80 -5.14
C GLN E 87 32.19 -12.14 -3.65
N LEU E 88 31.88 -11.17 -2.79
CA LEU E 88 31.93 -11.39 -1.33
C LEU E 88 30.87 -12.41 -0.92
N ILE E 89 29.65 -12.34 -1.48
CA ILE E 89 28.59 -13.34 -1.16
C ILE E 89 29.05 -14.72 -1.64
N ALA E 90 29.61 -14.84 -2.84
CA ALA E 90 30.09 -16.17 -3.35
C ALA E 90 31.13 -16.76 -2.38
N GLU E 91 32.09 -15.95 -1.93
CA GLU E 91 33.09 -16.40 -0.92
C GLU E 91 32.35 -16.87 0.33
N LEU E 92 31.39 -16.08 0.82
CA LEU E 92 30.68 -16.48 2.06
C LEU E 92 29.98 -17.83 1.82
N LYS E 93 29.31 -18.00 0.69
CA LYS E 93 28.50 -19.24 0.44
C LYS E 93 29.42 -20.44 0.17
N ALA E 94 30.63 -20.23 -0.32
CA ALA E 94 31.66 -21.30 -0.48
C ALA E 94 32.32 -21.70 0.84
N SER E 95 32.09 -20.99 1.96
CA SER E 95 32.86 -21.19 3.20
C SER E 95 32.21 -22.25 4.09
N ASP E 96 32.96 -22.84 5.00
CA ASP E 96 32.40 -23.63 6.12
C ASP E 96 32.48 -22.83 7.43
N LEU E 97 33.52 -22.03 7.60
CA LEU E 97 33.85 -21.33 8.86
C LEU E 97 34.18 -19.87 8.55
N LEU E 98 33.46 -18.95 9.19
CA LEU E 98 33.61 -17.49 9.04
C LEU E 98 34.23 -16.99 10.34
N VAL E 99 35.43 -16.43 10.24
CA VAL E 99 36.19 -15.84 11.37
C VAL E 99 36.19 -14.32 11.16
N ILE E 100 35.66 -13.59 12.15
CA ILE E 100 35.44 -12.13 12.08
C ILE E 100 36.19 -11.42 13.21
N GLY E 101 37.05 -10.47 12.85
CA GLY E 101 37.60 -9.53 13.84
C GLY E 101 36.63 -8.38 14.01
N ALA E 102 36.12 -8.17 15.21
CA ALA E 102 35.13 -7.14 15.54
C ALA E 102 35.47 -6.52 16.91
N PRO E 103 36.59 -5.81 17.04
CA PRO E 103 36.85 -5.05 18.26
C PRO E 103 35.75 -3.98 18.39
N MET E 104 35.53 -3.50 19.61
CA MET E 104 34.50 -2.48 19.90
C MET E 104 35.11 -1.09 19.65
N TYR E 105 34.59 -0.40 18.67
CA TYR E 105 34.94 1.01 18.37
C TYR E 105 33.70 1.88 18.63
N ASN E 106 33.71 2.63 19.73
CA ASN E 106 32.57 3.52 20.04
C ASN E 106 31.27 2.72 20.16
N LEU E 107 31.29 1.63 20.92
CA LEU E 107 30.07 0.82 21.23
C LEU E 107 29.54 0.08 20.00
N ASN E 108 30.29 0.07 18.92
CA ASN E 108 29.84 -0.62 17.69
C ASN E 108 31.01 -1.42 17.09
N VAL E 109 30.80 -2.06 15.96
CA VAL E 109 31.93 -2.75 15.26
C VAL E 109 32.70 -1.69 14.46
N PRO E 110 33.88 -1.99 13.91
CA PRO E 110 34.55 -1.03 13.05
C PRO E 110 33.76 -0.81 11.75
N THR E 111 33.81 0.41 11.23
CA THR E 111 33.02 0.81 10.05
C THR E 111 33.30 -0.16 8.88
N ASP E 112 34.51 -0.66 8.69
CA ASP E 112 34.81 -1.53 7.51
C ASP E 112 34.10 -2.86 7.66
N LEU E 113 33.91 -3.38 8.87
CA LEU E 113 33.13 -4.64 9.03
C LEU E 113 31.66 -4.39 8.66
N LYS E 114 31.10 -3.31 9.17
CA LYS E 114 29.71 -2.93 8.86
C LYS E 114 29.52 -2.78 7.35
N LYS E 115 30.51 -2.24 6.64
CA LYS E 115 30.41 -2.03 5.18
C LYS E 115 30.33 -3.39 4.48
N TRP E 116 31.09 -4.39 4.96
CA TRP E 116 31.03 -5.77 4.42
C TRP E 116 29.61 -6.31 4.63
N PHE E 117 29.08 -6.24 5.83
CA PHE E 117 27.68 -6.68 6.07
C PHE E 117 26.72 -5.96 5.13
N ASP E 118 26.89 -4.68 4.85
CA ASP E 118 25.93 -3.96 3.98
C ASP E 118 26.05 -4.44 2.55
N LEU E 119 27.13 -5.09 2.19
CA LEU E 119 27.30 -5.63 0.81
C LEU E 119 26.84 -7.08 0.74
N VAL E 120 26.79 -7.82 1.84
CA VAL E 120 26.53 -9.29 1.82
C VAL E 120 25.09 -9.59 2.23
N ALA E 121 24.50 -8.81 3.13
CA ALA E 121 23.14 -9.08 3.67
C ALA E 121 22.17 -8.47 2.67
N ARG E 122 21.65 -9.29 1.79
CA ARG E 122 21.09 -8.80 0.51
C ARG E 122 19.93 -9.72 0.05
N ALA E 123 18.77 -9.14 -0.24
CA ALA E 123 17.54 -9.91 -0.51
C ALA E 123 17.79 -10.73 -1.77
N ARG E 124 17.26 -11.94 -1.80
CA ARG E 124 17.37 -12.90 -2.93
C ARG E 124 18.76 -13.55 -2.94
N GLU E 125 19.77 -13.01 -2.24
CA GLU E 125 21.16 -13.55 -2.26
C GLU E 125 21.48 -14.29 -0.96
N THR E 126 21.35 -13.64 0.21
CA THR E 126 21.69 -14.28 1.51
C THR E 126 20.47 -14.38 2.44
N PHE E 127 19.34 -13.77 2.08
CA PHE E 127 18.06 -13.98 2.78
C PHE E 127 16.90 -13.82 1.79
N ARG E 128 15.74 -14.37 2.15
CA ARG E 128 14.51 -14.19 1.34
C ARG E 128 13.38 -13.83 2.29
N TYR E 129 12.43 -13.02 1.85
CA TYR E 129 11.31 -12.59 2.73
C TYR E 129 10.31 -13.73 2.92
N THR E 130 9.65 -13.79 4.08
CA THR E 130 8.63 -14.83 4.37
C THR E 130 7.34 -14.20 4.89
N GLU E 131 6.41 -15.03 5.40
CA GLU E 131 5.13 -14.54 5.98
C GLU E 131 5.41 -13.93 7.35
N SER E 132 6.53 -14.27 7.96
CA SER E 132 6.93 -13.67 9.25
C SER E 132 8.38 -13.21 9.15
N TRP E 133 9.27 -13.80 9.94
CA TRP E 133 10.70 -13.40 9.94
C TRP E 133 11.38 -13.85 8.64
N PRO E 134 12.31 -13.06 8.07
CA PRO E 134 13.00 -13.45 6.85
C PRO E 134 13.72 -14.80 6.98
N GLN E 135 14.00 -15.45 5.85
CA GLN E 135 14.71 -16.76 5.86
C GLN E 135 16.09 -16.64 5.24
N GLY E 136 17.11 -17.08 5.97
CA GLY E 136 18.50 -17.02 5.48
C GLY E 136 18.73 -18.08 4.44
N LEU E 137 19.52 -17.78 3.43
CA LEU E 137 19.87 -18.68 2.32
C LEU E 137 21.29 -19.21 2.44
N VAL E 138 22.06 -18.77 3.45
CA VAL E 138 23.46 -19.24 3.61
C VAL E 138 23.42 -20.53 4.43
N GLU E 139 23.81 -21.65 3.81
CA GLU E 139 23.78 -23.01 4.41
C GLU E 139 25.21 -23.50 4.68
N GLY E 140 25.39 -24.16 5.81
CA GLY E 140 26.64 -24.88 6.18
C GLY E 140 27.74 -23.96 6.67
N VAL E 141 27.41 -22.76 7.13
CA VAL E 141 28.44 -21.78 7.58
C VAL E 141 28.19 -21.52 9.05
N ARG E 142 29.21 -21.76 9.88
N ARG E 142 29.25 -21.65 9.85
CA ARG E 142 29.28 -21.36 11.30
CA ARG E 142 29.20 -21.27 11.27
C ARG E 142 30.23 -20.15 11.42
C ARG E 142 30.19 -20.11 11.40
N ALA E 143 30.16 -19.40 12.52
CA ALA E 143 31.03 -18.21 12.68
C ALA E 143 31.71 -18.23 14.03
N VAL E 144 32.92 -17.68 14.04
CA VAL E 144 33.72 -17.36 15.26
C VAL E 144 34.05 -15.88 15.20
N VAL E 145 33.61 -15.15 16.22
CA VAL E 145 33.88 -13.69 16.36
C VAL E 145 34.92 -13.45 17.42
N VAL E 146 35.97 -12.74 17.06
CA VAL E 146 37.03 -12.26 17.98
C VAL E 146 36.77 -10.77 18.24
N SER E 147 36.38 -10.42 19.47
CA SER E 147 35.99 -9.04 19.85
C SER E 147 36.74 -8.64 21.12
N SER E 148 37.73 -7.77 20.99
CA SER E 148 38.41 -7.14 22.14
C SER E 148 37.76 -5.79 22.47
N ARG E 149 37.90 -5.38 23.71
CA ARG E 149 37.30 -4.14 24.25
C ARG E 149 38.24 -3.56 25.30
N GLY E 150 38.32 -2.24 25.37
CA GLY E 150 39.06 -1.55 26.44
C GLY E 150 38.41 -1.70 27.78
N GLY E 151 37.08 -1.60 27.83
CA GLY E 151 36.32 -1.78 29.08
C GLY E 151 35.74 -3.17 29.19
N ILE E 152 34.80 -3.34 30.10
CA ILE E 152 34.21 -4.67 30.38
C ILE E 152 32.74 -4.58 30.04
N HIS E 153 32.29 -5.32 29.02
CA HIS E 153 30.90 -5.27 28.49
C HIS E 153 30.20 -6.63 28.44
N GLN E 154 30.88 -7.75 28.57
CA GLN E 154 30.25 -9.06 28.28
C GLN E 154 29.02 -9.22 29.19
N GLY E 155 27.87 -9.59 28.61
CA GLY E 155 26.59 -9.73 29.33
C GLY E 155 26.05 -8.42 29.91
N GLU E 156 26.58 -7.25 29.53
CA GLU E 156 26.04 -5.93 29.99
C GLU E 156 25.26 -5.30 28.84
N THR E 157 24.44 -4.31 29.19
CA THR E 157 23.60 -3.59 28.20
C THR E 157 24.48 -2.78 27.26
N THR E 158 25.72 -2.48 27.63
CA THR E 158 26.61 -1.65 26.79
C THR E 158 27.25 -2.51 25.70
N ASP E 159 27.06 -3.84 25.69
CA ASP E 159 27.54 -4.71 24.59
C ASP E 159 26.44 -4.84 23.55
N ALA E 160 26.42 -3.93 22.58
CA ALA E 160 25.54 -4.02 21.39
C ALA E 160 26.23 -4.81 20.30
N VAL E 161 27.54 -4.93 20.35
CA VAL E 161 28.30 -5.63 19.30
C VAL E 161 27.81 -7.10 19.21
N THR E 162 27.72 -7.77 20.36
CA THR E 162 27.36 -9.22 20.40
C THR E 162 25.99 -9.42 19.77
N PRO E 163 24.91 -8.77 20.25
CA PRO E 163 23.58 -8.99 19.68
C PRO E 163 23.49 -8.54 18.23
N TYR E 164 24.23 -7.48 17.86
CA TYR E 164 24.24 -7.02 16.46
C TYR E 164 24.72 -8.18 15.60
N LEU E 165 25.88 -8.73 15.94
CA LEU E 165 26.52 -9.72 15.06
C LEU E 165 25.69 -11.00 15.04
N ARG E 166 25.14 -11.39 16.19
CA ARG E 166 24.24 -12.60 16.22
C ARG E 166 23.04 -12.37 15.31
N ALA E 167 22.49 -11.16 15.27
CA ALA E 167 21.27 -10.83 14.50
C ALA E 167 21.55 -10.74 13.01
N VAL E 168 22.65 -10.12 12.60
CA VAL E 168 22.89 -9.94 11.15
C VAL E 168 23.39 -11.28 10.56
N LEU E 169 24.18 -12.02 11.31
CA LEU E 169 24.58 -13.40 10.91
C LEU E 169 23.33 -14.31 10.86
N GLY E 170 22.43 -14.22 11.85
CA GLY E 170 21.14 -14.94 11.89
C GLY E 170 20.28 -14.64 10.68
N LEU E 171 20.18 -13.37 10.27
CA LEU E 171 19.34 -12.97 9.12
C LEU E 171 19.76 -13.79 7.90
N MET E 172 21.06 -14.03 7.73
CA MET E 172 21.59 -14.70 6.52
C MET E 172 21.58 -16.23 6.71
N GLY E 173 21.18 -16.72 7.87
CA GLY E 173 21.06 -18.18 8.11
C GLY E 173 22.25 -18.76 8.83
N ILE E 174 23.06 -17.90 9.45
CA ILE E 174 24.25 -18.33 10.23
C ILE E 174 23.87 -18.27 11.70
N GLN E 175 23.39 -19.41 12.21
CA GLN E 175 22.74 -19.53 13.51
C GLN E 175 23.77 -19.89 14.57
N GLU E 176 24.88 -20.54 14.19
CA GLU E 176 25.93 -20.97 15.14
C GLU E 176 27.06 -19.94 15.12
N VAL E 177 27.17 -19.19 16.22
CA VAL E 177 28.14 -18.08 16.34
C VAL E 177 28.75 -18.16 17.71
N GLU E 178 30.08 -18.33 17.73
CA GLU E 178 30.90 -18.37 18.96
C GLU E 178 31.70 -17.07 19.05
N PHE E 179 31.87 -16.59 20.26
CA PHE E 179 32.59 -15.33 20.55
C PHE E 179 33.81 -15.64 21.39
N ILE E 180 34.93 -15.06 20.97
CA ILE E 180 36.18 -14.94 21.76
C ILE E 180 36.28 -13.50 22.22
N TYR E 181 36.26 -13.26 23.53
CA TYR E 181 36.31 -11.91 24.14
C TYR E 181 37.66 -11.69 24.81
N ALA E 182 38.21 -10.51 24.60
CA ALA E 182 39.32 -9.97 25.41
C ALA E 182 38.93 -8.59 25.92
N GLU E 183 38.54 -8.48 27.20
CA GLU E 183 37.95 -7.25 27.78
C GLU E 183 38.84 -6.67 28.87
N GLY E 184 38.62 -5.39 29.18
CA GLY E 184 39.31 -4.70 30.27
C GLY E 184 40.73 -4.37 29.92
N LEU E 185 41.00 -4.23 28.64
CA LEU E 185 42.38 -4.01 28.14
C LEU E 185 42.83 -2.59 28.44
N ASP E 186 41.94 -1.66 28.74
CA ASP E 186 42.39 -0.28 29.07
C ASP E 186 42.87 -0.26 30.53
N ASN E 187 42.49 -1.24 31.36
CA ASN E 187 42.73 -1.25 32.83
C ASN E 187 44.14 -1.76 33.13
N ARG E 188 45.05 -1.73 32.15
CA ARG E 188 46.49 -2.10 32.27
C ARG E 188 47.09 -1.40 33.49
N PRO E 189 48.08 -2.02 34.19
CA PRO E 189 48.89 -3.12 33.61
C PRO E 189 48.22 -4.51 33.57
N HIS E 190 47.48 -4.87 34.62
CA HIS E 190 46.89 -6.22 34.84
C HIS E 190 45.70 -6.50 33.91
N GLY E 191 44.98 -5.46 33.46
CA GLY E 191 43.75 -5.64 32.66
C GLY E 191 44.05 -6.32 31.34
N ARG E 192 45.01 -5.78 30.59
CA ARG E 192 45.40 -6.25 29.24
C ARG E 192 45.78 -7.73 29.35
N ASP E 193 46.70 -8.06 30.25
CA ASP E 193 47.21 -9.45 30.40
C ASP E 193 46.02 -10.38 30.69
N ALA E 194 45.15 -10.03 31.63
CA ALA E 194 44.02 -10.91 32.02
C ALA E 194 43.03 -11.10 30.85
N GLY E 195 42.78 -10.05 30.08
CA GLY E 195 41.81 -10.19 28.98
C GLY E 195 42.37 -11.10 27.88
N ILE E 196 43.63 -10.86 27.50
CA ILE E 196 44.30 -11.66 26.45
C ILE E 196 44.37 -13.12 26.87
N ALA E 197 44.64 -13.39 28.16
CA ALA E 197 44.65 -14.76 28.73
C ALA E 197 43.25 -15.37 28.60
N SER E 198 42.21 -14.63 28.92
CA SER E 198 40.85 -15.21 28.84
C SER E 198 40.52 -15.54 27.37
N ALA E 199 40.92 -14.69 26.44
CA ALA E 199 40.73 -14.91 24.98
C ALA E 199 41.50 -16.16 24.54
N ARG E 200 42.75 -16.30 24.99
CA ARG E 200 43.59 -17.47 24.60
C ARG E 200 42.98 -18.78 25.13
N ALA E 201 42.45 -18.76 26.37
CA ALA E 201 41.71 -19.91 26.95
C ALA E 201 40.50 -20.26 26.06
N GLN E 202 39.73 -19.27 25.58
CA GLN E 202 38.58 -19.59 24.71
C GLN E 202 39.06 -20.10 23.33
N ILE E 203 40.06 -19.48 22.75
CA ILE E 203 40.67 -19.95 21.46
C ILE E 203 41.02 -21.45 21.57
N ALA E 204 41.64 -21.86 22.68
CA ALA E 204 42.10 -23.26 22.86
C ALA E 204 40.88 -24.20 22.85
N ARG E 205 39.81 -23.82 23.57
CA ARG E 205 38.53 -24.58 23.66
C ARG E 205 37.93 -24.74 22.26
N LEU E 206 37.81 -23.66 21.49
CA LEU E 206 37.12 -23.65 20.18
C LEU E 206 37.98 -24.29 19.09
N ALA E 207 39.31 -24.24 19.20
CA ALA E 207 40.21 -24.72 18.12
C ALA E 207 40.06 -26.25 17.84
N VAL E 208 39.60 -27.04 18.82
CA VAL E 208 39.58 -28.53 18.70
C VAL E 208 38.31 -29.04 18.01
N GLN E 209 37.22 -28.29 18.08
CA GLN E 209 36.00 -28.68 17.32
C GLN E 209 36.27 -28.57 15.82
N ALA E 210 35.69 -29.47 15.03
CA ALA E 210 35.91 -29.46 13.57
C ALA E 210 35.68 -28.06 12.99
N ALA F 11 -44.85 1.34 43.67
CA ALA F 11 -43.56 0.58 43.70
C ALA F 11 -42.38 1.55 43.76
N ASN F 12 -41.29 1.14 44.41
CA ASN F 12 -39.99 1.85 44.39
C ASN F 12 -39.27 1.40 43.12
N VAL F 13 -39.13 2.31 42.17
CA VAL F 13 -38.60 1.89 40.84
C VAL F 13 -37.21 2.48 40.71
N LEU F 14 -36.22 1.62 40.48
CA LEU F 14 -34.84 2.09 40.19
C LEU F 14 -34.64 2.05 38.67
N VAL F 15 -34.36 3.20 38.06
CA VAL F 15 -34.26 3.38 36.59
C VAL F 15 -32.79 3.65 36.21
N LEU F 16 -32.22 2.79 35.38
CA LEU F 16 -30.82 2.92 34.87
C LEU F 16 -30.91 3.20 33.37
N LYS F 17 -30.48 4.38 32.95
CA LYS F 17 -30.31 4.73 31.52
C LYS F 17 -28.82 4.67 31.15
N SER F 18 -28.47 3.96 30.09
CA SER F 18 -27.04 3.77 29.70
C SER F 18 -26.72 4.20 28.25
N SER F 19 -27.70 4.61 27.47
CA SER F 19 -27.48 5.05 26.07
C SER F 19 -26.54 6.25 26.04
N ILE F 20 -25.78 6.36 24.95
CA ILE F 20 -24.89 7.54 24.73
C ILE F 20 -25.55 8.52 23.75
N ASN F 21 -26.82 8.29 23.38
CA ASN F 21 -27.52 9.04 22.30
C ASN F 21 -28.30 10.23 22.84
N GLY F 22 -28.18 10.53 24.13
CA GLY F 22 -28.73 11.72 24.80
C GLY F 22 -30.23 11.81 24.55
N GLU F 23 -30.69 12.98 24.13
CA GLU F 23 -32.13 13.26 23.89
C GLU F 23 -32.66 12.42 22.72
N THR F 24 -31.82 11.81 21.90
CA THR F 24 -32.31 10.98 20.76
C THR F 24 -32.36 9.50 21.16
N SER F 25 -32.06 9.14 22.41
CA SER F 25 -31.96 7.72 22.83
C SER F 25 -33.34 7.05 22.66
N LEU F 26 -33.38 5.97 21.93
CA LEU F 26 -34.64 5.19 21.81
C LEU F 26 -34.90 4.41 23.11
N THR F 27 -33.90 3.77 23.70
CA THR F 27 -34.13 3.03 24.97
C THR F 27 -34.62 4.00 26.03
N ASN F 28 -34.11 5.23 26.12
CA ASN F 28 -34.59 6.20 27.12
C ASN F 28 -36.04 6.58 26.82
N GLN F 29 -36.36 6.84 25.56
CA GLN F 29 -37.76 7.13 25.17
C GLN F 29 -38.68 5.96 25.58
N LEU F 30 -38.32 4.72 25.26
CA LEU F 30 -39.13 3.51 25.60
C LEU F 30 -39.23 3.30 27.12
N ILE F 31 -38.16 3.54 27.86
CA ILE F 31 -38.25 3.51 29.34
C ILE F 31 -39.31 4.53 29.78
N ASN F 32 -39.21 5.77 29.30
CA ASN F 32 -40.18 6.81 29.71
C ASN F 32 -41.62 6.34 29.36
N GLU F 33 -41.84 5.76 28.18
CA GLU F 33 -43.19 5.29 27.73
C GLU F 33 -43.64 4.15 28.65
N PHE F 34 -42.72 3.28 29.05
CA PHE F 34 -43.01 2.18 30.01
C PHE F 34 -43.50 2.77 31.34
N LEU F 35 -42.77 3.75 31.89
CA LEU F 35 -43.14 4.40 33.18
C LEU F 35 -44.48 5.12 33.03
N ALA F 36 -44.69 5.83 31.91
CA ALA F 36 -45.99 6.48 31.61
C ALA F 36 -47.12 5.43 31.53
N ALA F 37 -46.88 4.28 30.90
CA ALA F 37 -47.87 3.18 30.76
C ALA F 37 -48.20 2.59 32.14
N ARG F 38 -47.21 2.48 33.03
CA ARG F 38 -47.44 2.02 34.43
C ARG F 38 -48.32 3.04 35.17
N GLN F 39 -48.06 4.34 35.04
CA GLN F 39 -48.87 5.40 35.67
C GLN F 39 -50.31 5.38 35.13
N ALA F 40 -50.47 5.14 33.82
CA ALA F 40 -51.78 4.99 33.15
C ALA F 40 -52.52 3.82 33.78
N ALA F 41 -51.85 2.72 34.09
CA ALA F 41 -52.48 1.50 34.65
C ALA F 41 -52.80 1.68 36.15
N GLY F 42 -52.51 2.84 36.73
CA GLY F 42 -52.87 3.17 38.13
C GLY F 42 -51.74 2.90 39.12
N HIS F 43 -50.52 2.60 38.67
CA HIS F 43 -49.33 2.49 39.56
C HIS F 43 -48.86 3.90 39.91
N GLY F 44 -48.68 4.20 41.20
CA GLY F 44 -48.08 5.45 41.69
C GLY F 44 -46.62 5.18 42.05
N ASP F 45 -45.74 5.21 41.06
CA ASP F 45 -44.33 4.78 41.21
C ASP F 45 -43.53 5.89 41.92
N ARG F 46 -42.60 5.51 42.80
CA ARG F 46 -41.57 6.40 43.37
C ARG F 46 -40.27 6.12 42.62
N LEU F 47 -39.82 7.08 41.81
CA LEU F 47 -38.67 6.88 40.86
C LEU F 47 -37.35 7.29 41.50
N THR F 48 -36.36 6.40 41.44
CA THR F 48 -34.92 6.75 41.56
C THR F 48 -34.26 6.49 40.21
N GLU F 49 -33.79 7.54 39.55
CA GLU F 49 -33.32 7.42 38.14
C GLU F 49 -31.85 7.84 38.07
N HIS F 50 -31.01 7.01 37.45
CA HIS F 50 -29.61 7.37 37.10
C HIS F 50 -29.47 7.35 35.57
N ASP F 51 -29.00 8.46 34.99
CA ASP F 51 -28.33 8.46 33.67
C ASP F 51 -26.87 8.03 33.88
N LEU F 52 -26.58 6.75 33.80
CA LEU F 52 -25.22 6.18 33.98
C LEU F 52 -24.24 6.82 32.97
N SER F 53 -24.72 7.24 31.80
CA SER F 53 -23.88 7.90 30.77
C SER F 53 -23.28 9.20 31.30
N ALA F 54 -23.94 9.86 32.27
CA ALA F 54 -23.50 11.18 32.81
C ALA F 54 -22.79 11.05 34.18
N MET F 55 -22.55 9.84 34.69
CA MET F 55 -22.10 9.67 36.10
C MET F 55 -20.60 9.34 36.18
N ALA F 56 -19.91 9.07 35.07
CA ALA F 56 -18.45 8.78 35.07
C ALA F 56 -18.11 7.74 36.15
N LEU F 57 -18.83 6.64 36.14
CA LEU F 57 -18.60 5.54 37.08
C LEU F 57 -17.15 5.06 36.95
N PRO F 58 -16.50 4.66 38.06
CA PRO F 58 -15.18 4.05 37.99
C PRO F 58 -15.16 2.66 37.33
N THR F 59 -14.07 2.38 36.64
CA THR F 59 -13.81 1.05 36.06
C THR F 59 -13.26 0.14 37.15
N LEU F 60 -13.66 -1.13 37.15
CA LEU F 60 -13.05 -2.14 38.03
C LEU F 60 -11.58 -2.35 37.62
N ASP F 61 -10.67 -2.02 38.52
CA ASP F 61 -9.22 -2.30 38.39
C ASP F 61 -8.78 -3.06 39.66
N ARG F 62 -7.51 -3.46 39.73
CA ARG F 62 -7.01 -4.32 40.84
C ARG F 62 -7.27 -3.66 42.20
N PRO F 63 -6.89 -2.40 42.44
CA PRO F 63 -7.09 -1.80 43.75
C PRO F 63 -8.57 -1.66 44.16
N LEU F 64 -9.44 -1.33 43.20
CA LEU F 64 -10.88 -1.18 43.52
C LEU F 64 -11.43 -2.57 43.81
N PHE F 65 -11.04 -3.57 43.02
CA PHE F 65 -11.52 -4.94 43.26
C PHE F 65 -11.13 -5.39 44.68
N ALA F 66 -9.87 -5.23 45.05
CA ALA F 66 -9.36 -5.52 46.42
C ALA F 66 -10.21 -4.75 47.45
N ALA F 67 -10.44 -3.45 47.23
CA ALA F 67 -11.17 -2.58 48.18
C ALA F 67 -12.61 -3.07 48.32
N LEU F 68 -13.22 -3.57 47.24
CA LEU F 68 -14.63 -4.02 47.28
C LEU F 68 -14.68 -5.40 47.95
N ARG F 69 -13.54 -6.09 48.03
CA ARG F 69 -13.43 -7.41 48.71
C ARG F 69 -13.12 -7.18 50.20
N GLY F 70 -12.87 -5.93 50.61
CA GLY F 70 -12.73 -5.59 52.03
C GLY F 70 -11.37 -5.02 52.37
N ALA F 71 -10.45 -4.99 51.42
CA ALA F 71 -9.12 -4.39 51.66
C ALA F 71 -9.26 -2.94 52.12
N VAL F 72 -8.38 -2.50 53.01
CA VAL F 72 -8.38 -1.08 53.43
C VAL F 72 -7.46 -0.34 52.46
N ASP F 73 -8.00 0.63 51.74
CA ASP F 73 -7.18 1.46 50.84
C ASP F 73 -7.47 2.91 51.19
N PRO F 74 -6.47 3.67 51.65
CA PRO F 74 -6.71 5.04 52.08
C PRO F 74 -6.89 5.97 50.88
N GLN F 75 -6.48 5.51 49.70
CA GLN F 75 -6.56 6.37 48.50
C GLN F 75 -7.95 6.98 48.48
N PRO F 76 -8.09 8.32 48.43
CA PRO F 76 -9.40 8.92 48.50
C PRO F 76 -10.27 8.35 47.36
N ALA F 77 -9.77 8.39 46.13
CA ALA F 77 -10.54 7.92 44.96
C ALA F 77 -11.15 6.54 45.23
N ILE F 78 -10.36 5.63 45.79
CA ILE F 78 -10.86 4.24 46.00
C ILE F 78 -11.84 4.22 47.17
N ARG F 79 -11.64 5.06 48.19
CA ARG F 79 -12.62 5.21 49.32
C ARG F 79 -13.97 5.67 48.74
N GLU F 80 -13.97 6.74 47.94
CA GLU F 80 -15.23 7.29 47.36
C GLU F 80 -15.82 6.31 46.32
N ALA F 81 -15.02 5.49 45.64
CA ALA F 81 -15.54 4.43 44.73
C ALA F 81 -16.25 3.33 45.55
N VAL F 82 -15.69 2.93 46.69
CA VAL F 82 -16.33 1.93 47.59
C VAL F 82 -17.65 2.50 48.12
N ALA F 83 -17.67 3.78 48.50
CA ALA F 83 -18.84 4.48 49.03
C ALA F 83 -19.91 4.47 47.94
N LEU F 84 -19.50 4.73 46.69
CA LEU F 84 -20.45 4.76 45.55
C LEU F 84 -21.03 3.36 45.38
N SER F 85 -20.19 2.33 45.40
CA SER F 85 -20.65 0.93 45.36
C SER F 85 -21.74 0.70 46.44
N ASP F 86 -21.46 1.09 47.68
CA ASP F 86 -22.37 0.85 48.83
C ASP F 86 -23.70 1.57 48.56
N GLN F 87 -23.65 2.83 48.12
CA GLN F 87 -24.87 3.62 47.80
C GLN F 87 -25.69 2.91 46.71
N LEU F 88 -25.05 2.49 45.60
CA LEU F 88 -25.77 1.87 44.45
C LEU F 88 -26.42 0.57 44.90
N ILE F 89 -25.69 -0.27 45.68
CA ILE F 89 -26.23 -1.55 46.21
C ILE F 89 -27.44 -1.27 47.11
N ALA F 90 -27.40 -0.22 47.92
CA ALA F 90 -28.48 0.12 48.87
C ALA F 90 -29.73 0.54 48.06
N GLU F 91 -29.58 1.38 47.05
CA GLU F 91 -30.69 1.74 46.11
C GLU F 91 -31.28 0.45 45.51
N LEU F 92 -30.44 -0.46 45.04
CA LEU F 92 -30.90 -1.74 44.43
C LEU F 92 -31.75 -2.52 45.46
N LYS F 93 -31.24 -2.65 46.69
CA LYS F 93 -31.90 -3.48 47.74
C LYS F 93 -33.22 -2.81 48.20
N ALA F 94 -33.27 -1.48 48.19
CA ALA F 94 -34.46 -0.64 48.49
C ALA F 94 -35.52 -0.69 47.38
N SER F 95 -35.24 -1.26 46.21
CA SER F 95 -36.18 -1.13 45.06
C SER F 95 -37.12 -2.33 45.07
N ASP F 96 -38.28 -2.23 44.43
CA ASP F 96 -39.10 -3.39 44.03
C ASP F 96 -38.88 -3.70 42.55
N LEU F 97 -38.72 -2.66 41.74
CA LEU F 97 -38.64 -2.81 40.26
C LEU F 97 -37.39 -2.09 39.75
N LEU F 98 -36.54 -2.83 39.07
CA LEU F 98 -35.34 -2.29 38.38
C LEU F 98 -35.63 -2.24 36.87
N VAL F 99 -35.56 -1.02 36.30
CA VAL F 99 -35.77 -0.79 34.87
C VAL F 99 -34.42 -0.40 34.25
N ILE F 100 -34.00 -1.14 33.25
CA ILE F 100 -32.62 -1.02 32.70
C ILE F 100 -32.72 -0.68 31.22
N GLY F 101 -32.06 0.42 30.81
CA GLY F 101 -31.82 0.67 29.37
C GLY F 101 -30.56 -0.03 28.95
N ALA F 102 -30.68 -0.97 28.04
CA ALA F 102 -29.57 -1.83 27.56
C ALA F 102 -29.62 -1.98 26.05
N PRO F 103 -29.44 -0.88 25.28
CA PRO F 103 -29.28 -1.02 23.83
C PRO F 103 -28.02 -1.84 23.54
N MET F 104 -28.04 -2.59 22.45
CA MET F 104 -26.92 -3.42 21.98
C MET F 104 -25.88 -2.48 21.35
N TYR F 105 -24.70 -2.39 21.97
CA TYR F 105 -23.54 -1.69 21.34
C TYR F 105 -22.43 -2.71 21.11
N ASN F 106 -22.10 -3.00 19.86
CA ASN F 106 -21.01 -3.95 19.53
C ASN F 106 -21.27 -5.31 20.19
N LEU F 107 -22.49 -5.83 20.09
CA LEU F 107 -22.86 -7.18 20.58
C LEU F 107 -22.86 -7.27 22.12
N ASN F 108 -22.77 -6.13 22.77
CA ASN F 108 -22.76 -6.11 24.26
C ASN F 108 -23.64 -4.97 24.76
N VAL F 109 -23.71 -4.80 26.08
CA VAL F 109 -24.41 -3.64 26.66
C VAL F 109 -23.51 -2.41 26.59
N PRO F 110 -24.04 -1.21 26.85
CA PRO F 110 -23.20 -0.02 26.87
C PRO F 110 -22.25 -0.09 28.05
N THR F 111 -21.05 0.43 27.84
CA THR F 111 -19.98 0.33 28.87
C THR F 111 -20.45 0.89 30.22
N ASP F 112 -21.22 1.97 30.27
CA ASP F 112 -21.63 2.59 31.56
C ASP F 112 -22.59 1.67 32.32
N LEU F 113 -23.32 0.81 31.62
CA LEU F 113 -24.19 -0.22 32.30
C LEU F 113 -23.30 -1.32 32.88
N LYS F 114 -22.37 -1.83 32.09
CA LYS F 114 -21.38 -2.80 32.56
C LYS F 114 -20.70 -2.26 33.83
N LYS F 115 -20.38 -0.97 33.89
CA LYS F 115 -19.62 -0.37 35.03
C LYS F 115 -20.50 -0.46 36.29
N TRP F 116 -21.79 -0.18 36.13
CA TRP F 116 -22.77 -0.29 37.22
C TRP F 116 -22.77 -1.71 37.78
N PHE F 117 -22.84 -2.71 36.90
CA PHE F 117 -22.84 -4.13 37.35
C PHE F 117 -21.53 -4.47 38.08
N ASP F 118 -20.40 -3.94 37.63
CA ASP F 118 -19.10 -4.31 38.27
C ASP F 118 -19.05 -3.63 39.65
N LEU F 119 -19.88 -2.63 39.92
CA LEU F 119 -19.89 -1.91 41.23
C LEU F 119 -20.92 -2.53 42.20
N VAL F 120 -21.89 -3.31 41.70
CA VAL F 120 -23.01 -3.80 42.56
C VAL F 120 -22.97 -5.33 42.67
N ALA F 121 -22.46 -6.04 41.67
CA ALA F 121 -22.27 -7.49 41.74
C ALA F 121 -21.02 -7.76 42.59
N ARG F 122 -21.22 -8.01 43.89
CA ARG F 122 -20.15 -7.92 44.93
C ARG F 122 -20.41 -8.98 46.01
N ALA F 123 -19.40 -9.81 46.27
CA ALA F 123 -19.47 -10.86 47.31
C ALA F 123 -19.82 -10.22 48.66
N ARG F 124 -20.68 -10.89 49.43
CA ARG F 124 -21.12 -10.46 50.78
C ARG F 124 -22.15 -9.33 50.71
N GLU F 125 -22.34 -8.69 49.56
CA GLU F 125 -23.30 -7.55 49.43
C GLU F 125 -24.53 -8.03 48.63
N THR F 126 -24.34 -8.52 47.40
CA THR F 126 -25.49 -8.90 46.53
C THR F 126 -25.44 -10.37 46.21
N PHE F 127 -24.33 -11.05 46.50
CA PHE F 127 -24.24 -12.52 46.45
C PHE F 127 -23.28 -13.02 47.56
N ARG F 128 -23.33 -14.31 47.84
CA ARG F 128 -22.35 -14.98 48.73
C ARG F 128 -21.92 -16.29 48.08
N TYR F 129 -20.64 -16.64 48.27
CA TYR F 129 -20.09 -17.95 47.86
C TYR F 129 -20.72 -19.04 48.73
N THR F 130 -20.86 -20.24 48.18
CA THR F 130 -21.44 -21.38 48.92
C THR F 130 -20.56 -22.62 48.67
N GLU F 131 -20.91 -23.73 49.31
CA GLU F 131 -20.37 -25.07 49.02
C GLU F 131 -20.65 -25.42 47.54
N SER F 132 -21.67 -24.81 46.92
CA SER F 132 -22.09 -25.05 45.51
C SER F 132 -22.13 -23.73 44.72
N TRP F 133 -23.25 -23.46 44.01
CA TRP F 133 -23.45 -22.21 43.22
C TRP F 133 -23.50 -21.02 44.17
N PRO F 134 -23.14 -19.80 43.69
CA PRO F 134 -23.27 -18.60 44.51
C PRO F 134 -24.77 -18.29 44.66
N GLN F 135 -25.20 -17.78 45.80
CA GLN F 135 -26.62 -17.42 46.05
C GLN F 135 -26.75 -15.93 46.10
N GLY F 136 -27.79 -15.38 45.45
CA GLY F 136 -28.10 -13.94 45.48
C GLY F 136 -28.58 -13.52 46.86
N LEU F 137 -28.32 -12.28 47.25
CA LEU F 137 -28.75 -11.70 48.54
C LEU F 137 -29.77 -10.60 48.29
N VAL F 138 -30.07 -10.26 47.03
CA VAL F 138 -31.01 -9.14 46.74
C VAL F 138 -32.38 -9.79 46.61
N GLU F 139 -33.39 -9.37 47.36
CA GLU F 139 -34.70 -9.99 47.06
C GLU F 139 -35.84 -8.99 47.22
N GLY F 140 -36.98 -9.42 46.69
CA GLY F 140 -38.11 -8.53 46.41
C GLY F 140 -37.84 -7.64 45.21
N VAL F 141 -36.81 -7.94 44.42
CA VAL F 141 -36.49 -7.09 43.23
C VAL F 141 -36.75 -7.91 41.96
N ARG F 142 -37.59 -7.35 41.07
CA ARG F 142 -37.76 -7.89 39.71
C ARG F 142 -37.24 -6.85 38.70
N ALA F 143 -36.94 -7.27 37.47
CA ALA F 143 -36.33 -6.35 36.46
C ALA F 143 -37.13 -6.33 35.17
N VAL F 144 -37.06 -5.16 34.52
CA VAL F 144 -37.53 -4.97 33.13
C VAL F 144 -36.37 -4.35 32.36
N VAL F 145 -35.95 -5.01 31.29
CA VAL F 145 -34.85 -4.55 30.41
C VAL F 145 -35.45 -4.02 29.12
N VAL F 146 -35.10 -2.78 28.75
CA VAL F 146 -35.43 -2.22 27.42
C VAL F 146 -34.15 -2.31 26.57
N SER F 147 -34.15 -3.10 25.51
CA SER F 147 -32.98 -3.34 24.65
C SER F 147 -33.39 -3.19 23.19
N SER F 148 -32.99 -2.08 22.57
CA SER F 148 -33.12 -1.86 21.11
C SER F 148 -31.87 -2.35 20.37
N ARG F 149 -32.01 -2.66 19.09
CA ARG F 149 -30.93 -3.23 18.27
C ARG F 149 -31.14 -2.76 16.83
N GLY F 150 -30.03 -2.45 16.14
CA GLY F 150 -30.05 -2.11 14.72
C GLY F 150 -30.46 -3.32 13.91
N GLY F 151 -29.96 -4.48 14.28
CA GLY F 151 -30.22 -5.74 13.58
C GLY F 151 -31.29 -6.54 14.30
N ILE F 152 -31.45 -7.78 13.87
CA ILE F 152 -32.42 -8.75 14.42
C ILE F 152 -31.63 -9.88 15.07
N HIS F 153 -31.76 -10.01 16.38
CA HIS F 153 -30.98 -10.95 17.20
C HIS F 153 -31.86 -11.83 18.10
N GLN F 154 -33.11 -11.48 18.35
CA GLN F 154 -33.85 -12.11 19.46
C GLN F 154 -33.94 -13.63 19.22
N GLY F 155 -33.48 -14.44 20.17
CA GLY F 155 -33.47 -15.91 20.03
C GLY F 155 -32.37 -16.44 19.14
N GLU F 156 -31.43 -15.59 18.73
CA GLU F 156 -30.30 -16.02 17.86
C GLU F 156 -29.07 -16.04 18.76
N THR F 157 -28.01 -16.70 18.27
CA THR F 157 -26.74 -16.88 19.01
C THR F 157 -26.00 -15.54 19.12
N THR F 158 -26.33 -14.53 18.30
CA THR F 158 -25.64 -13.21 18.31
C THR F 158 -26.21 -12.31 19.41
N ASP F 159 -27.32 -12.72 20.05
CA ASP F 159 -27.83 -11.97 21.21
C ASP F 159 -27.10 -12.51 22.47
N ALA F 160 -25.94 -11.95 22.82
CA ALA F 160 -25.32 -12.22 24.14
C ALA F 160 -25.87 -11.27 25.19
N VAL F 161 -26.50 -10.16 24.80
CA VAL F 161 -26.99 -9.16 25.77
C VAL F 161 -28.04 -9.83 26.70
N THR F 162 -28.99 -10.54 26.12
CA THR F 162 -30.10 -11.17 26.91
C THR F 162 -29.50 -12.15 27.94
N PRO F 163 -28.72 -13.16 27.55
CA PRO F 163 -28.26 -14.15 28.56
C PRO F 163 -27.29 -13.53 29.55
N TYR F 164 -26.52 -12.53 29.10
CA TYR F 164 -25.65 -11.76 30.02
C TYR F 164 -26.48 -11.18 31.13
N LEU F 165 -27.51 -10.40 30.78
CA LEU F 165 -28.29 -9.65 31.79
C LEU F 165 -29.06 -10.66 32.67
N ARG F 166 -29.58 -11.74 32.09
CA ARG F 166 -30.32 -12.79 32.89
C ARG F 166 -29.34 -13.37 33.93
N ALA F 167 -28.09 -13.63 33.53
CA ALA F 167 -27.09 -14.33 34.35
C ALA F 167 -26.56 -13.39 35.42
N VAL F 168 -26.28 -12.12 35.10
CA VAL F 168 -25.69 -11.19 36.12
C VAL F 168 -26.80 -10.78 37.08
N LEU F 169 -28.02 -10.59 36.60
CA LEU F 169 -29.15 -10.32 37.52
C LEU F 169 -29.36 -11.58 38.37
N GLY F 170 -29.36 -12.78 37.76
CA GLY F 170 -29.57 -14.06 38.45
C GLY F 170 -28.55 -14.29 39.58
N LEU F 171 -27.28 -14.01 39.31
CA LEU F 171 -26.17 -14.07 40.30
C LEU F 171 -26.59 -13.32 41.57
N MET F 172 -27.22 -12.15 41.45
CA MET F 172 -27.58 -11.28 42.60
C MET F 172 -28.94 -11.68 43.20
N GLY F 173 -29.59 -12.71 42.67
CA GLY F 173 -30.91 -13.16 43.14
C GLY F 173 -32.07 -12.43 42.48
N ILE F 174 -31.84 -11.66 41.41
CA ILE F 174 -32.97 -11.11 40.58
C ILE F 174 -33.26 -12.11 39.46
N GLN F 175 -34.32 -12.88 39.69
CA GLN F 175 -34.68 -14.13 39.00
C GLN F 175 -35.75 -13.84 37.93
N GLU F 176 -36.65 -12.92 38.20
CA GLU F 176 -37.67 -12.62 37.18
C GLU F 176 -37.24 -11.36 36.42
N VAL F 177 -36.98 -11.57 35.15
CA VAL F 177 -36.47 -10.53 34.23
C VAL F 177 -37.32 -10.63 32.97
N GLU F 178 -37.95 -9.52 32.62
CA GLU F 178 -38.77 -9.37 31.40
C GLU F 178 -38.00 -8.43 30.48
N PHE F 179 -38.09 -8.65 29.18
CA PHE F 179 -37.40 -7.84 28.15
C PHE F 179 -38.43 -7.19 27.23
N ILE F 180 -38.19 -5.91 26.96
CA ILE F 180 -38.79 -5.14 25.85
C ILE F 180 -37.73 -5.01 24.75
N TYR F 181 -37.97 -5.61 23.59
CA TYR F 181 -37.05 -5.56 22.42
C TYR F 181 -37.62 -4.61 21.37
N ALA F 182 -36.77 -3.75 20.79
CA ALA F 182 -37.07 -3.06 19.51
C ALA F 182 -35.93 -3.38 18.53
N GLU F 183 -36.17 -4.28 17.57
CA GLU F 183 -35.12 -4.81 16.68
C GLU F 183 -35.32 -4.39 15.23
N GLY F 184 -34.26 -4.54 14.43
CA GLY F 184 -34.25 -4.29 12.98
C GLY F 184 -34.31 -2.81 12.69
N LEU F 185 -33.92 -1.96 13.64
CA LEU F 185 -34.14 -0.49 13.52
C LEU F 185 -33.28 0.13 12.41
N ASP F 186 -32.21 -0.55 11.94
CA ASP F 186 -31.34 -0.02 10.85
C ASP F 186 -31.99 -0.29 9.49
N ASN F 187 -33.15 -0.97 9.42
CA ASN F 187 -33.83 -1.30 8.13
C ASN F 187 -34.93 -0.28 7.83
N ARG F 188 -34.64 1.04 7.90
CA ARG F 188 -35.64 2.16 7.77
C ARG F 188 -36.20 2.18 6.35
N PRO F 189 -37.45 2.63 6.12
CA PRO F 189 -38.31 3.17 7.19
C PRO F 189 -39.04 2.09 7.99
N HIS F 190 -39.28 0.94 7.33
CA HIS F 190 -40.20 -0.13 7.79
C HIS F 190 -39.62 -0.80 9.04
N GLY F 191 -38.33 -1.18 9.03
CA GLY F 191 -37.69 -1.87 10.17
C GLY F 191 -37.90 -1.09 11.45
N ARG F 192 -37.61 0.21 11.44
CA ARG F 192 -37.63 1.06 12.67
C ARG F 192 -39.07 1.14 13.21
N ASP F 193 -40.03 1.49 12.36
CA ASP F 193 -41.47 1.54 12.73
C ASP F 193 -41.90 0.19 13.32
N ALA F 194 -41.56 -0.93 12.68
CA ALA F 194 -42.01 -2.28 13.10
C ALA F 194 -41.40 -2.67 14.47
N GLY F 195 -40.13 -2.32 14.70
CA GLY F 195 -39.45 -2.65 15.96
C GLY F 195 -40.00 -1.87 17.10
N ILE F 196 -40.22 -0.56 16.91
CA ILE F 196 -40.82 0.32 17.93
C ILE F 196 -42.27 -0.14 18.22
N ALA F 197 -43.03 -0.56 17.23
CA ALA F 197 -44.42 -1.05 17.45
C ALA F 197 -44.39 -2.34 18.28
N SER F 198 -43.43 -3.21 18.00
CA SER F 198 -43.28 -4.49 18.76
C SER F 198 -42.96 -4.17 20.23
N ALA F 199 -42.03 -3.25 20.46
CA ALA F 199 -41.67 -2.76 21.80
C ALA F 199 -42.89 -2.13 22.49
N ARG F 200 -43.68 -1.30 21.80
CA ARG F 200 -44.81 -0.64 22.48
C ARG F 200 -45.88 -1.69 22.90
N ALA F 201 -46.08 -2.75 22.11
CA ALA F 201 -47.02 -3.86 22.43
C ALA F 201 -46.54 -4.59 23.71
N GLN F 202 -45.23 -4.86 23.80
CA GLN F 202 -44.65 -5.50 25.00
C GLN F 202 -44.76 -4.55 26.20
N ILE F 203 -44.51 -3.24 26.03
CA ILE F 203 -44.67 -2.23 27.09
C ILE F 203 -46.10 -2.27 27.66
N ALA F 204 -47.11 -2.28 26.79
CA ALA F 204 -48.54 -2.23 27.18
C ALA F 204 -48.88 -3.42 28.09
N ARG F 205 -48.42 -4.59 27.67
CA ARG F 205 -48.69 -5.90 28.31
C ARG F 205 -47.97 -5.92 29.68
N LEU F 206 -46.71 -5.50 29.77
CA LEU F 206 -45.96 -5.49 31.06
C LEU F 206 -46.47 -4.42 32.02
N ALA F 207 -46.93 -3.25 31.56
CA ALA F 207 -47.25 -2.09 32.42
C ALA F 207 -48.50 -2.34 33.30
N VAL F 208 -49.38 -3.20 32.78
CA VAL F 208 -50.68 -3.51 33.42
C VAL F 208 -50.48 -4.49 34.57
N GLN F 209 -49.31 -5.10 34.65
CA GLN F 209 -48.99 -6.05 35.75
C GLN F 209 -48.54 -5.22 36.97
N ALA F 210 -48.29 -5.86 38.11
CA ALA F 210 -47.98 -5.07 39.33
C ALA F 210 -46.51 -4.63 39.32
N GLY G 10 4.72 -19.45 10.73
CA GLY G 10 5.01 -18.10 11.34
C GLY G 10 3.84 -17.13 11.19
N ALA G 11 3.48 -16.38 12.24
CA ALA G 11 2.33 -15.43 12.21
C ALA G 11 2.72 -14.07 12.79
N ASN G 12 2.10 -13.00 12.25
CA ASN G 12 2.03 -11.69 12.93
C ASN G 12 0.92 -11.80 13.98
N VAL G 13 1.28 -11.68 15.25
CA VAL G 13 0.36 -11.99 16.36
C VAL G 13 0.09 -10.69 17.09
N LEU G 14 -1.19 -10.35 17.25
CA LEU G 14 -1.61 -9.26 18.16
C LEU G 14 -2.17 -9.90 19.43
N VAL G 15 -1.58 -9.57 20.56
CA VAL G 15 -1.91 -10.18 21.88
C VAL G 15 -2.61 -9.11 22.73
N LEU G 16 -3.82 -9.40 23.20
CA LEU G 16 -4.59 -8.46 24.06
C LEU G 16 -4.74 -9.14 25.42
N LYS G 17 -4.32 -8.44 26.48
CA LYS G 17 -4.44 -8.96 27.87
C LYS G 17 -5.36 -7.95 28.57
N SER G 18 -6.40 -8.42 29.26
CA SER G 18 -7.39 -7.53 29.91
C SER G 18 -7.57 -7.84 31.42
N SER G 19 -6.93 -8.89 31.94
CA SER G 19 -7.04 -9.27 33.38
C SER G 19 -6.64 -8.07 34.23
N ILE G 20 -7.26 -7.94 35.40
CA ILE G 20 -6.87 -6.89 36.39
C ILE G 20 -5.99 -7.53 37.48
N ASN G 21 -5.63 -8.82 37.35
CA ASN G 21 -4.96 -9.59 38.45
C ASN G 21 -3.43 -9.48 38.35
N GLY G 22 -2.92 -8.68 37.42
CA GLY G 22 -1.48 -8.38 37.24
C GLY G 22 -0.65 -9.64 37.11
N GLU G 23 0.35 -9.77 37.98
CA GLU G 23 1.35 -10.85 37.89
C GLU G 23 0.65 -12.18 38.21
N THR G 24 -0.50 -12.19 38.89
CA THR G 24 -1.20 -13.45 39.26
C THR G 24 -2.24 -13.86 38.21
N SER G 25 -2.37 -13.14 37.09
CA SER G 25 -3.43 -13.44 36.09
C SER G 25 -3.19 -14.82 35.50
N LEU G 26 -4.17 -15.68 35.62
CA LEU G 26 -4.16 -16.96 34.88
C LEU G 26 -4.26 -16.79 33.35
N THR G 27 -5.15 -15.93 32.81
CA THR G 27 -5.31 -15.85 31.32
C THR G 27 -3.99 -15.35 30.72
N ASN G 28 -3.33 -14.40 31.37
CA ASN G 28 -2.00 -13.88 30.94
C ASN G 28 -0.94 -15.00 30.98
N GLN G 29 -0.95 -15.81 32.02
CA GLN G 29 -0.03 -16.96 32.13
C GLN G 29 -0.31 -17.93 30.97
N LEU G 30 -1.59 -18.29 30.74
CA LEU G 30 -1.94 -19.30 29.71
C LEU G 30 -1.66 -18.75 28.30
N ILE G 31 -1.90 -17.47 28.09
CA ILE G 31 -1.50 -16.76 26.84
C ILE G 31 0.01 -16.93 26.67
N ASN G 32 0.81 -16.65 27.69
CA ASN G 32 2.28 -16.80 27.58
C ASN G 32 2.60 -18.25 27.24
N GLU G 33 1.94 -19.20 27.90
CA GLU G 33 2.13 -20.65 27.65
C GLU G 33 1.74 -20.97 26.21
N PHE G 34 0.65 -20.39 25.73
CA PHE G 34 0.19 -20.70 24.35
C PHE G 34 1.26 -20.24 23.36
N LEU G 35 1.79 -19.03 23.51
CA LEU G 35 2.76 -18.44 22.54
C LEU G 35 4.09 -19.22 22.62
N ALA G 36 4.48 -19.68 23.81
CA ALA G 36 5.69 -20.51 24.00
C ALA G 36 5.49 -21.87 23.35
N ALA G 37 4.33 -22.53 23.56
CA ALA G 37 4.07 -23.88 22.97
C ALA G 37 4.13 -23.72 21.45
N ARG G 38 3.62 -22.60 20.93
CA ARG G 38 3.60 -22.36 19.47
C ARG G 38 5.04 -22.22 18.95
N GLN G 39 5.87 -21.48 19.68
CA GLN G 39 7.27 -21.34 19.21
C GLN G 39 7.97 -22.73 19.28
N ALA G 40 7.66 -23.56 20.28
CA ALA G 40 8.28 -24.89 20.45
C ALA G 40 7.83 -25.84 19.33
N ALA G 41 6.64 -25.62 18.74
CA ALA G 41 6.12 -26.44 17.63
C ALA G 41 6.68 -25.89 16.31
N GLY G 42 7.53 -24.86 16.36
CA GLY G 42 8.27 -24.35 15.19
C GLY G 42 7.64 -23.12 14.54
N HIS G 43 6.59 -22.52 15.11
CA HIS G 43 5.98 -21.26 14.59
C HIS G 43 6.83 -20.07 15.01
N GLY G 44 7.47 -19.39 14.05
CA GLY G 44 8.26 -18.19 14.30
C GLY G 44 7.41 -16.93 14.27
N ASP G 45 6.78 -16.59 15.40
CA ASP G 45 5.78 -15.50 15.50
C ASP G 45 6.46 -14.16 15.74
N ARG G 46 5.85 -13.09 15.23
CA ARG G 46 6.21 -11.70 15.58
C ARG G 46 5.10 -11.19 16.48
N LEU G 47 5.40 -10.64 17.66
CA LEU G 47 4.37 -10.33 18.68
C LEU G 47 4.21 -8.82 18.83
N THR G 48 2.98 -8.35 18.78
CA THR G 48 2.58 -7.02 19.28
C THR G 48 1.65 -7.28 20.46
N GLU G 49 1.93 -6.67 21.61
CA GLU G 49 1.21 -7.03 22.85
C GLU G 49 0.69 -5.75 23.48
N HIS G 50 -0.59 -5.74 23.83
CA HIS G 50 -1.19 -4.66 24.67
C HIS G 50 -1.69 -5.24 26.00
N ASP G 51 -1.24 -4.68 27.12
CA ASP G 51 -1.90 -4.89 28.43
C ASP G 51 -2.99 -3.84 28.49
N LEU G 52 -4.20 -4.20 28.04
CA LEU G 52 -5.34 -3.23 28.00
C LEU G 52 -5.61 -2.68 29.40
N SER G 53 -5.39 -3.46 30.47
CA SER G 53 -5.61 -3.01 31.87
C SER G 53 -4.73 -1.79 32.21
N ALA G 54 -3.66 -1.57 31.45
CA ALA G 54 -2.66 -0.53 31.78
C ALA G 54 -2.80 0.67 30.84
N MET G 55 -3.72 0.64 29.88
CA MET G 55 -3.74 1.64 28.77
C MET G 55 -4.75 2.74 29.00
N ALA G 56 -5.61 2.63 30.02
CA ALA G 56 -6.66 3.63 30.35
C ALA G 56 -7.40 4.04 29.06
N LEU G 57 -7.94 3.06 28.35
CA LEU G 57 -8.65 3.30 27.08
C LEU G 57 -9.82 4.23 27.37
N PRO G 58 -10.17 5.13 26.44
CA PRO G 58 -11.36 5.96 26.57
C PRO G 58 -12.63 5.12 26.43
N THR G 59 -13.68 5.57 27.10
CA THR G 59 -15.02 4.98 27.01
C THR G 59 -15.77 5.60 25.82
N LEU G 60 -16.57 4.80 25.13
CA LEU G 60 -17.45 5.34 24.09
C LEU G 60 -18.48 6.26 24.75
N ASP G 61 -18.50 7.51 24.33
CA ASP G 61 -19.50 8.51 24.76
C ASP G 61 -20.01 9.20 23.51
N ARG G 62 -20.96 10.11 23.66
CA ARG G 62 -21.65 10.74 22.53
C ARG G 62 -20.63 11.46 21.64
N PRO G 63 -19.80 12.39 22.15
CA PRO G 63 -18.85 13.07 21.27
C PRO G 63 -17.87 12.08 20.59
N LEU G 64 -17.37 11.06 21.30
CA LEU G 64 -16.43 10.11 20.64
C LEU G 64 -17.17 9.33 19.57
N PHE G 65 -18.41 8.86 19.82
CA PHE G 65 -19.19 8.15 18.79
C PHE G 65 -19.31 9.03 17.53
N ALA G 66 -19.66 10.30 17.69
CA ALA G 66 -19.83 11.22 16.55
C ALA G 66 -18.48 11.34 15.83
N ALA G 67 -17.39 11.51 16.56
CA ALA G 67 -16.03 11.72 15.97
C ALA G 67 -15.60 10.46 15.21
N LEU G 68 -15.93 9.27 15.70
CA LEU G 68 -15.57 8.00 15.03
C LEU G 68 -16.40 7.83 13.77
N ARG G 69 -17.52 8.54 13.65
CA ARG G 69 -18.36 8.45 12.42
C ARG G 69 -17.98 9.57 11.43
N GLY G 70 -17.10 10.48 11.82
CA GLY G 70 -16.55 11.49 10.89
C GLY G 70 -16.61 12.91 11.42
N ALA G 71 -17.24 13.18 12.55
CA ALA G 71 -17.35 14.57 13.08
C ALA G 71 -15.97 15.05 13.50
N VAL G 72 -15.75 16.35 13.39
CA VAL G 72 -14.48 16.99 13.82
C VAL G 72 -14.68 17.56 15.22
N ASP G 73 -14.08 16.93 16.22
CA ASP G 73 -14.37 17.35 17.61
C ASP G 73 -13.26 18.32 18.00
N PRO G 74 -13.59 19.59 18.27
CA PRO G 74 -12.58 20.50 18.79
C PRO G 74 -12.34 20.33 20.31
N GLN G 75 -12.31 19.08 20.82
CA GLN G 75 -11.68 18.75 22.13
C GLN G 75 -10.47 17.83 21.91
N PRO G 76 -9.28 18.16 22.47
CA PRO G 76 -8.09 17.33 22.29
C PRO G 76 -8.24 15.84 22.69
N ALA G 77 -8.84 15.54 23.83
CA ALA G 77 -9.00 14.14 24.32
C ALA G 77 -9.78 13.32 23.27
N ILE G 78 -10.70 13.93 22.52
CA ILE G 78 -11.55 13.19 21.54
C ILE G 78 -10.72 12.88 20.29
N ARG G 79 -9.98 13.87 19.77
CA ARG G 79 -9.09 13.64 18.58
C ARG G 79 -8.02 12.61 18.96
N GLU G 80 -7.49 12.62 20.17
CA GLU G 80 -6.53 11.60 20.71
C GLU G 80 -7.17 10.21 20.66
N ALA G 81 -8.42 10.07 21.08
CA ALA G 81 -9.11 8.75 21.09
C ALA G 81 -9.39 8.29 19.68
N VAL G 82 -9.72 9.21 18.75
CA VAL G 82 -9.97 8.83 17.35
C VAL G 82 -8.67 8.29 16.73
N ALA G 83 -7.53 8.95 17.00
CA ALA G 83 -6.22 8.50 16.47
C ALA G 83 -5.89 7.12 17.07
N LEU G 84 -6.13 6.92 18.37
CA LEU G 84 -5.96 5.59 19.03
C LEU G 84 -6.85 4.52 18.37
N SER G 85 -8.12 4.82 18.07
CA SER G 85 -8.99 3.88 17.34
C SER G 85 -8.34 3.50 16.00
N ASP G 86 -7.87 4.48 15.23
CA ASP G 86 -7.25 4.22 13.91
C ASP G 86 -6.02 3.33 14.12
N GLN G 87 -5.24 3.60 15.14
CA GLN G 87 -4.03 2.81 15.43
C GLN G 87 -4.41 1.35 15.74
N LEU G 88 -5.34 1.14 16.67
CA LEU G 88 -5.74 -0.23 17.08
C LEU G 88 -6.35 -1.01 15.91
N ILE G 89 -7.11 -0.36 15.06
CA ILE G 89 -7.71 -1.01 13.87
C ILE G 89 -6.58 -1.43 12.92
N ALA G 90 -5.59 -0.56 12.70
CA ALA G 90 -4.47 -0.88 11.79
C ALA G 90 -3.72 -2.07 12.36
N GLU G 91 -3.51 -2.13 13.67
CA GLU G 91 -2.82 -3.27 14.32
C GLU G 91 -3.62 -4.57 14.10
N LEU G 92 -4.94 -4.52 14.27
CA LEU G 92 -5.79 -5.72 14.04
C LEU G 92 -5.62 -6.20 12.58
N LYS G 93 -5.72 -5.27 11.63
CA LYS G 93 -5.72 -5.63 10.19
C LYS G 93 -4.31 -6.12 9.83
N ALA G 94 -3.29 -5.68 10.56
CA ALA G 94 -1.88 -6.01 10.26
C ALA G 94 -1.59 -7.45 10.71
N SER G 95 -2.35 -7.98 11.66
CA SER G 95 -2.13 -9.30 12.26
C SER G 95 -2.61 -10.45 11.34
N ASP G 96 -2.13 -11.65 11.66
CA ASP G 96 -2.65 -12.95 11.18
C ASP G 96 -3.46 -13.63 12.29
N LEU G 97 -2.99 -13.52 13.51
CA LEU G 97 -3.52 -14.27 14.65
C LEU G 97 -3.75 -13.29 15.79
N LEU G 98 -5.00 -13.20 16.25
CA LEU G 98 -5.38 -12.35 17.38
C LEU G 98 -5.56 -13.26 18.59
N VAL G 99 -4.84 -12.98 19.67
CA VAL G 99 -4.85 -13.80 20.91
C VAL G 99 -5.40 -12.93 22.03
N ILE G 100 -6.48 -13.37 22.62
CA ILE G 100 -7.32 -12.51 23.49
C ILE G 100 -7.43 -13.15 24.89
N GLY G 101 -7.05 -12.40 25.92
CA GLY G 101 -7.35 -12.77 27.30
C GLY G 101 -8.71 -12.25 27.69
N ALA G 102 -9.64 -13.15 28.02
CA ALA G 102 -11.05 -12.81 28.28
C ALA G 102 -11.58 -13.65 29.43
N PRO G 103 -11.03 -13.50 30.67
CA PRO G 103 -11.59 -14.19 31.83
C PRO G 103 -12.99 -13.64 32.06
N MET G 104 -13.85 -14.46 32.64
CA MET G 104 -15.23 -14.04 32.92
C MET G 104 -15.21 -13.22 34.21
N TYR G 105 -15.54 -11.93 34.11
CA TYR G 105 -15.82 -11.03 35.26
C TYR G 105 -17.30 -10.66 35.30
N ASN G 106 -17.99 -11.10 36.35
CA ASN G 106 -19.43 -10.77 36.51
C ASN G 106 -20.21 -11.14 35.24
N LEU G 107 -20.01 -12.35 34.72
CA LEU G 107 -20.80 -12.87 33.58
C LEU G 107 -20.45 -12.15 32.26
N ASN G 108 -19.44 -11.30 32.27
CA ASN G 108 -19.03 -10.58 31.04
C ASN G 108 -17.51 -10.67 30.87
N VAL G 109 -16.97 -9.99 29.86
CA VAL G 109 -15.49 -9.92 29.70
C VAL G 109 -15.02 -8.80 30.60
N PRO G 110 -13.69 -8.64 30.86
CA PRO G 110 -13.23 -7.48 31.58
C PRO G 110 -13.51 -6.19 30.79
N THR G 111 -13.78 -5.12 31.52
CA THR G 111 -14.21 -3.84 30.96
C THR G 111 -13.15 -3.31 29.97
N ASP G 112 -11.85 -3.53 30.23
CA ASP G 112 -10.81 -2.98 29.32
C ASP G 112 -10.90 -3.69 27.97
N LEU G 113 -11.29 -4.97 27.93
CA LEU G 113 -11.40 -5.71 26.67
C LEU G 113 -12.59 -5.13 25.87
N LYS G 114 -13.73 -4.97 26.53
CA LYS G 114 -14.94 -4.33 25.93
C LYS G 114 -14.57 -2.96 25.36
N LYS G 115 -13.80 -2.13 26.07
CA LYS G 115 -13.41 -0.79 25.58
C LYS G 115 -12.57 -0.88 24.28
N TRP G 116 -11.74 -1.90 24.16
CA TRP G 116 -10.96 -2.16 22.92
C TRP G 116 -11.94 -2.48 21.79
N PHE G 117 -12.91 -3.36 22.01
CA PHE G 117 -13.91 -3.70 20.95
C PHE G 117 -14.65 -2.42 20.53
N ASP G 118 -14.99 -1.54 21.48
CA ASP G 118 -15.79 -0.32 21.22
C ASP G 118 -14.93 0.66 20.40
N LEU G 119 -13.62 0.50 20.37
CA LEU G 119 -12.73 1.36 19.53
C LEU G 119 -12.45 0.70 18.18
N VAL G 120 -12.53 -0.63 18.04
CA VAL G 120 -12.14 -1.26 16.75
C VAL G 120 -13.38 -1.63 15.92
N ALA G 121 -14.52 -1.92 16.54
CA ALA G 121 -15.76 -2.29 15.81
C ALA G 121 -16.40 -1.01 15.28
N ARG G 122 -16.07 -0.62 14.06
CA ARG G 122 -16.52 0.69 13.54
C ARG G 122 -16.91 0.62 12.07
N ALA G 123 -18.01 1.27 11.72
CA ALA G 123 -18.52 1.27 10.32
C ALA G 123 -17.46 1.89 9.38
N ARG G 124 -17.32 1.27 8.24
CA ARG G 124 -16.38 1.65 7.15
C ARG G 124 -14.97 1.22 7.48
N GLU G 125 -14.68 0.89 8.73
CA GLU G 125 -13.30 0.52 9.12
C GLU G 125 -13.18 -0.99 9.26
N THR G 126 -13.99 -1.61 10.11
CA THR G 126 -13.90 -3.07 10.29
C THR G 126 -15.17 -3.79 9.87
N PHE G 127 -16.20 -3.06 9.48
CA PHE G 127 -17.37 -3.67 8.82
C PHE G 127 -18.04 -2.59 7.96
N ARG G 128 -18.88 -3.01 7.03
N ARG G 128 -18.91 -3.03 7.05
CA ARG G 128 -19.67 -2.06 6.21
CA ARG G 128 -19.67 -2.06 6.21
C ARG G 128 -21.14 -2.44 6.33
C ARG G 128 -21.15 -2.44 6.20
N TYR G 129 -22.01 -1.43 6.25
CA TYR G 129 -23.47 -1.63 6.21
C TYR G 129 -23.80 -2.22 4.83
N THR G 130 -24.73 -3.14 4.79
CA THR G 130 -25.32 -3.64 3.53
C THR G 130 -26.83 -3.37 3.61
N GLU G 131 -27.60 -3.83 2.63
CA GLU G 131 -29.08 -3.71 2.71
C GLU G 131 -29.63 -4.81 3.63
N SER G 132 -28.80 -5.76 4.06
CA SER G 132 -29.13 -6.78 5.10
C SER G 132 -28.08 -6.74 6.23
N TRP G 133 -27.35 -7.84 6.44
CA TRP G 133 -26.39 -8.00 7.58
C TRP G 133 -25.12 -7.18 7.33
N PRO G 134 -24.45 -6.63 8.38
CA PRO G 134 -23.16 -5.98 8.18
C PRO G 134 -22.15 -7.00 7.65
N GLN G 135 -21.23 -6.56 6.80
CA GLN G 135 -20.12 -7.37 6.21
C GLN G 135 -18.78 -6.95 6.85
N GLY G 136 -18.03 -7.93 7.38
CA GLY G 136 -16.72 -7.68 8.04
C GLY G 136 -15.68 -7.29 7.00
N LEU G 137 -14.76 -6.41 7.35
CA LEU G 137 -13.70 -5.94 6.45
C LEU G 137 -12.33 -6.45 6.88
N VAL G 138 -12.20 -7.06 8.06
CA VAL G 138 -10.90 -7.64 8.50
C VAL G 138 -10.72 -8.99 7.80
N GLU G 139 -9.64 -9.10 7.03
CA GLU G 139 -9.32 -10.29 6.18
C GLU G 139 -8.04 -10.91 6.67
N GLY G 140 -8.00 -12.25 6.63
CA GLY G 140 -6.79 -13.01 6.93
C GLY G 140 -6.46 -13.05 8.40
N VAL G 141 -7.41 -12.77 9.28
CA VAL G 141 -7.17 -12.79 10.76
C VAL G 141 -8.05 -13.89 11.38
N ARG G 142 -7.45 -14.76 12.19
CA ARG G 142 -8.16 -15.75 13.02
C ARG G 142 -7.87 -15.43 14.49
N ALA G 143 -8.65 -15.96 15.41
CA ALA G 143 -8.52 -15.57 16.81
C ALA G 143 -8.41 -16.84 17.67
N VAL G 144 -7.69 -16.68 18.76
CA VAL G 144 -7.64 -17.62 19.90
C VAL G 144 -7.98 -16.83 21.15
N VAL G 145 -9.00 -17.27 21.85
CA VAL G 145 -9.50 -16.64 23.10
C VAL G 145 -9.14 -17.53 24.27
N VAL G 146 -8.55 -16.93 25.28
CA VAL G 146 -8.23 -17.65 26.55
C VAL G 146 -9.17 -17.09 27.58
N SER G 147 -10.05 -17.94 28.09
CA SER G 147 -11.16 -17.54 28.97
C SER G 147 -11.20 -18.52 30.14
N SER G 148 -10.81 -18.05 31.30
CA SER G 148 -10.89 -18.83 32.55
C SER G 148 -12.12 -18.35 33.30
N ARG G 149 -12.67 -19.23 34.16
CA ARG G 149 -13.85 -18.92 34.98
C ARG G 149 -13.73 -19.62 36.35
N GLY G 150 -14.21 -18.97 37.40
CA GLY G 150 -14.41 -19.55 38.75
C GLY G 150 -15.39 -20.71 38.71
N GLY G 151 -16.49 -20.57 37.96
CA GLY G 151 -17.51 -21.62 37.82
C GLY G 151 -17.37 -22.44 36.57
N ILE G 152 -18.35 -23.31 36.29
CA ILE G 152 -18.40 -24.14 35.05
C ILE G 152 -19.56 -23.61 34.20
N HIS G 153 -19.30 -23.15 32.98
CA HIS G 153 -20.29 -22.43 32.12
C HIS G 153 -20.29 -22.93 30.68
N GLN G 154 -19.26 -23.65 30.24
CA GLN G 154 -19.10 -23.96 28.80
C GLN G 154 -20.31 -24.75 28.30
N GLY G 155 -20.99 -24.26 27.27
CA GLY G 155 -22.23 -24.86 26.72
C GLY G 155 -23.44 -24.60 27.61
N GLU G 156 -23.33 -23.74 28.64
CA GLU G 156 -24.44 -23.38 29.55
C GLU G 156 -24.94 -21.98 29.18
N THR G 157 -26.19 -21.72 29.56
CA THR G 157 -26.95 -20.44 29.43
C THR G 157 -26.14 -19.28 30.00
N THR G 158 -25.35 -19.52 31.04
CA THR G 158 -24.63 -18.47 31.81
C THR G 158 -23.30 -18.10 31.11
N ASP G 159 -22.89 -18.78 30.04
CA ASP G 159 -21.69 -18.35 29.29
C ASP G 159 -22.14 -17.38 28.18
N ALA G 160 -22.28 -16.10 28.52
CA ALA G 160 -22.53 -15.03 27.51
C ALA G 160 -21.19 -14.57 26.88
N VAL G 161 -20.06 -14.83 27.57
CA VAL G 161 -18.69 -14.48 27.04
C VAL G 161 -18.43 -15.12 25.69
N THR G 162 -18.68 -16.41 25.55
CA THR G 162 -18.33 -17.15 24.32
C THR G 162 -19.10 -16.56 23.14
N PRO G 163 -20.47 -16.54 23.18
CA PRO G 163 -21.26 -16.00 22.07
C PRO G 163 -21.00 -14.50 21.81
N TYR G 164 -20.76 -13.70 22.84
CA TYR G 164 -20.38 -12.28 22.65
C TYR G 164 -19.12 -12.19 21.77
N LEU G 165 -18.05 -12.91 22.16
CA LEU G 165 -16.78 -12.86 21.41
C LEU G 165 -16.97 -13.41 20.00
N ARG G 166 -17.63 -14.54 19.80
CA ARG G 166 -17.86 -15.01 18.42
C ARG G 166 -18.59 -13.93 17.59
N ALA G 167 -19.56 -13.23 18.15
CA ALA G 167 -20.44 -12.32 17.40
C ALA G 167 -19.70 -11.01 17.06
N VAL G 168 -18.97 -10.44 18.01
CA VAL G 168 -18.29 -9.14 17.79
C VAL G 168 -17.06 -9.38 16.90
N LEU G 169 -16.34 -10.50 17.06
CA LEU G 169 -15.30 -10.89 16.09
C LEU G 169 -15.92 -11.15 14.71
N GLY G 170 -17.02 -11.94 14.63
CA GLY G 170 -17.68 -12.25 13.35
C GLY G 170 -18.14 -10.95 12.63
N LEU G 171 -18.63 -9.98 13.37
CA LEU G 171 -19.09 -8.67 12.84
C LEU G 171 -17.95 -8.07 12.01
N MET G 172 -16.70 -8.22 12.46
CA MET G 172 -15.52 -7.61 11.80
C MET G 172 -14.90 -8.54 10.75
N GLY G 173 -15.49 -9.71 10.50
CA GLY G 173 -15.03 -10.69 9.50
C GLY G 173 -14.03 -11.71 10.07
N ILE G 174 -13.89 -11.80 11.38
CA ILE G 174 -13.05 -12.85 12.01
C ILE G 174 -14.01 -13.99 12.38
N GLN G 175 -14.13 -14.95 11.49
CA GLN G 175 -15.07 -16.10 11.60
C GLN G 175 -14.38 -17.29 12.27
N GLU G 176 -13.05 -17.38 12.23
CA GLU G 176 -12.29 -18.50 12.86
C GLU G 176 -11.86 -18.12 14.28
N VAL G 177 -12.55 -18.63 15.29
CA VAL G 177 -12.31 -18.28 16.72
C VAL G 177 -12.23 -19.61 17.49
N GLU G 178 -11.08 -19.86 18.08
CA GLU G 178 -10.82 -21.05 18.92
C GLU G 178 -10.75 -20.58 20.37
N PHE G 179 -11.25 -21.40 21.29
CA PHE G 179 -11.28 -21.02 22.72
C PHE G 179 -10.41 -21.99 23.53
N ILE G 180 -9.70 -21.45 24.49
CA ILE G 180 -8.94 -22.18 25.54
C ILE G 180 -9.67 -21.86 26.82
N TYR G 181 -10.34 -22.85 27.39
CA TYR G 181 -11.16 -22.68 28.60
C TYR G 181 -10.40 -23.28 29.80
N ALA G 182 -10.33 -22.53 30.89
CA ALA G 182 -10.00 -23.05 32.24
C ALA G 182 -11.17 -22.77 33.17
N GLU G 183 -12.05 -23.76 33.37
CA GLU G 183 -13.28 -23.61 34.20
C GLU G 183 -13.18 -24.37 35.54
N GLY G 184 -14.08 -24.00 36.46
CA GLY G 184 -14.23 -24.60 37.79
C GLY G 184 -13.10 -24.24 38.73
N LEU G 185 -12.44 -23.10 38.51
CA LEU G 185 -11.22 -22.75 39.29
C LEU G 185 -11.52 -22.39 40.74
N ASP G 186 -12.74 -22.00 41.05
CA ASP G 186 -13.11 -21.61 42.44
C ASP G 186 -13.41 -22.89 43.23
N ASN G 187 -13.45 -24.02 42.53
CA ASN G 187 -13.84 -25.30 43.19
C ASN G 187 -12.66 -25.79 44.06
N ARG G 188 -12.87 -26.84 44.84
CA ARG G 188 -11.82 -27.41 45.74
C ARG G 188 -10.51 -27.59 44.97
N PRO G 189 -9.45 -28.23 45.52
CA PRO G 189 -8.18 -28.31 44.80
C PRO G 189 -8.28 -28.89 43.38
N HIS G 190 -9.08 -29.95 43.23
CA HIS G 190 -9.14 -30.65 41.92
C HIS G 190 -9.62 -29.71 40.81
N GLY G 191 -10.69 -28.96 41.06
CA GLY G 191 -11.25 -28.08 40.02
C GLY G 191 -10.17 -27.26 39.32
N ARG G 192 -9.49 -26.41 40.07
CA ARG G 192 -8.41 -25.57 39.49
C ARG G 192 -7.48 -26.46 38.63
N ASP G 193 -7.10 -27.64 39.14
CA ASP G 193 -6.04 -28.46 38.50
C ASP G 193 -6.61 -29.11 37.24
N ALA G 194 -7.86 -29.60 37.31
CA ALA G 194 -8.56 -30.18 36.15
C ALA G 194 -8.74 -29.09 35.09
N GLY G 195 -9.03 -27.87 35.51
CA GLY G 195 -9.34 -26.75 34.58
C GLY G 195 -8.08 -26.30 33.85
N ILE G 196 -7.00 -26.06 34.58
CA ILE G 196 -5.69 -25.66 34.01
C ILE G 196 -5.14 -26.81 33.15
N ALA G 197 -5.24 -28.06 33.59
CA ALA G 197 -4.76 -29.20 32.78
C ALA G 197 -5.61 -29.29 31.50
N SER G 198 -6.91 -29.02 31.59
CA SER G 198 -7.81 -29.06 30.41
C SER G 198 -7.39 -27.93 29.44
N ALA G 199 -7.13 -26.73 29.96
CA ALA G 199 -6.63 -25.56 29.17
C ALA G 199 -5.28 -25.92 28.52
N ARG G 200 -4.43 -26.68 29.23
CA ARG G 200 -3.07 -27.00 28.73
C ARG G 200 -3.17 -28.05 27.63
N ALA G 201 -4.12 -28.97 27.70
CA ALA G 201 -4.33 -29.96 26.61
C ALA G 201 -4.79 -29.21 25.35
N GLN G 202 -5.66 -28.21 25.50
CA GLN G 202 -6.22 -27.48 24.32
C GLN G 202 -5.08 -26.65 23.72
N ILE G 203 -4.28 -26.02 24.58
CA ILE G 203 -3.04 -25.30 24.13
C ILE G 203 -2.16 -26.23 23.29
N ALA G 204 -1.95 -27.49 23.73
CA ALA G 204 -1.07 -28.44 23.00
C ALA G 204 -1.66 -28.76 21.63
N ARG G 205 -2.98 -28.98 21.57
CA ARG G 205 -3.65 -29.27 20.27
C ARG G 205 -3.50 -28.04 19.35
N LEU G 206 -3.70 -26.82 19.86
CA LEU G 206 -3.73 -25.62 18.97
C LEU G 206 -2.31 -25.26 18.53
N ALA G 207 -1.31 -25.46 19.38
CA ALA G 207 0.07 -25.03 19.07
C ALA G 207 0.59 -25.80 17.86
N VAL G 208 0.11 -27.01 17.63
CA VAL G 208 0.68 -27.87 16.55
C VAL G 208 -0.22 -27.85 15.31
N GLN G 209 -1.15 -26.91 15.25
CA GLN G 209 -2.16 -26.94 14.14
C GLN G 209 -1.70 -26.25 12.85
N ALA G 210 -0.58 -25.56 12.80
CA ALA G 210 -0.22 -24.83 11.55
C ALA G 210 -0.80 -23.41 11.54
N ALA H 11 18.75 -39.70 -18.68
CA ALA H 11 17.44 -39.07 -18.28
C ALA H 11 16.75 -39.89 -17.17
N ASN H 12 16.46 -39.28 -16.02
CA ASN H 12 15.64 -39.88 -14.94
C ASN H 12 14.15 -39.62 -15.23
N VAL H 13 13.37 -40.68 -15.41
CA VAL H 13 11.97 -40.61 -15.93
C VAL H 13 11.02 -41.06 -14.82
N LEU H 14 10.05 -40.20 -14.49
CA LEU H 14 8.96 -40.58 -13.56
C LEU H 14 7.71 -40.85 -14.43
N VAL H 15 7.09 -42.00 -14.28
CA VAL H 15 5.99 -42.47 -15.17
C VAL H 15 4.76 -42.62 -14.30
N LEU H 16 3.68 -41.92 -14.65
CA LEU H 16 2.40 -42.00 -13.93
C LEU H 16 1.34 -42.59 -14.86
N LYS H 17 0.74 -43.69 -14.45
CA LYS H 17 -0.36 -44.37 -15.18
C LYS H 17 -1.61 -44.26 -14.34
N SER H 18 -2.74 -43.82 -14.92
CA SER H 18 -4.01 -43.58 -14.17
C SER H 18 -5.22 -44.28 -14.82
N SER H 19 -5.05 -44.92 -15.97
CA SER H 19 -6.19 -45.65 -16.59
C SER H 19 -6.79 -46.66 -15.60
N ILE H 20 -8.09 -46.93 -15.73
CA ILE H 20 -8.79 -47.97 -14.93
C ILE H 20 -8.97 -49.25 -15.76
N ASN H 21 -8.45 -49.31 -16.98
CA ASN H 21 -8.75 -50.40 -17.96
C ASN H 21 -7.68 -51.51 -17.93
N GLY H 22 -6.76 -51.49 -16.94
CA GLY H 22 -5.78 -52.57 -16.69
C GLY H 22 -4.97 -52.88 -17.92
N GLU H 23 -4.89 -54.17 -18.28
CA GLU H 23 -4.01 -54.61 -19.38
C GLU H 23 -4.57 -54.14 -20.73
N THR H 24 -5.83 -53.74 -20.83
CA THR H 24 -6.42 -53.19 -22.08
C THR H 24 -6.23 -51.66 -22.16
N SER H 25 -5.55 -51.02 -21.19
CA SER H 25 -5.36 -49.54 -21.18
C SER H 25 -4.57 -49.07 -22.40
N LEU H 26 -5.16 -48.18 -23.18
CA LEU H 26 -4.44 -47.67 -24.34
C LEU H 26 -3.37 -46.67 -23.89
N THR H 27 -3.64 -45.76 -22.93
CA THR H 27 -2.61 -44.78 -22.54
C THR H 27 -1.40 -45.56 -21.98
N ASN H 28 -1.63 -46.61 -21.23
CA ASN H 28 -0.50 -47.41 -20.68
C ASN H 28 0.28 -48.02 -21.84
N GLN H 29 -0.41 -48.51 -22.88
CA GLN H 29 0.31 -49.13 -24.03
C GLN H 29 1.13 -48.05 -24.72
N LEU H 30 0.58 -46.85 -24.92
CA LEU H 30 1.27 -45.80 -25.72
C LEU H 30 2.42 -45.22 -24.87
N ILE H 31 2.25 -45.16 -23.57
CA ILE H 31 3.39 -44.80 -22.65
C ILE H 31 4.53 -45.83 -22.87
N ASN H 32 4.22 -47.11 -22.74
CA ASN H 32 5.23 -48.19 -22.95
C ASN H 32 5.90 -48.03 -24.32
N GLU H 33 5.13 -47.69 -25.36
CA GLU H 33 5.69 -47.50 -26.73
C GLU H 33 6.56 -46.25 -26.77
N PHE H 34 6.15 -45.20 -26.05
CA PHE H 34 6.94 -43.95 -26.02
C PHE H 34 8.31 -44.26 -25.37
N LEU H 35 8.31 -44.91 -24.21
CA LEU H 35 9.55 -45.24 -23.47
C LEU H 35 10.42 -46.16 -24.36
N ALA H 36 9.80 -47.17 -24.99
CA ALA H 36 10.49 -48.15 -25.85
C ALA H 36 11.09 -47.42 -27.05
N ALA H 37 10.42 -46.38 -27.54
CA ALA H 37 10.90 -45.58 -28.69
C ALA H 37 12.10 -44.72 -28.24
N ARG H 38 12.07 -44.23 -26.99
CA ARG H 38 13.20 -43.43 -26.48
C ARG H 38 14.44 -44.34 -26.39
N GLN H 39 14.31 -45.56 -25.90
CA GLN H 39 15.48 -46.47 -25.83
C GLN H 39 16.00 -46.72 -27.25
N ALA H 40 15.11 -47.07 -28.19
CA ALA H 40 15.47 -47.32 -29.61
C ALA H 40 16.25 -46.13 -30.18
N ALA H 41 16.01 -44.90 -29.71
CA ALA H 41 16.71 -43.71 -30.24
C ALA H 41 18.03 -43.48 -29.46
N GLY H 42 18.29 -44.29 -28.43
CA GLY H 42 19.57 -44.30 -27.70
C GLY H 42 19.52 -43.63 -26.33
N HIS H 43 18.33 -43.33 -25.81
CA HIS H 43 18.13 -42.76 -24.45
C HIS H 43 18.22 -43.90 -23.42
N GLY H 44 19.14 -43.82 -22.47
CA GLY H 44 19.25 -44.82 -21.39
C GLY H 44 18.55 -44.38 -20.13
N ASP H 45 17.22 -44.43 -20.09
CA ASP H 45 16.38 -43.78 -19.06
C ASP H 45 16.42 -44.59 -17.76
N ARG H 46 16.29 -43.92 -16.63
CA ARG H 46 16.10 -44.65 -15.36
C ARG H 46 14.62 -44.43 -15.04
N LEU H 47 13.84 -45.49 -14.98
CA LEU H 47 12.36 -45.45 -14.81
C LEU H 47 12.01 -45.64 -13.33
N THR H 48 11.23 -44.70 -12.79
CA THR H 48 10.38 -44.92 -11.61
C THR H 48 8.93 -44.84 -12.09
N GLU H 49 8.11 -45.83 -11.77
CA GLU H 49 6.79 -46.00 -12.41
C GLU H 49 5.76 -46.25 -11.30
N HIS H 50 4.65 -45.52 -11.34
CA HIS H 50 3.51 -45.72 -10.42
C HIS H 50 2.27 -46.01 -11.26
N ASP H 51 1.59 -47.11 -10.97
CA ASP H 51 0.21 -47.35 -11.46
C ASP H 51 -0.72 -46.78 -10.40
N LEU H 52 -1.09 -45.51 -10.56
CA LEU H 52 -1.88 -44.76 -9.54
C LEU H 52 -3.21 -45.45 -9.33
N SER H 53 -3.72 -46.23 -10.31
CA SER H 53 -5.02 -46.95 -10.21
C SER H 53 -4.93 -48.06 -9.16
N ALA H 54 -3.72 -48.54 -8.87
CA ALA H 54 -3.53 -49.66 -7.89
C ALA H 54 -3.16 -49.12 -6.49
N MET H 55 -2.82 -47.84 -6.33
CA MET H 55 -2.13 -47.31 -5.12
C MET H 55 -3.11 -46.84 -4.04
N ALA H 56 -4.42 -46.82 -4.30
CA ALA H 56 -5.44 -46.32 -3.37
C ALA H 56 -4.99 -45.01 -2.70
N LEU H 57 -4.46 -44.05 -3.47
CA LEU H 57 -4.00 -42.73 -2.93
C LEU H 57 -5.11 -42.12 -2.08
N PRO H 58 -4.74 -41.41 -1.00
CA PRO H 58 -5.72 -40.74 -0.14
C PRO H 58 -6.30 -39.51 -0.87
N THR H 59 -7.54 -39.19 -0.54
CA THR H 59 -8.30 -38.02 -1.07
C THR H 59 -7.97 -36.82 -0.19
N LEU H 60 -7.83 -35.64 -0.79
CA LEU H 60 -7.72 -34.38 -0.03
C LEU H 60 -9.01 -34.15 0.75
N ASP H 61 -8.86 -34.00 2.08
CA ASP H 61 -9.94 -33.70 3.03
C ASP H 61 -9.42 -32.61 4.00
N ARG H 62 -10.24 -32.15 4.93
CA ARG H 62 -9.89 -31.01 5.81
C ARG H 62 -8.64 -31.35 6.62
N PRO H 63 -8.54 -32.51 7.33
CA PRO H 63 -7.34 -32.83 8.10
C PRO H 63 -6.05 -32.90 7.27
N LEU H 64 -6.13 -33.55 6.10
CA LEU H 64 -4.93 -33.78 5.28
C LEU H 64 -4.46 -32.44 4.69
N PHE H 65 -5.39 -31.59 4.26
CA PHE H 65 -5.05 -30.21 3.82
C PHE H 65 -4.27 -29.51 4.94
N ALA H 66 -4.74 -29.58 6.18
CA ALA H 66 -4.08 -28.88 7.31
C ALA H 66 -2.68 -29.52 7.51
N ALA H 67 -2.56 -30.85 7.44
CA ALA H 67 -1.28 -31.58 7.63
C ALA H 67 -0.29 -31.23 6.52
N LEU H 68 -0.73 -31.14 5.26
CA LEU H 68 0.14 -30.75 4.12
C LEU H 68 0.54 -29.29 4.22
N ARG H 69 -0.11 -28.51 5.09
CA ARG H 69 0.28 -27.11 5.36
C ARG H 69 1.16 -27.05 6.62
N GLY H 70 1.50 -28.19 7.23
CA GLY H 70 2.49 -28.25 8.32
C GLY H 70 1.90 -28.65 9.66
N ALA H 71 0.61 -28.95 9.75
CA ALA H 71 -0.05 -29.31 11.02
C ALA H 71 0.31 -30.76 11.38
N VAL H 72 0.44 -31.04 12.67
CA VAL H 72 0.75 -32.39 13.23
C VAL H 72 -0.59 -32.99 13.61
N ASP H 73 -1.07 -33.93 12.80
CA ASP H 73 -2.39 -34.57 12.99
C ASP H 73 -2.17 -35.75 13.93
N PRO H 74 -2.92 -35.85 15.04
CA PRO H 74 -2.74 -37.00 15.92
C PRO H 74 -3.31 -38.30 15.33
N GLN H 75 -3.77 -38.29 14.08
CA GLN H 75 -4.21 -39.55 13.40
C GLN H 75 -3.07 -40.09 12.54
N PRO H 76 -2.68 -41.38 12.70
CA PRO H 76 -1.59 -41.94 11.91
C PRO H 76 -1.87 -41.94 10.40
N ALA H 77 -3.09 -42.30 9.97
CA ALA H 77 -3.47 -42.30 8.55
C ALA H 77 -3.06 -40.97 7.89
N ILE H 78 -3.32 -39.82 8.52
CA ILE H 78 -2.95 -38.50 7.93
C ILE H 78 -1.42 -38.32 7.97
N ARG H 79 -0.75 -38.75 9.05
CA ARG H 79 0.72 -38.54 9.11
C ARG H 79 1.37 -39.38 7.99
N GLU H 80 0.91 -40.62 7.74
CA GLU H 80 1.46 -41.46 6.63
C GLU H 80 1.15 -40.79 5.28
N ALA H 81 -0.04 -40.21 5.11
CA ALA H 81 -0.42 -39.48 3.88
C ALA H 81 0.55 -38.31 3.65
N VAL H 82 0.98 -37.60 4.69
CA VAL H 82 2.00 -36.53 4.55
C VAL H 82 3.32 -37.14 4.05
N ALA H 83 3.73 -38.27 4.63
CA ALA H 83 4.99 -38.98 4.28
C ALA H 83 4.93 -39.39 2.80
N LEU H 84 3.77 -39.93 2.37
CA LEU H 84 3.54 -40.30 0.96
C LEU H 84 3.72 -39.06 0.09
N SER H 85 3.10 -37.93 0.48
CA SER H 85 3.23 -36.64 -0.24
C SER H 85 4.70 -36.22 -0.37
N ASP H 86 5.47 -36.32 0.71
CA ASP H 86 6.93 -36.00 0.68
C ASP H 86 7.66 -36.98 -0.27
N GLN H 87 7.37 -38.27 -0.20
CA GLN H 87 7.94 -39.28 -1.13
C GLN H 87 7.66 -38.88 -2.60
N LEU H 88 6.40 -38.55 -2.93
CA LEU H 88 5.99 -38.27 -4.33
C LEU H 88 6.65 -36.98 -4.82
N ILE H 89 6.77 -35.95 -3.95
CA ILE H 89 7.43 -34.67 -4.30
C ILE H 89 8.93 -34.91 -4.50
N ALA H 90 9.55 -35.71 -3.63
CA ALA H 90 10.98 -36.07 -3.78
C ALA H 90 11.21 -36.74 -5.13
N GLU H 91 10.44 -37.77 -5.48
CA GLU H 91 10.47 -38.43 -6.82
C GLU H 91 10.34 -37.37 -7.91
N LEU H 92 9.37 -36.45 -7.82
CA LEU H 92 9.13 -35.47 -8.91
C LEU H 92 10.37 -34.60 -9.12
N LYS H 93 10.94 -34.08 -8.04
CA LYS H 93 12.11 -33.16 -8.06
C LYS H 93 13.40 -33.91 -8.48
N ALA H 94 13.52 -35.19 -8.15
CA ALA H 94 14.61 -36.06 -8.65
C ALA H 94 14.56 -36.20 -10.19
N SER H 95 13.40 -36.06 -10.83
CA SER H 95 13.21 -36.50 -12.23
C SER H 95 13.73 -35.44 -13.20
N ASP H 96 13.97 -35.83 -14.45
CA ASP H 96 14.23 -34.91 -15.57
C ASP H 96 13.02 -34.90 -16.50
N LEU H 97 12.33 -36.04 -16.60
CA LEU H 97 11.20 -36.22 -17.55
C LEU H 97 10.03 -36.85 -16.80
N LEU H 98 8.86 -36.20 -16.85
CA LEU H 98 7.62 -36.72 -16.23
C LEU H 98 6.70 -37.18 -17.37
N VAL H 99 6.28 -38.45 -17.30
CA VAL H 99 5.45 -39.08 -18.37
C VAL H 99 4.11 -39.45 -17.74
N ILE H 100 3.02 -38.88 -18.27
CA ILE H 100 1.72 -38.94 -17.57
C ILE H 100 0.65 -39.56 -18.48
N GLY H 101 -0.03 -40.57 -17.97
CA GLY H 101 -1.20 -41.17 -18.62
C GLY H 101 -2.42 -40.41 -18.17
N ALA H 102 -3.03 -39.69 -19.11
CA ALA H 102 -4.19 -38.84 -18.81
C ALA H 102 -5.27 -39.01 -19.89
N PRO H 103 -5.88 -40.21 -20.01
CA PRO H 103 -7.00 -40.38 -20.92
C PRO H 103 -8.15 -39.51 -20.38
N MET H 104 -9.02 -39.07 -21.29
CA MET H 104 -10.19 -38.26 -20.88
C MET H 104 -11.29 -39.18 -20.36
N TYR H 105 -11.62 -39.03 -19.09
CA TYR H 105 -12.78 -39.64 -18.40
C TYR H 105 -13.75 -38.53 -18.00
N ASN H 106 -14.90 -38.50 -18.65
CA ASN H 106 -15.95 -37.50 -18.31
C ASN H 106 -15.37 -36.08 -18.39
N LEU H 107 -14.68 -35.75 -19.48
CA LEU H 107 -14.17 -34.38 -19.75
C LEU H 107 -13.05 -33.97 -18.76
N ASN H 108 -12.58 -34.92 -17.96
CA ASN H 108 -11.51 -34.63 -16.99
C ASN H 108 -10.45 -35.73 -17.06
N VAL H 109 -9.44 -35.66 -16.19
CA VAL H 109 -8.43 -36.75 -16.08
C VAL H 109 -8.98 -37.83 -15.17
N PRO H 110 -8.37 -39.04 -15.16
CA PRO H 110 -8.86 -40.03 -14.23
C PRO H 110 -8.66 -39.59 -12.78
N THR H 111 -9.53 -40.05 -11.88
CA THR H 111 -9.57 -39.53 -10.49
C THR H 111 -8.24 -39.84 -9.80
N ASP H 112 -7.59 -40.97 -10.12
CA ASP H 112 -6.30 -41.35 -9.46
C ASP H 112 -5.18 -40.38 -9.87
N LEU H 113 -5.14 -39.86 -11.11
CA LEU H 113 -4.14 -38.85 -11.52
C LEU H 113 -4.40 -37.55 -10.75
N LYS H 114 -5.66 -37.12 -10.65
CA LYS H 114 -6.00 -35.88 -9.90
C LYS H 114 -5.56 -36.03 -8.43
N LYS H 115 -5.69 -37.23 -7.83
CA LYS H 115 -5.33 -37.47 -6.41
C LYS H 115 -3.82 -37.28 -6.24
N TRP H 116 -3.05 -37.65 -7.25
CA TRP H 116 -1.57 -37.49 -7.23
C TRP H 116 -1.29 -35.99 -7.22
N PHE H 117 -1.88 -35.23 -8.13
CA PHE H 117 -1.66 -33.76 -8.23
C PHE H 117 -2.01 -33.10 -6.90
N ASP H 118 -3.03 -33.60 -6.20
CA ASP H 118 -3.51 -33.00 -4.93
C ASP H 118 -2.50 -33.32 -3.82
N LEU H 119 -1.62 -34.30 -4.01
CA LEU H 119 -0.63 -34.68 -2.97
C LEU H 119 0.71 -33.99 -3.27
N VAL H 120 0.91 -33.50 -4.47
CA VAL H 120 2.24 -33.01 -4.92
C VAL H 120 2.21 -31.49 -5.11
N ALA H 121 1.06 -30.90 -5.44
CA ALA H 121 0.94 -29.45 -5.73
C ALA H 121 0.68 -28.77 -4.38
N ARG H 122 1.74 -28.28 -3.74
CA ARG H 122 1.81 -28.06 -2.27
C ARG H 122 2.66 -26.82 -1.93
N ALA H 123 2.08 -25.87 -1.19
CA ALA H 123 2.77 -24.60 -0.84
C ALA H 123 4.09 -24.92 -0.10
N ARG H 124 5.15 -24.23 -0.48
CA ARG H 124 6.52 -24.31 0.12
C ARG H 124 7.26 -25.54 -0.45
N GLU H 125 6.56 -26.52 -1.04
CA GLU H 125 7.20 -27.77 -1.51
C GLU H 125 7.43 -27.67 -3.02
N THR H 126 6.37 -27.46 -3.83
CA THR H 126 6.51 -27.36 -5.31
C THR H 126 6.12 -25.99 -5.85
N PHE H 127 5.55 -25.13 -5.02
CA PHE H 127 5.42 -23.71 -5.38
C PHE H 127 5.54 -22.87 -4.11
N ARG H 128 5.82 -21.58 -4.28
CA ARG H 128 5.77 -20.61 -3.15
C ARG H 128 4.96 -19.39 -3.54
N TYR H 129 4.18 -18.87 -2.60
CA TYR H 129 3.47 -17.59 -2.78
C TYR H 129 4.52 -16.48 -2.95
N THR H 130 4.18 -15.53 -3.80
CA THR H 130 5.02 -14.34 -4.03
C THR H 130 4.11 -13.12 -3.89
N GLU H 131 4.62 -11.91 -4.10
CA GLU H 131 3.79 -10.69 -4.03
C GLU H 131 2.90 -10.64 -5.27
N SER H 132 3.21 -11.48 -6.25
CA SER H 132 2.42 -11.50 -7.51
C SER H 132 1.95 -12.92 -7.81
N TRP H 133 2.44 -13.48 -8.92
CA TRP H 133 2.01 -14.83 -9.33
C TRP H 133 2.83 -15.88 -8.58
N PRO H 134 2.24 -17.05 -8.25
CA PRO H 134 2.99 -18.12 -7.59
C PRO H 134 4.25 -18.52 -8.38
N GLN H 135 5.29 -18.92 -7.66
CA GLN H 135 6.56 -19.32 -8.30
C GLN H 135 6.76 -20.84 -8.15
N GLY H 136 6.95 -21.54 -9.27
CA GLY H 136 7.19 -22.99 -9.21
C GLY H 136 8.56 -23.28 -8.63
N LEU H 137 8.68 -24.34 -7.84
CA LEU H 137 9.96 -24.75 -7.19
C LEU H 137 10.54 -26.00 -7.86
N VAL H 138 9.78 -26.68 -8.72
CA VAL H 138 10.29 -27.87 -9.46
C VAL H 138 11.09 -27.36 -10.67
N GLU H 139 12.40 -27.62 -10.67
CA GLU H 139 13.29 -27.12 -11.75
C GLU H 139 13.87 -28.31 -12.50
N GLY H 140 14.22 -28.08 -13.76
CA GLY H 140 14.85 -29.08 -14.64
C GLY H 140 13.92 -30.25 -14.93
N VAL H 141 12.60 -30.05 -14.85
CA VAL H 141 11.63 -31.14 -15.19
C VAL H 141 10.78 -30.74 -16.39
N ARG H 142 10.69 -31.62 -17.40
CA ARG H 142 9.84 -31.39 -18.58
C ARG H 142 8.81 -32.51 -18.60
N ALA H 143 7.71 -32.31 -19.32
CA ALA H 143 6.64 -33.33 -19.25
C ALA H 143 6.12 -33.80 -20.62
N VAL H 144 5.72 -35.05 -20.68
CA VAL H 144 5.04 -35.62 -21.88
C VAL H 144 3.76 -36.24 -21.36
N VAL H 145 2.64 -35.77 -21.89
CA VAL H 145 1.31 -36.28 -21.53
C VAL H 145 0.83 -37.16 -22.69
N VAL H 146 0.39 -38.37 -22.35
CA VAL H 146 -0.32 -39.26 -23.29
C VAL H 146 -1.80 -39.23 -22.94
N SER H 147 -2.60 -38.73 -23.90
CA SER H 147 -4.03 -38.49 -23.64
C SER H 147 -4.84 -39.00 -24.84
N SER H 148 -5.50 -40.12 -24.62
CA SER H 148 -6.45 -40.70 -25.59
C SER H 148 -7.87 -40.27 -25.20
N ARG H 149 -8.72 -40.19 -26.22
CA ARG H 149 -10.12 -39.72 -26.14
C ARG H 149 -10.97 -40.56 -27.09
N GLY H 150 -12.19 -40.83 -26.70
CA GLY H 150 -13.17 -41.51 -27.57
C GLY H 150 -13.65 -40.59 -28.67
N GLY H 151 -13.83 -39.31 -28.33
CA GLY H 151 -14.25 -38.24 -29.26
C GLY H 151 -13.08 -37.44 -29.77
N ILE H 152 -13.37 -36.36 -30.47
CA ILE H 152 -12.34 -35.45 -31.04
C ILE H 152 -12.44 -34.11 -30.32
N HIS H 153 -11.38 -33.68 -29.61
CA HIS H 153 -11.39 -32.49 -28.72
C HIS H 153 -10.18 -31.58 -28.91
N GLN H 154 -9.11 -32.03 -29.56
CA GLN H 154 -7.84 -31.26 -29.63
C GLN H 154 -8.17 -29.89 -30.24
N GLY H 155 -7.79 -28.80 -29.56
CA GLY H 155 -8.03 -27.43 -30.07
C GLY H 155 -9.46 -26.93 -29.85
N GLU H 156 -10.34 -27.72 -29.25
CA GLU H 156 -11.77 -27.35 -29.04
C GLU H 156 -11.96 -26.94 -27.58
N THR H 157 -13.06 -26.24 -27.26
CA THR H 157 -13.35 -25.81 -25.87
C THR H 157 -13.71 -27.01 -24.98
N THR H 158 -14.08 -28.15 -25.54
CA THR H 158 -14.39 -29.35 -24.73
C THR H 158 -13.11 -30.01 -24.19
N ASP H 159 -11.91 -29.67 -24.70
CA ASP H 159 -10.66 -30.22 -24.12
C ASP H 159 -10.25 -29.34 -22.92
N ALA H 160 -10.72 -29.69 -21.73
CA ALA H 160 -10.28 -29.05 -20.47
C ALA H 160 -9.10 -29.82 -19.88
N VAL H 161 -8.83 -31.05 -20.34
CA VAL H 161 -7.69 -31.89 -19.84
C VAL H 161 -6.39 -31.17 -20.15
N THR H 162 -6.22 -30.75 -21.40
CA THR H 162 -5.00 -30.09 -21.89
C THR H 162 -4.69 -28.85 -21.05
N PRO H 163 -5.58 -27.84 -20.95
CA PRO H 163 -5.26 -26.64 -20.15
C PRO H 163 -5.16 -26.93 -18.66
N TYR H 164 -5.91 -27.91 -18.14
CA TYR H 164 -5.77 -28.31 -16.73
C TYR H 164 -4.32 -28.71 -16.48
N LEU H 165 -3.81 -29.62 -17.31
CA LEU H 165 -2.47 -30.21 -17.06
C LEU H 165 -1.42 -29.14 -17.32
N ARG H 166 -1.59 -28.29 -18.32
CA ARG H 166 -0.63 -27.19 -18.55
C ARG H 166 -0.59 -26.25 -17.33
N ALA H 167 -1.73 -25.98 -16.72
CA ALA H 167 -1.82 -24.99 -15.61
C ALA H 167 -1.28 -25.61 -14.33
N VAL H 168 -1.58 -26.88 -14.03
CA VAL H 168 -1.16 -27.49 -12.74
C VAL H 168 0.34 -27.82 -12.83
N LEU H 169 0.82 -28.29 -13.97
CA LEU H 169 2.29 -28.49 -14.16
C LEU H 169 2.98 -27.13 -14.07
N GLY H 170 2.41 -26.12 -14.73
CA GLY H 170 2.91 -24.75 -14.84
C GLY H 170 3.08 -24.12 -13.45
N LEU H 171 2.09 -24.37 -12.58
CA LEU H 171 2.09 -23.90 -11.18
C LEU H 171 3.39 -24.35 -10.51
N MET H 172 3.82 -25.59 -10.76
CA MET H 172 4.94 -26.23 -10.02
C MET H 172 6.30 -25.86 -10.64
N GLY H 173 6.31 -25.16 -11.75
CA GLY H 173 7.50 -24.71 -12.50
C GLY H 173 7.77 -25.56 -13.73
N ILE H 174 6.86 -26.45 -14.12
CA ILE H 174 7.04 -27.30 -15.33
C ILE H 174 6.33 -26.62 -16.52
N GLN H 175 7.13 -25.90 -17.29
CA GLN H 175 6.70 -25.03 -18.41
C GLN H 175 6.69 -25.81 -19.71
N GLU H 176 7.57 -26.81 -19.91
CA GLU H 176 7.50 -27.52 -21.21
C GLU H 176 6.72 -28.83 -21.02
N VAL H 177 5.62 -28.89 -21.78
CA VAL H 177 4.62 -29.99 -21.75
C VAL H 177 4.28 -30.29 -23.19
N GLU H 178 4.68 -31.48 -23.62
CA GLU H 178 4.37 -32.04 -24.95
C GLU H 178 3.20 -33.00 -24.77
N PHE H 179 2.29 -33.04 -25.74
CA PHE H 179 1.13 -33.94 -25.63
C PHE H 179 1.20 -34.97 -26.76
N ILE H 180 0.83 -36.20 -26.43
CA ILE H 180 0.54 -37.26 -27.44
C ILE H 180 -0.95 -37.54 -27.38
N TYR H 181 -1.66 -37.25 -28.45
CA TYR H 181 -3.13 -37.43 -28.53
C TYR H 181 -3.44 -38.64 -29.43
N ALA H 182 -4.35 -39.48 -28.94
CA ALA H 182 -5.10 -40.51 -29.70
C ALA H 182 -6.59 -40.21 -29.60
N GLU H 183 -7.17 -39.59 -30.63
CA GLU H 183 -8.57 -39.13 -30.61
C GLU H 183 -9.43 -39.90 -31.61
N GLY H 184 -10.74 -39.77 -31.42
CA GLY H 184 -11.77 -40.31 -32.31
C GLY H 184 -11.79 -41.83 -32.21
N LEU H 185 -11.34 -42.38 -31.09
CA LEU H 185 -11.21 -43.85 -30.94
C LEU H 185 -12.59 -44.53 -30.88
N ASP H 186 -13.66 -43.79 -30.59
CA ASP H 186 -14.99 -44.40 -30.46
C ASP H 186 -15.56 -44.68 -31.86
N ASN H 187 -14.97 -44.08 -32.89
CA ASN H 187 -15.43 -44.27 -34.30
C ASN H 187 -14.73 -45.52 -34.85
N ARG H 188 -15.40 -46.66 -34.88
CA ARG H 188 -14.68 -47.90 -35.30
C ARG H 188 -15.08 -48.32 -36.74
N PRO H 189 -14.18 -49.01 -37.47
CA PRO H 189 -12.86 -49.34 -36.95
C PRO H 189 -11.79 -48.33 -37.38
N HIS H 190 -12.15 -47.47 -38.33
CA HIS H 190 -11.15 -46.52 -38.88
C HIS H 190 -10.71 -45.51 -37.82
N GLY H 191 -11.61 -45.10 -36.94
CA GLY H 191 -11.28 -44.06 -35.94
C GLY H 191 -10.18 -44.49 -34.99
N ARG H 192 -10.34 -45.64 -34.35
CA ARG H 192 -9.31 -46.12 -33.39
C ARG H 192 -7.97 -46.27 -34.11
N ASP H 193 -7.99 -46.94 -35.27
CA ASP H 193 -6.75 -47.18 -36.02
C ASP H 193 -6.10 -45.84 -36.41
N ALA H 194 -6.89 -44.92 -36.95
CA ALA H 194 -6.32 -43.62 -37.36
C ALA H 194 -5.80 -42.86 -36.12
N GLY H 195 -6.50 -42.91 -34.99
CA GLY H 195 -6.06 -42.19 -33.77
C GLY H 195 -4.78 -42.79 -33.19
N ILE H 196 -4.69 -44.11 -33.13
CA ILE H 196 -3.46 -44.82 -32.66
C ILE H 196 -2.32 -44.51 -33.63
N ALA H 197 -2.55 -44.53 -34.95
CA ALA H 197 -1.51 -44.22 -35.95
C ALA H 197 -1.02 -42.79 -35.72
N SER H 198 -1.94 -41.86 -35.47
CA SER H 198 -1.54 -40.45 -35.21
C SER H 198 -0.66 -40.40 -33.96
N ALA H 199 -1.05 -41.10 -32.92
CA ALA H 199 -0.31 -41.11 -31.64
C ALA H 199 1.10 -41.66 -31.91
N ARG H 200 1.19 -42.72 -32.72
CA ARG H 200 2.50 -43.37 -32.97
C ARG H 200 3.40 -42.43 -33.76
N ALA H 201 2.90 -41.68 -34.74
CA ALA H 201 3.67 -40.66 -35.47
C ALA H 201 4.19 -39.59 -34.50
N GLN H 202 3.33 -39.14 -33.55
CA GLN H 202 3.67 -38.13 -32.51
C GLN H 202 4.73 -38.73 -31.59
N ILE H 203 4.57 -39.99 -31.15
CA ILE H 203 5.58 -40.73 -30.34
C ILE H 203 6.95 -40.69 -31.05
N ALA H 204 6.99 -40.94 -32.36
CA ALA H 204 8.26 -41.05 -33.13
C ALA H 204 8.92 -39.68 -33.21
N ARG H 205 8.14 -38.63 -33.50
CA ARG H 205 8.67 -37.25 -33.58
C ARG H 205 9.30 -36.86 -32.24
N LEU H 206 8.69 -37.23 -31.12
CA LEU H 206 9.16 -36.85 -29.76
C LEU H 206 10.39 -37.67 -29.35
N ALA H 207 10.40 -38.97 -29.63
CA ALA H 207 11.37 -39.93 -29.04
C ALA H 207 12.77 -39.68 -29.61
N VAL H 208 12.86 -39.11 -30.81
CA VAL H 208 14.14 -38.89 -31.54
C VAL H 208 14.80 -37.57 -31.10
N GLN H 209 14.16 -36.79 -30.22
CA GLN H 209 14.78 -35.53 -29.73
C GLN H 209 15.83 -35.91 -28.69
#